data_1X4L
#
_entry.id   1X4L
#
loop_
_entity.id
_entity.type
_entity.pdbx_description
1 polymer 'Skeletal muscle LIM-protein 3'
2 non-polymer 'ZINC ION'
#
_entity_poly.entity_id   1
_entity_poly.type   'polypeptide(L)'
_entity_poly.pdbx_seq_one_letter_code
;GSSGSSGCAGCTNPISGLGGTKYISFEERQWHNDCFNCKKCSLSLVGRGFLTERDDILCPDCGKDISGPSSG
;
_entity_poly.pdbx_strand_id   A
#
# COMPACT_ATOMS: atom_id res chain seq x y z
N GLY A 1 -7.92 16.71 -15.80
CA GLY A 1 -8.73 15.60 -16.29
C GLY A 1 -8.79 14.44 -15.32
N SER A 2 -9.60 14.58 -14.28
CA SER A 2 -9.75 13.54 -13.27
C SER A 2 -11.21 13.32 -12.91
N SER A 3 -11.54 12.08 -12.56
CA SER A 3 -12.92 11.74 -12.19
C SER A 3 -13.12 11.84 -10.69
N GLY A 4 -12.26 11.19 -9.92
CA GLY A 4 -12.36 11.23 -8.48
C GLY A 4 -11.07 10.84 -7.79
N SER A 5 -10.84 11.39 -6.60
CA SER A 5 -9.63 11.12 -5.84
C SER A 5 -9.90 10.05 -4.78
N SER A 6 -10.71 9.06 -5.13
CA SER A 6 -11.04 7.98 -4.21
C SER A 6 -10.88 6.62 -4.88
N GLY A 7 -9.92 5.84 -4.41
CA GLY A 7 -9.67 4.52 -4.98
C GLY A 7 -8.30 3.98 -4.63
N CYS A 8 -7.36 4.11 -5.56
CA CYS A 8 -6.00 3.64 -5.34
C CYS A 8 -5.15 4.71 -4.66
N ALA A 9 -4.57 4.35 -3.52
CA ALA A 9 -3.73 5.26 -2.76
C ALA A 9 -2.32 5.30 -3.32
N GLY A 10 -2.21 5.51 -4.63
CA GLY A 10 -0.91 5.56 -5.27
C GLY A 10 -0.89 6.46 -6.49
N CYS A 11 -1.64 6.08 -7.52
CA CYS A 11 -1.71 6.86 -8.74
C CYS A 11 -2.84 7.88 -8.68
N THR A 12 -3.18 8.29 -7.46
CA THR A 12 -4.24 9.28 -7.26
C THR A 12 -5.36 9.10 -8.27
N ASN A 13 -5.80 7.85 -8.44
CA ASN A 13 -6.86 7.55 -9.40
C ASN A 13 -7.76 6.44 -8.85
N PRO A 14 -9.01 6.39 -9.35
CA PRO A 14 -9.99 5.38 -8.94
C PRO A 14 -9.62 3.98 -9.45
N ILE A 15 -10.03 2.97 -8.70
CA ILE A 15 -9.76 1.58 -9.08
C ILE A 15 -10.95 0.96 -9.81
N SER A 16 -10.66 0.09 -10.76
CA SER A 16 -11.70 -0.57 -11.54
C SER A 16 -12.93 -0.83 -10.68
N GLY A 17 -12.75 -1.62 -9.62
CA GLY A 17 -13.85 -1.94 -8.73
C GLY A 17 -15.12 -2.27 -9.48
N LEU A 18 -15.03 -3.23 -10.40
CA LEU A 18 -16.19 -3.64 -11.19
C LEU A 18 -16.76 -4.96 -10.68
N GLY A 19 -15.92 -6.00 -10.69
CA GLY A 19 -16.36 -7.31 -10.22
C GLY A 19 -15.26 -8.34 -10.28
N GLY A 20 -14.21 -8.15 -9.50
CA GLY A 20 -13.10 -9.08 -9.49
C GLY A 20 -11.87 -8.53 -10.18
N THR A 21 -11.23 -7.55 -9.57
CA THR A 21 -10.05 -6.93 -10.14
C THR A 21 -8.80 -7.32 -9.36
N LYS A 22 -7.68 -7.45 -10.06
CA LYS A 22 -6.41 -7.81 -9.43
C LYS A 22 -5.78 -6.61 -8.75
N TYR A 23 -6.54 -5.98 -7.86
CA TYR A 23 -6.04 -4.80 -7.14
C TYR A 23 -5.81 -5.13 -5.67
N ILE A 24 -5.04 -4.28 -4.99
CA ILE A 24 -4.74 -4.48 -3.58
C ILE A 24 -5.74 -3.74 -2.70
N SER A 25 -6.32 -4.47 -1.75
CA SER A 25 -7.30 -3.89 -0.83
C SER A 25 -6.86 -4.06 0.62
N PHE A 26 -6.76 -2.94 1.33
CA PHE A 26 -6.35 -2.96 2.73
C PHE A 26 -7.52 -2.58 3.64
N GLU A 27 -7.32 -2.77 4.94
CA GLU A 27 -8.34 -2.44 5.92
C GLU A 27 -9.15 -1.23 5.48
N GLU A 28 -8.47 -0.16 5.11
CA GLU A 28 -9.13 1.06 4.66
C GLU A 28 -8.51 1.57 3.36
N ARG A 29 -7.18 1.57 3.30
CA ARG A 29 -6.46 2.02 2.12
C ARG A 29 -6.50 0.97 1.01
N GLN A 30 -6.06 1.35 -0.18
CA GLN A 30 -6.04 0.44 -1.31
C GLN A 30 -4.98 0.85 -2.33
N TRP A 31 -4.72 -0.02 -3.30
CA TRP A 31 -3.73 0.26 -4.33
C TRP A 31 -3.93 -0.66 -5.54
N HIS A 32 -3.03 -0.54 -6.51
CA HIS A 32 -3.11 -1.37 -7.72
C HIS A 32 -2.04 -2.46 -7.70
N ASN A 33 -2.19 -3.44 -8.58
CA ASN A 33 -1.24 -4.54 -8.66
C ASN A 33 0.16 -4.02 -8.97
N ASP A 34 0.24 -2.79 -9.45
CA ASP A 34 1.53 -2.18 -9.77
C ASP A 34 1.85 -1.04 -8.80
N CYS A 35 0.91 -0.11 -8.63
CA CYS A 35 1.11 1.01 -7.72
C CYS A 35 1.53 0.53 -6.34
N PHE A 36 0.94 -0.57 -5.90
CA PHE A 36 1.26 -1.14 -4.58
C PHE A 36 2.75 -1.44 -4.47
N ASN A 37 3.51 -0.45 -4.01
CA ASN A 37 4.95 -0.60 -3.85
C ASN A 37 5.44 0.12 -2.60
N CYS A 38 6.51 -0.39 -2.00
CA CYS A 38 7.08 0.20 -0.80
C CYS A 38 7.14 1.72 -0.92
N LYS A 39 7.38 2.39 0.20
CA LYS A 39 7.46 3.86 0.22
C LYS A 39 8.90 4.31 0.36
N LYS A 40 9.82 3.36 0.53
CA LYS A 40 11.23 3.66 0.66
C LYS A 40 12.02 3.14 -0.53
N CYS A 41 11.74 1.91 -0.92
CA CYS A 41 12.43 1.29 -2.06
C CYS A 41 11.46 1.05 -3.22
N SER A 42 10.22 1.51 -3.05
CA SER A 42 9.20 1.34 -4.07
C SER A 42 9.26 -0.06 -4.69
N LEU A 43 9.42 -1.06 -3.84
CA LEU A 43 9.51 -2.44 -4.29
C LEU A 43 8.13 -3.06 -4.41
N SER A 44 8.00 -4.10 -5.24
CA SER A 44 6.74 -4.78 -5.45
C SER A 44 6.24 -5.41 -4.14
N LEU A 45 5.11 -4.93 -3.65
CA LEU A 45 4.53 -5.45 -2.41
C LEU A 45 3.36 -6.38 -2.71
N VAL A 46 2.80 -6.26 -3.92
CA VAL A 46 1.68 -7.09 -4.32
C VAL A 46 2.00 -8.57 -4.18
N GLY A 47 1.31 -9.23 -3.26
CA GLY A 47 1.53 -10.65 -3.04
C GLY A 47 2.64 -10.91 -2.03
N ARG A 48 2.85 -9.96 -1.13
CA ARG A 48 3.88 -10.09 -0.12
C ARG A 48 3.35 -9.69 1.26
N GLY A 49 4.23 -9.70 2.26
CA GLY A 49 3.83 -9.34 3.61
C GLY A 49 4.15 -7.89 3.93
N PHE A 50 3.75 -6.99 3.05
CA PHE A 50 4.00 -5.56 3.24
C PHE A 50 3.59 -5.13 4.66
N LEU A 51 4.05 -3.96 5.06
CA LEU A 51 3.74 -3.42 6.38
C LEU A 51 2.84 -2.20 6.29
N THR A 52 2.59 -1.57 7.43
CA THR A 52 1.74 -0.38 7.48
C THR A 52 2.37 0.71 8.34
N GLU A 53 2.99 1.68 7.69
CA GLU A 53 3.63 2.79 8.41
C GLU A 53 2.60 3.80 8.87
N ARG A 54 3.04 4.74 9.71
CA ARG A 54 2.15 5.76 10.24
C ARG A 54 1.13 6.20 9.18
N ASP A 55 1.61 6.91 8.16
CA ASP A 55 0.75 7.38 7.09
C ASP A 55 1.26 6.90 5.73
N ASP A 56 1.96 5.77 5.74
CA ASP A 56 2.50 5.21 4.50
C ASP A 56 2.75 3.72 4.66
N ILE A 57 3.06 3.06 3.55
CA ILE A 57 3.33 1.62 3.56
C ILE A 57 4.81 1.34 3.30
N LEU A 58 5.24 0.13 3.63
CA LEU A 58 6.63 -0.28 3.42
C LEU A 58 6.74 -1.79 3.27
N CYS A 59 7.94 -2.26 2.95
CA CYS A 59 8.18 -3.69 2.76
C CYS A 59 8.96 -4.26 3.95
N PRO A 60 8.85 -5.59 4.14
CA PRO A 60 9.54 -6.28 5.23
C PRO A 60 11.01 -5.90 5.34
N ASP A 61 11.66 -5.75 4.19
CA ASP A 61 13.07 -5.37 4.16
C ASP A 61 13.29 -4.03 4.85
N CYS A 62 12.56 -3.02 4.42
CA CYS A 62 12.67 -1.69 4.99
C CYS A 62 12.11 -1.64 6.41
N GLY A 63 10.83 -2.01 6.54
CA GLY A 63 10.19 -2.01 7.84
C GLY A 63 11.04 -2.69 8.91
N LYS A 64 11.73 -3.77 8.51
CA LYS A 64 12.59 -4.51 9.43
C LYS A 64 13.80 -3.68 9.82
N ASP A 65 14.35 -2.94 8.86
CA ASP A 65 15.53 -2.11 9.11
C ASP A 65 15.16 -0.63 9.02
N ILE A 66 14.15 -0.23 9.77
CA ILE A 66 13.70 1.17 9.77
C ILE A 66 14.63 2.03 10.63
N SER A 67 15.28 2.99 9.98
CA SER A 67 16.20 3.88 10.69
C SER A 67 15.57 4.40 11.98
N GLY A 68 14.30 4.75 11.92
CA GLY A 68 13.60 5.24 13.10
C GLY A 68 14.12 6.59 13.55
N PRO A 69 13.69 7.01 14.74
CA PRO A 69 14.11 8.30 15.33
C PRO A 69 15.58 8.30 15.74
N SER A 70 16.00 9.38 16.39
CA SER A 70 17.38 9.51 16.85
C SER A 70 17.73 8.41 17.85
N SER A 71 18.23 7.29 17.34
CA SER A 71 18.60 6.16 18.19
C SER A 71 19.94 5.57 17.77
N GLY A 72 20.42 4.58 18.52
CA GLY A 72 21.68 3.96 18.20
C GLY A 72 21.88 3.78 16.71
N GLY A 1 -23.84 15.29 -1.23
CA GLY A 1 -22.56 15.36 -0.54
C GLY A 1 -22.52 14.47 0.68
N SER A 2 -22.16 13.21 0.46
CA SER A 2 -22.08 12.24 1.56
C SER A 2 -20.69 11.60 1.62
N SER A 3 -20.27 11.02 0.50
CA SER A 3 -18.97 10.37 0.43
C SER A 3 -18.12 10.97 -0.69
N GLY A 4 -16.83 10.66 -0.68
CA GLY A 4 -15.94 11.18 -1.70
C GLY A 4 -15.21 10.08 -2.45
N SER A 5 -14.32 10.47 -3.37
CA SER A 5 -13.57 9.51 -4.16
C SER A 5 -12.54 8.79 -3.30
N SER A 6 -12.30 7.52 -3.62
CA SER A 6 -11.34 6.71 -2.88
C SER A 6 -11.01 5.43 -3.65
N GLY A 7 -9.74 5.04 -3.60
CA GLY A 7 -9.31 3.84 -4.29
C GLY A 7 -7.84 3.51 -4.04
N CYS A 8 -7.04 3.53 -5.10
CA CYS A 8 -5.63 3.23 -4.99
C CYS A 8 -4.85 4.46 -4.53
N ALA A 9 -4.55 4.51 -3.24
CA ALA A 9 -3.81 5.64 -2.67
C ALA A 9 -2.66 6.05 -3.59
N GLY A 10 -2.03 5.07 -4.22
CA GLY A 10 -0.92 5.35 -5.10
C GLY A 10 -1.25 6.44 -6.11
N CYS A 11 -2.11 6.13 -7.06
CA CYS A 11 -2.51 7.09 -8.09
C CYS A 11 -3.82 7.77 -7.71
N THR A 12 -4.15 7.74 -6.42
CA THR A 12 -5.38 8.36 -5.94
C THR A 12 -6.49 8.28 -6.98
N ASN A 13 -6.77 7.07 -7.44
CA ASN A 13 -7.82 6.86 -8.45
C ASN A 13 -8.88 5.89 -7.93
N PRO A 14 -10.11 6.04 -8.46
CA PRO A 14 -11.24 5.19 -8.08
C PRO A 14 -11.08 3.75 -8.57
N ILE A 15 -10.72 2.85 -7.66
CA ILE A 15 -10.54 1.45 -8.00
C ILE A 15 -11.87 0.79 -8.38
N SER A 16 -12.28 0.96 -9.63
CA SER A 16 -13.53 0.39 -10.11
C SER A 16 -13.50 0.18 -11.61
N GLY A 17 -13.35 -1.07 -12.03
CA GLY A 17 -13.30 -1.39 -13.45
C GLY A 17 -14.36 -2.38 -13.85
N LEU A 18 -14.10 -3.12 -14.93
CA LEU A 18 -15.04 -4.11 -15.43
C LEU A 18 -15.78 -4.79 -14.28
N GLY A 19 -15.01 -5.35 -13.34
CA GLY A 19 -15.61 -6.02 -12.20
C GLY A 19 -14.89 -7.30 -11.84
N GLY A 20 -13.67 -7.18 -11.33
CA GLY A 20 -12.89 -8.35 -10.97
C GLY A 20 -11.40 -8.10 -11.03
N THR A 21 -10.98 -6.91 -10.62
CA THR A 21 -9.57 -6.54 -10.64
C THR A 21 -8.85 -7.05 -9.39
N LYS A 22 -7.60 -7.48 -9.56
CA LYS A 22 -6.81 -7.99 -8.45
C LYS A 22 -6.20 -6.84 -7.65
N TYR A 23 -6.79 -5.66 -7.78
CA TYR A 23 -6.30 -4.48 -7.06
C TYR A 23 -6.08 -4.79 -5.59
N ILE A 24 -5.10 -4.11 -4.99
CA ILE A 24 -4.78 -4.31 -3.58
C ILE A 24 -5.80 -3.64 -2.69
N SER A 25 -6.42 -4.42 -1.81
CA SER A 25 -7.43 -3.89 -0.89
C SER A 25 -7.01 -4.11 0.56
N PHE A 26 -6.80 -3.03 1.29
CA PHE A 26 -6.40 -3.09 2.68
C PHE A 26 -7.52 -2.62 3.61
N GLU A 27 -7.30 -2.74 4.91
CA GLU A 27 -8.29 -2.32 5.89
C GLU A 27 -9.13 -1.17 5.36
N GLU A 28 -8.49 -0.02 5.14
CA GLU A 28 -9.18 1.16 4.64
C GLU A 28 -8.53 1.66 3.34
N ARG A 29 -7.21 1.56 3.27
CA ARG A 29 -6.47 1.99 2.09
C ARG A 29 -6.46 0.91 1.02
N GLN A 30 -6.02 1.27 -0.17
CA GLN A 30 -5.96 0.33 -1.29
C GLN A 30 -4.94 0.77 -2.33
N TRP A 31 -4.59 -0.13 -3.23
CA TRP A 31 -3.62 0.17 -4.28
C TRP A 31 -3.83 -0.74 -5.49
N HIS A 32 -2.94 -0.62 -6.48
CA HIS A 32 -3.03 -1.43 -7.68
C HIS A 32 -1.92 -2.47 -7.71
N ASN A 33 -2.08 -3.48 -8.56
CA ASN A 33 -1.10 -4.55 -8.68
C ASN A 33 0.28 -3.98 -9.01
N ASP A 34 0.30 -2.80 -9.61
CA ASP A 34 1.55 -2.13 -9.98
C ASP A 34 1.86 -1.00 -9.02
N CYS A 35 0.88 -0.13 -8.80
CA CYS A 35 1.05 1.01 -7.90
C CYS A 35 1.52 0.55 -6.52
N PHE A 36 0.89 -0.49 -6.00
CA PHE A 36 1.24 -1.04 -4.69
C PHE A 36 2.74 -1.31 -4.60
N ASN A 37 3.48 -0.33 -4.08
CA ASN A 37 4.93 -0.47 -3.95
C ASN A 37 5.43 0.25 -2.70
N CYS A 38 6.51 -0.26 -2.12
CA CYS A 38 7.08 0.34 -0.93
C CYS A 38 7.17 1.86 -1.06
N LYS A 39 7.44 2.52 0.06
CA LYS A 39 7.54 3.98 0.07
C LYS A 39 9.00 4.42 0.19
N LYS A 40 9.85 3.51 0.62
CA LYS A 40 11.27 3.80 0.77
C LYS A 40 12.06 3.34 -0.46
N CYS A 41 11.99 2.03 -0.73
CA CYS A 41 12.69 1.47 -1.88
C CYS A 41 11.78 1.37 -3.09
N SER A 42 10.47 1.51 -2.85
CA SER A 42 9.49 1.44 -3.92
C SER A 42 9.56 0.10 -4.64
N LEU A 43 9.44 -0.99 -3.87
CA LEU A 43 9.49 -2.34 -4.43
C LEU A 43 8.09 -2.94 -4.50
N SER A 44 7.89 -3.83 -5.47
CA SER A 44 6.60 -4.49 -5.65
C SER A 44 6.16 -5.18 -4.36
N LEU A 45 5.04 -4.74 -3.81
CA LEU A 45 4.52 -5.33 -2.58
C LEU A 45 3.37 -6.29 -2.89
N VAL A 46 2.63 -6.00 -3.96
CA VAL A 46 1.51 -6.84 -4.36
C VAL A 46 1.87 -8.32 -4.25
N GLY A 47 1.28 -9.00 -3.27
CA GLY A 47 1.55 -10.42 -3.08
C GLY A 47 2.69 -10.67 -2.12
N ARG A 48 2.85 -9.78 -1.14
CA ARG A 48 3.91 -9.90 -0.16
C ARG A 48 3.43 -9.47 1.22
N GLY A 49 4.31 -9.58 2.21
CA GLY A 49 3.96 -9.20 3.57
C GLY A 49 4.28 -7.75 3.87
N PHE A 50 3.69 -6.84 3.10
CA PHE A 50 3.93 -5.42 3.28
C PHE A 50 3.48 -4.96 4.66
N LEU A 51 4.13 -3.92 5.19
CA LEU A 51 3.79 -3.40 6.50
C LEU A 51 2.91 -2.16 6.38
N THR A 52 2.62 -1.53 7.51
CA THR A 52 1.79 -0.33 7.53
C THR A 52 2.42 0.76 8.39
N GLU A 53 3.07 1.72 7.74
CA GLU A 53 3.72 2.82 8.44
C GLU A 53 2.70 3.86 8.86
N ARG A 54 3.13 4.81 9.69
CA ARG A 54 2.26 5.86 10.19
C ARG A 54 1.23 6.25 9.12
N ASP A 55 1.69 6.93 8.07
CA ASP A 55 0.81 7.36 6.99
C ASP A 55 1.33 6.87 5.65
N ASP A 56 2.03 5.73 5.67
CA ASP A 56 2.59 5.16 4.44
C ASP A 56 2.84 3.66 4.61
N ILE A 57 3.12 2.98 3.50
CA ILE A 57 3.38 1.56 3.54
C ILE A 57 4.85 1.26 3.20
N LEU A 58 5.33 0.11 3.65
CA LEU A 58 6.71 -0.29 3.40
C LEU A 58 6.82 -1.81 3.27
N CYS A 59 7.99 -2.27 2.83
CA CYS A 59 8.22 -3.71 2.68
C CYS A 59 9.01 -4.25 3.86
N PRO A 60 8.92 -5.58 4.07
CA PRO A 60 9.61 -6.27 5.16
C PRO A 60 11.08 -5.87 5.25
N ASP A 61 11.73 -5.73 4.09
CA ASP A 61 13.13 -5.35 4.04
C ASP A 61 13.35 -4.00 4.69
N CYS A 62 12.44 -3.06 4.44
CA CYS A 62 12.53 -1.72 5.00
C CYS A 62 11.95 -1.68 6.41
N GLY A 63 10.69 -2.05 6.53
CA GLY A 63 10.03 -2.05 7.83
C GLY A 63 10.89 -2.69 8.91
N LYS A 64 11.63 -3.72 8.53
CA LYS A 64 12.49 -4.43 9.47
C LYS A 64 13.74 -3.61 9.79
N ASP A 65 14.18 -2.81 8.83
CA ASP A 65 15.35 -1.96 9.02
C ASP A 65 14.97 -0.49 9.07
N ILE A 66 13.97 -0.18 9.88
CA ILE A 66 13.50 1.19 10.03
C ILE A 66 14.30 1.94 11.09
N SER A 67 15.03 2.97 10.68
CA SER A 67 15.83 3.76 11.60
C SER A 67 16.75 2.86 12.43
N GLY A 68 17.37 1.89 11.77
CA GLY A 68 18.26 0.98 12.45
C GLY A 68 18.38 -0.36 11.76
N PRO A 69 19.60 -0.92 11.75
CA PRO A 69 19.88 -2.21 11.12
C PRO A 69 19.23 -3.37 11.85
N SER A 70 19.53 -4.59 11.41
CA SER A 70 18.98 -5.79 12.03
C SER A 70 20.08 -6.81 12.33
N SER A 71 19.87 -7.60 13.37
CA SER A 71 20.85 -8.61 13.77
C SER A 71 20.84 -9.79 12.79
N GLY A 72 19.66 -10.39 12.60
CA GLY A 72 19.54 -11.51 11.69
C GLY A 72 19.53 -11.08 10.23
N GLY A 1 -22.55 16.06 -13.78
CA GLY A 1 -21.21 15.81 -14.29
C GLY A 1 -20.31 15.17 -13.25
N SER A 2 -19.90 13.94 -13.50
CA SER A 2 -19.03 13.22 -12.57
C SER A 2 -18.02 14.17 -11.93
N SER A 3 -17.62 13.85 -10.70
CA SER A 3 -16.66 14.67 -9.98
C SER A 3 -15.39 13.88 -9.66
N GLY A 4 -15.57 12.65 -9.19
CA GLY A 4 -14.44 11.81 -8.86
C GLY A 4 -14.56 11.18 -7.49
N SER A 5 -13.96 10.00 -7.32
CA SER A 5 -14.01 9.30 -6.05
C SER A 5 -12.70 8.57 -5.78
N SER A 6 -12.25 8.62 -4.53
CA SER A 6 -11.01 7.97 -4.14
C SER A 6 -11.02 6.49 -4.52
N GLY A 7 -9.85 5.87 -4.50
CA GLY A 7 -9.74 4.46 -4.85
C GLY A 7 -8.37 3.90 -4.57
N CYS A 8 -7.45 4.09 -5.50
CA CYS A 8 -6.08 3.59 -5.36
C CYS A 8 -5.19 4.64 -4.71
N ALA A 9 -4.53 4.25 -3.63
CA ALA A 9 -3.64 5.16 -2.91
C ALA A 9 -2.26 5.21 -3.57
N GLY A 10 -2.23 5.44 -4.87
CA GLY A 10 -0.98 5.49 -5.59
C GLY A 10 -1.03 6.42 -6.79
N CYS A 11 -1.83 6.04 -7.78
CA CYS A 11 -1.98 6.85 -8.99
C CYS A 11 -3.09 7.88 -8.83
N THR A 12 -3.36 8.27 -7.59
CA THR A 12 -4.40 9.24 -7.30
C THR A 12 -5.60 9.05 -8.21
N ASN A 13 -5.90 7.80 -8.54
CA ASN A 13 -7.03 7.47 -9.40
C ASN A 13 -7.88 6.36 -8.80
N PRO A 14 -9.13 6.26 -9.26
CA PRO A 14 -10.07 5.24 -8.79
C PRO A 14 -9.69 3.84 -9.24
N ILE A 15 -10.20 2.82 -8.54
CA ILE A 15 -9.91 1.44 -8.87
C ILE A 15 -11.13 0.75 -9.46
N SER A 16 -11.23 0.74 -10.78
CA SER A 16 -12.35 0.11 -11.46
C SER A 16 -12.15 0.12 -12.98
N GLY A 17 -12.68 -0.89 -13.65
CA GLY A 17 -12.54 -0.98 -15.09
C GLY A 17 -13.68 -1.75 -15.74
N LEU A 18 -13.38 -2.43 -16.84
CA LEU A 18 -14.39 -3.21 -17.55
C LEU A 18 -14.55 -4.58 -16.92
N GLY A 19 -14.65 -4.62 -15.61
CA GLY A 19 -14.81 -5.88 -14.90
C GLY A 19 -14.07 -5.91 -13.58
N GLY A 20 -13.66 -7.10 -13.15
CA GLY A 20 -12.95 -7.23 -11.89
C GLY A 20 -11.47 -6.95 -12.03
N THR A 21 -10.77 -6.88 -10.90
CA THR A 21 -9.34 -6.62 -10.91
C THR A 21 -8.68 -7.16 -9.65
N LYS A 22 -7.39 -7.47 -9.75
CA LYS A 22 -6.64 -7.99 -8.62
C LYS A 22 -6.01 -6.87 -7.80
N TYR A 23 -6.65 -5.70 -7.82
CA TYR A 23 -6.16 -4.54 -7.08
C TYR A 23 -5.97 -4.88 -5.61
N ILE A 24 -5.03 -4.19 -4.97
CA ILE A 24 -4.75 -4.41 -3.56
C ILE A 24 -5.76 -3.68 -2.68
N SER A 25 -6.37 -4.41 -1.76
CA SER A 25 -7.36 -3.84 -0.85
C SER A 25 -6.94 -4.02 0.61
N PHE A 26 -6.83 -2.91 1.32
CA PHE A 26 -6.43 -2.95 2.73
C PHE A 26 -7.59 -2.54 3.63
N GLU A 27 -7.40 -2.70 4.94
CA GLU A 27 -8.43 -2.35 5.91
C GLU A 27 -9.25 -1.15 5.42
N GLU A 28 -8.55 -0.08 5.04
CA GLU A 28 -9.21 1.12 4.56
C GLU A 28 -8.57 1.62 3.28
N ARG A 29 -7.23 1.57 3.23
CA ARG A 29 -6.50 2.01 2.05
C ARG A 29 -6.53 0.95 0.96
N GLN A 30 -6.09 1.33 -0.24
CA GLN A 30 -6.07 0.41 -1.37
C GLN A 30 -4.99 0.81 -2.37
N TRP A 31 -4.74 -0.06 -3.35
CA TRP A 31 -3.73 0.20 -4.37
C TRP A 31 -3.95 -0.70 -5.58
N HIS A 32 -3.03 -0.62 -6.55
CA HIS A 32 -3.11 -1.42 -7.76
C HIS A 32 -2.02 -2.48 -7.79
N ASN A 33 -2.27 -3.57 -8.51
CA ASN A 33 -1.30 -4.65 -8.62
C ASN A 33 0.08 -4.12 -8.99
N ASP A 34 0.11 -2.90 -9.51
CA ASP A 34 1.37 -2.26 -9.91
C ASP A 34 1.71 -1.11 -8.97
N CYS A 35 0.77 -0.20 -8.78
CA CYS A 35 0.98 0.95 -7.92
C CYS A 35 1.46 0.51 -6.54
N PHE A 36 0.90 -0.58 -6.04
CA PHE A 36 1.27 -1.11 -4.73
C PHE A 36 2.78 -1.37 -4.66
N ASN A 37 3.49 -0.45 -4.03
CA ASN A 37 4.95 -0.57 -3.90
C ASN A 37 5.44 0.15 -2.65
N CYS A 38 6.51 -0.37 -2.05
CA CYS A 38 7.07 0.22 -0.85
C CYS A 38 7.15 1.74 -0.97
N LYS A 39 7.38 2.40 0.15
CA LYS A 39 7.47 3.86 0.17
C LYS A 39 8.91 4.32 0.36
N LYS A 40 9.81 3.35 0.53
CA LYS A 40 11.22 3.66 0.72
C LYS A 40 12.05 3.16 -0.45
N CYS A 41 11.73 1.95 -0.92
CA CYS A 41 12.45 1.35 -2.05
C CYS A 41 11.51 1.12 -3.22
N SER A 42 10.24 1.48 -3.04
CA SER A 42 9.23 1.31 -4.09
C SER A 42 9.31 -0.10 -4.69
N LEU A 43 9.49 -1.09 -3.83
CA LEU A 43 9.58 -2.48 -4.28
C LEU A 43 8.21 -3.13 -4.34
N SER A 44 8.05 -4.09 -5.25
CA SER A 44 6.78 -4.79 -5.40
C SER A 44 6.31 -5.39 -4.08
N LEU A 45 5.14 -4.96 -3.63
CA LEU A 45 4.59 -5.46 -2.37
C LEU A 45 3.44 -6.43 -2.63
N VAL A 46 2.78 -6.28 -3.77
CA VAL A 46 1.67 -7.14 -4.14
C VAL A 46 2.05 -8.61 -4.01
N GLY A 47 1.44 -9.29 -3.04
CA GLY A 47 1.74 -10.70 -2.83
C GLY A 47 2.87 -10.91 -1.86
N ARG A 48 3.05 -9.98 -0.93
CA ARG A 48 4.12 -10.07 0.06
C ARG A 48 3.63 -9.60 1.43
N GLY A 49 4.50 -9.72 2.43
CA GLY A 49 4.13 -9.31 3.77
C GLY A 49 4.44 -7.85 4.03
N PHE A 50 3.82 -6.96 3.25
CA PHE A 50 4.03 -5.53 3.40
C PHE A 50 3.54 -5.04 4.76
N LEU A 51 4.15 -3.97 5.25
CA LEU A 51 3.78 -3.40 6.54
C LEU A 51 2.88 -2.19 6.37
N THR A 52 2.55 -1.53 7.48
CA THR A 52 1.69 -0.36 7.45
C THR A 52 2.27 0.78 8.29
N GLU A 53 2.93 1.72 7.63
CA GLU A 53 3.54 2.85 8.32
C GLU A 53 2.48 3.87 8.72
N ARG A 54 2.86 4.79 9.60
CA ARG A 54 1.94 5.82 10.08
C ARG A 54 0.96 6.21 8.98
N ASP A 55 1.45 6.93 7.98
CA ASP A 55 0.62 7.37 6.86
C ASP A 55 1.17 6.87 5.54
N ASP A 56 1.88 5.74 5.58
CA ASP A 56 2.46 5.17 4.38
C ASP A 56 2.72 3.67 4.56
N ILE A 57 3.06 3.00 3.47
CA ILE A 57 3.35 1.57 3.52
C ILE A 57 4.82 1.28 3.27
N LEU A 58 5.27 0.10 3.68
CA LEU A 58 6.65 -0.29 3.50
C LEU A 58 6.78 -1.80 3.35
N CYS A 59 7.96 -2.26 2.95
CA CYS A 59 8.21 -3.69 2.78
C CYS A 59 9.05 -4.24 3.94
N PRO A 60 8.95 -5.56 4.15
CA PRO A 60 9.68 -6.24 5.22
C PRO A 60 11.16 -5.86 5.24
N ASP A 61 11.76 -5.72 4.06
CA ASP A 61 13.16 -5.36 3.95
C ASP A 61 13.42 -3.99 4.57
N CYS A 62 12.45 -3.08 4.42
CA CYS A 62 12.58 -1.74 4.97
C CYS A 62 12.05 -1.68 6.40
N GLY A 63 10.79 -2.05 6.57
CA GLY A 63 10.18 -2.03 7.89
C GLY A 63 11.07 -2.66 8.95
N LYS A 64 11.65 -3.81 8.62
CA LYS A 64 12.52 -4.51 9.55
C LYS A 64 13.32 -3.52 10.40
N ASP A 65 13.86 -2.49 9.76
CA ASP A 65 14.64 -1.48 10.47
C ASP A 65 14.01 -1.15 11.82
N ILE A 66 12.71 -0.89 11.81
CA ILE A 66 11.97 -0.56 13.02
C ILE A 66 12.44 -1.43 14.19
N SER A 67 12.95 -0.79 15.24
CA SER A 67 13.42 -1.52 16.41
C SER A 67 12.26 -1.90 17.32
N GLY A 68 11.17 -2.37 16.71
CA GLY A 68 10.01 -2.77 17.49
C GLY A 68 10.01 -4.25 17.83
N PRO A 69 8.91 -4.94 17.53
CA PRO A 69 8.76 -6.36 17.82
C PRO A 69 9.64 -7.22 16.91
N SER A 70 10.25 -8.26 17.48
CA SER A 70 11.13 -9.15 16.74
C SER A 70 10.52 -9.49 15.38
N SER A 71 11.22 -9.11 14.31
CA SER A 71 10.74 -9.38 12.96
C SER A 71 11.55 -10.50 12.31
N GLY A 72 11.81 -11.55 13.08
CA GLY A 72 12.57 -12.68 12.56
C GLY A 72 13.04 -13.61 13.67
N GLY A 1 -24.61 13.47 -5.65
CA GLY A 1 -24.47 12.21 -4.96
C GLY A 1 -23.52 11.26 -5.66
N SER A 2 -22.25 11.28 -5.24
CA SER A 2 -21.23 10.42 -5.84
C SER A 2 -20.18 10.04 -4.82
N SER A 3 -19.82 8.75 -4.79
CA SER A 3 -18.81 8.27 -3.85
C SER A 3 -17.61 9.20 -3.80
N GLY A 4 -17.09 9.56 -4.97
CA GLY A 4 -15.95 10.44 -5.03
C GLY A 4 -14.81 9.87 -5.87
N SER A 5 -13.58 10.09 -5.41
CA SER A 5 -12.41 9.60 -6.12
C SER A 5 -11.44 8.91 -5.16
N SER A 6 -11.99 8.08 -4.27
CA SER A 6 -11.18 7.36 -3.30
C SER A 6 -10.98 5.91 -3.72
N GLY A 7 -9.72 5.50 -3.85
CA GLY A 7 -9.42 4.14 -4.24
C GLY A 7 -7.95 3.78 -4.03
N CYS A 8 -7.23 3.60 -5.12
CA CYS A 8 -5.81 3.25 -5.05
C CYS A 8 -4.98 4.44 -4.61
N ALA A 9 -4.72 4.52 -3.31
CA ALA A 9 -3.93 5.62 -2.75
C ALA A 9 -2.79 6.00 -3.68
N GLY A 10 -2.27 5.01 -4.41
CA GLY A 10 -1.17 5.27 -5.33
C GLY A 10 -1.49 6.37 -6.33
N CYS A 11 -2.34 6.05 -7.30
CA CYS A 11 -2.73 7.01 -8.32
C CYS A 11 -4.03 7.72 -7.94
N THR A 12 -4.38 7.64 -6.66
CA THR A 12 -5.60 8.28 -6.16
C THR A 12 -6.72 8.18 -7.19
N ASN A 13 -7.01 6.96 -7.62
CA ASN A 13 -8.07 6.74 -8.61
C ASN A 13 -9.11 5.77 -8.08
N PRO A 14 -10.35 5.88 -8.59
CA PRO A 14 -11.46 5.01 -8.18
C PRO A 14 -11.29 3.57 -8.65
N ILE A 15 -10.91 2.69 -7.72
CA ILE A 15 -10.70 1.29 -8.04
C ILE A 15 -12.04 0.60 -8.35
N SER A 16 -13.00 0.75 -7.45
CA SER A 16 -14.31 0.14 -7.62
C SER A 16 -14.76 0.22 -9.07
N GLY A 17 -14.50 1.36 -9.70
CA GLY A 17 -14.88 1.55 -11.09
C GLY A 17 -14.76 0.28 -11.90
N LEU A 18 -13.67 -0.46 -11.69
CA LEU A 18 -13.43 -1.70 -12.40
C LEU A 18 -13.80 -2.91 -11.54
N GLY A 19 -14.69 -3.75 -12.07
CA GLY A 19 -15.12 -4.93 -11.35
C GLY A 19 -14.09 -6.04 -11.39
N GLY A 20 -14.16 -6.94 -10.43
CA GLY A 20 -13.22 -8.06 -10.39
C GLY A 20 -11.84 -7.67 -10.87
N THR A 21 -10.99 -7.21 -9.94
CA THR A 21 -9.63 -6.80 -10.28
C THR A 21 -8.64 -7.30 -9.24
N LYS A 22 -7.39 -7.49 -9.67
CA LYS A 22 -6.34 -7.96 -8.79
C LYS A 22 -5.72 -6.80 -8.01
N TYR A 23 -6.52 -5.79 -7.72
CA TYR A 23 -6.06 -4.62 -6.99
C TYR A 23 -5.81 -4.96 -5.52
N ILE A 24 -4.95 -4.17 -4.89
CA ILE A 24 -4.63 -4.40 -3.48
C ILE A 24 -5.62 -3.68 -2.57
N SER A 25 -6.32 -4.45 -1.74
CA SER A 25 -7.30 -3.90 -0.82
C SER A 25 -6.87 -4.10 0.63
N PHE A 26 -6.73 -3.00 1.36
CA PHE A 26 -6.32 -3.06 2.76
C PHE A 26 -7.46 -2.63 3.67
N GLU A 27 -7.24 -2.77 4.98
CA GLU A 27 -8.26 -2.40 5.96
C GLU A 27 -9.08 -1.22 5.49
N GLU A 28 -8.39 -0.15 5.10
CA GLU A 28 -9.07 1.06 4.62
C GLU A 28 -8.44 1.55 3.33
N ARG A 29 -7.11 1.56 3.28
CA ARG A 29 -6.39 2.00 2.10
C ARG A 29 -6.43 0.95 1.00
N GLN A 30 -6.05 1.34 -0.22
CA GLN A 30 -6.06 0.43 -1.35
C GLN A 30 -4.98 0.81 -2.36
N TRP A 31 -4.74 -0.07 -3.33
CA TRP A 31 -3.74 0.18 -4.35
C TRP A 31 -3.96 -0.72 -5.56
N HIS A 32 -3.05 -0.64 -6.53
CA HIS A 32 -3.14 -1.45 -7.73
C HIS A 32 -2.02 -2.48 -7.78
N ASN A 33 -2.27 -3.60 -8.45
CA ASN A 33 -1.28 -4.66 -8.58
C ASN A 33 0.10 -4.09 -8.91
N ASP A 34 0.10 -2.91 -9.52
CA ASP A 34 1.35 -2.25 -9.89
C ASP A 34 1.66 -1.11 -8.93
N CYS A 35 0.74 -0.17 -8.82
CA CYS A 35 0.91 0.98 -7.93
C CYS A 35 1.40 0.55 -6.56
N PHE A 36 0.84 -0.56 -6.06
CA PHE A 36 1.22 -1.08 -4.75
C PHE A 36 2.72 -1.33 -4.69
N ASN A 37 3.45 -0.37 -4.13
CA ASN A 37 4.90 -0.50 -4.00
C ASN A 37 5.40 0.20 -2.73
N CYS A 38 6.50 -0.30 -2.19
CA CYS A 38 7.08 0.27 -0.98
C CYS A 38 7.15 1.80 -1.08
N LYS A 39 7.39 2.44 0.05
CA LYS A 39 7.49 3.90 0.10
C LYS A 39 8.94 4.34 0.25
N LYS A 40 9.84 3.38 0.39
CA LYS A 40 11.26 3.67 0.54
C LYS A 40 12.06 3.13 -0.65
N CYS A 41 11.71 1.92 -1.09
CA CYS A 41 12.39 1.29 -2.21
C CYS A 41 11.41 1.01 -3.35
N SER A 42 10.15 1.39 -3.15
CA SER A 42 9.12 1.19 -4.15
C SER A 42 9.23 -0.21 -4.75
N LEU A 43 9.34 -1.22 -3.90
CA LEU A 43 9.45 -2.60 -4.35
C LEU A 43 8.08 -3.25 -4.45
N SER A 44 7.94 -4.19 -5.37
CA SER A 44 6.68 -4.90 -5.58
C SER A 44 6.22 -5.55 -4.28
N LEU A 45 5.19 -4.98 -3.67
CA LEU A 45 4.65 -5.51 -2.42
C LEU A 45 3.48 -6.45 -2.69
N VAL A 46 2.75 -6.17 -3.78
CA VAL A 46 1.60 -7.00 -4.15
C VAL A 46 1.90 -8.48 -3.94
N GLY A 47 1.13 -9.12 -3.07
CA GLY A 47 1.32 -10.53 -2.80
C GLY A 47 2.45 -10.78 -1.82
N ARG A 48 2.68 -9.82 -0.93
CA ARG A 48 3.74 -9.95 0.07
C ARG A 48 3.25 -9.46 1.44
N GLY A 49 4.08 -9.65 2.46
CA GLY A 49 3.73 -9.23 3.79
C GLY A 49 4.07 -7.77 4.07
N PHE A 50 3.57 -6.88 3.22
CA PHE A 50 3.84 -5.46 3.36
C PHE A 50 3.39 -4.96 4.73
N LEU A 51 4.06 -3.92 5.23
CA LEU A 51 3.73 -3.35 6.53
C LEU A 51 2.82 -2.13 6.38
N THR A 52 2.54 -1.46 7.48
CA THR A 52 1.69 -0.28 7.47
C THR A 52 2.29 0.85 8.30
N GLU A 53 2.94 1.79 7.62
CA GLU A 53 3.56 2.92 8.28
C GLU A 53 2.53 3.97 8.68
N ARG A 54 2.94 4.92 9.50
CA ARG A 54 2.05 5.98 9.95
C ARG A 54 1.06 6.36 8.85
N ASP A 55 1.55 7.00 7.81
CA ASP A 55 0.70 7.42 6.70
C ASP A 55 1.24 6.89 5.37
N ASP A 56 1.95 5.76 5.43
CA ASP A 56 2.52 5.15 4.24
C ASP A 56 2.79 3.67 4.47
N ILE A 57 3.11 2.96 3.39
CA ILE A 57 3.38 1.52 3.47
C ILE A 57 4.86 1.23 3.19
N LEU A 58 5.32 0.07 3.63
CA LEU A 58 6.70 -0.33 3.42
C LEU A 58 6.82 -1.85 3.34
N CYS A 59 7.97 -2.32 2.85
CA CYS A 59 8.22 -3.75 2.72
C CYS A 59 9.05 -4.27 3.89
N PRO A 60 8.94 -5.58 4.16
CA PRO A 60 9.67 -6.24 5.24
C PRO A 60 11.15 -5.87 5.25
N ASP A 61 11.70 -5.61 4.07
CA ASP A 61 13.10 -5.25 3.94
C ASP A 61 13.36 -3.88 4.55
N CYS A 62 12.39 -2.97 4.41
CA CYS A 62 12.52 -1.62 4.94
C CYS A 62 11.98 -1.55 6.37
N GLY A 63 10.79 -2.09 6.58
CA GLY A 63 10.19 -2.09 7.89
C GLY A 63 11.06 -2.76 8.94
N LYS A 64 11.58 -3.93 8.60
CA LYS A 64 12.44 -4.69 9.52
C LYS A 64 13.33 -3.74 10.31
N ASP A 65 13.80 -2.69 9.66
CA ASP A 65 14.66 -1.71 10.32
C ASP A 65 13.94 -1.04 11.49
N ILE A 66 12.70 -0.65 11.26
CA ILE A 66 11.90 0.00 12.29
C ILE A 66 12.26 -0.52 13.68
N SER A 67 12.11 -1.83 13.87
CA SER A 67 12.42 -2.45 15.16
C SER A 67 13.73 -3.23 15.07
N GLY A 68 14.77 -2.59 14.56
CA GLY A 68 16.06 -3.24 14.44
C GLY A 68 17.17 -2.48 15.17
N PRO A 69 18.18 -2.04 14.42
CA PRO A 69 19.32 -1.30 14.97
C PRO A 69 18.93 0.09 15.44
N SER A 70 17.64 0.40 15.34
CA SER A 70 17.13 1.71 15.75
C SER A 70 17.88 2.22 16.99
N SER A 71 17.96 3.54 17.12
CA SER A 71 18.64 4.15 18.26
C SER A 71 17.67 5.00 19.08
N GLY A 72 18.11 5.38 20.28
CA GLY A 72 17.26 6.19 21.14
C GLY A 72 16.31 5.36 21.98
N GLY A 1 -19.70 17.23 3.01
CA GLY A 1 -19.20 16.93 4.34
C GLY A 1 -17.77 16.42 4.32
N SER A 2 -17.61 15.12 4.15
CA SER A 2 -16.28 14.52 4.13
C SER A 2 -16.02 13.84 2.78
N SER A 3 -15.56 14.63 1.82
CA SER A 3 -15.27 14.12 0.48
C SER A 3 -13.91 14.61 -0.01
N GLY A 4 -13.49 14.10 -1.16
CA GLY A 4 -12.21 14.50 -1.73
C GLY A 4 -11.66 13.48 -2.70
N SER A 5 -10.78 12.61 -2.21
CA SER A 5 -10.19 11.57 -3.05
C SER A 5 -10.56 10.19 -2.55
N SER A 6 -10.41 9.20 -3.43
CA SER A 6 -10.74 7.82 -3.09
C SER A 6 -10.18 6.85 -4.12
N GLY A 7 -10.17 5.56 -3.78
CA GLY A 7 -9.65 4.55 -4.68
C GLY A 7 -8.21 4.18 -4.38
N CYS A 8 -7.46 3.83 -5.41
CA CYS A 8 -6.07 3.44 -5.25
C CYS A 8 -5.25 4.60 -4.70
N ALA A 9 -4.82 4.47 -3.45
CA ALA A 9 -4.03 5.51 -2.80
C ALA A 9 -2.78 5.84 -3.61
N GLY A 10 -2.25 4.83 -4.30
CA GLY A 10 -1.06 5.02 -5.11
C GLY A 10 -1.22 6.15 -6.11
N CYS A 11 -1.93 5.88 -7.20
CA CYS A 11 -2.16 6.88 -8.24
C CYS A 11 -3.42 7.70 -7.94
N THR A 12 -3.79 7.77 -6.67
CA THR A 12 -4.97 8.51 -6.25
C THR A 12 -6.06 8.46 -7.31
N ASN A 13 -6.39 7.26 -7.76
CA ASN A 13 -7.41 7.08 -8.79
C ASN A 13 -8.41 5.99 -8.37
N PRO A 14 -9.59 5.99 -9.00
CA PRO A 14 -10.65 5.02 -8.72
C PRO A 14 -10.28 3.62 -9.20
N ILE A 15 -10.59 2.63 -8.38
CA ILE A 15 -10.31 1.24 -8.73
C ILE A 15 -11.56 0.51 -9.18
N SER A 16 -11.39 -0.52 -10.01
CA SER A 16 -12.51 -1.31 -10.51
C SER A 16 -13.32 -0.49 -11.53
N GLY A 17 -12.61 0.19 -12.42
CA GLY A 17 -13.28 0.99 -13.43
C GLY A 17 -14.47 0.27 -14.04
N LEU A 18 -14.27 -0.97 -14.44
CA LEU A 18 -15.33 -1.76 -15.05
C LEU A 18 -15.97 -2.69 -14.02
N GLY A 19 -15.13 -3.40 -13.26
CA GLY A 19 -15.63 -4.32 -12.25
C GLY A 19 -14.94 -5.66 -12.29
N GLY A 20 -13.84 -5.77 -11.56
CA GLY A 20 -13.09 -7.01 -11.51
C GLY A 20 -11.61 -6.81 -11.73
N THR A 21 -10.84 -6.84 -10.64
CA THR A 21 -9.40 -6.65 -10.72
C THR A 21 -8.71 -7.17 -9.46
N LYS A 22 -7.44 -7.56 -9.59
CA LYS A 22 -6.67 -8.07 -8.47
C LYS A 22 -6.08 -6.92 -7.65
N TYR A 23 -6.68 -5.74 -7.76
CA TYR A 23 -6.21 -4.57 -7.04
C TYR A 23 -5.91 -4.91 -5.58
N ILE A 24 -5.04 -4.13 -4.95
CA ILE A 24 -4.68 -4.35 -3.56
C ILE A 24 -5.70 -3.69 -2.63
N SER A 25 -6.44 -4.51 -1.89
CA SER A 25 -7.44 -4.01 -0.95
C SER A 25 -6.99 -4.23 0.49
N PHE A 26 -6.86 -3.13 1.23
CA PHE A 26 -6.45 -3.20 2.63
C PHE A 26 -7.59 -2.80 3.55
N GLU A 27 -7.36 -2.93 4.86
CA GLU A 27 -8.37 -2.58 5.85
C GLU A 27 -9.22 -1.41 5.38
N GLU A 28 -8.56 -0.33 5.00
CA GLU A 28 -9.26 0.87 4.53
C GLU A 28 -8.63 1.39 3.23
N ARG A 29 -7.29 1.43 3.21
CA ARG A 29 -6.58 1.91 2.03
C ARG A 29 -6.53 0.84 0.95
N GLN A 30 -6.20 1.24 -0.27
CA GLN A 30 -6.12 0.32 -1.40
C GLN A 30 -5.02 0.74 -2.37
N TRP A 31 -4.74 -0.12 -3.34
CA TRP A 31 -3.71 0.16 -4.34
C TRP A 31 -3.88 -0.74 -5.56
N HIS A 32 -2.93 -0.65 -6.49
CA HIS A 32 -2.97 -1.45 -7.70
C HIS A 32 -1.82 -2.45 -7.73
N ASN A 33 -2.04 -3.57 -8.42
CA ASN A 33 -1.01 -4.61 -8.53
C ASN A 33 0.35 -4.00 -8.80
N ASP A 34 0.37 -2.86 -9.48
CA ASP A 34 1.61 -2.17 -9.80
C ASP A 34 1.89 -1.04 -8.81
N CYS A 35 0.93 -0.13 -8.69
CA CYS A 35 1.07 0.99 -7.78
C CYS A 35 1.54 0.53 -6.40
N PHE A 36 0.89 -0.51 -5.89
CA PHE A 36 1.24 -1.06 -4.58
C PHE A 36 2.73 -1.34 -4.49
N ASN A 37 3.49 -0.37 -4.00
CA ASN A 37 4.94 -0.51 -3.86
C ASN A 37 5.43 0.23 -2.63
N CYS A 38 6.49 -0.29 -2.02
CA CYS A 38 7.08 0.32 -0.84
C CYS A 38 7.17 1.83 -1.00
N LYS A 39 7.42 2.53 0.11
CA LYS A 39 7.54 3.98 0.09
C LYS A 39 9.00 4.40 0.27
N LYS A 40 9.84 3.46 0.68
CA LYS A 40 11.26 3.73 0.89
C LYS A 40 12.08 3.29 -0.32
N CYS A 41 11.93 2.03 -0.70
CA CYS A 41 12.66 1.47 -1.84
C CYS A 41 11.76 1.37 -3.06
N SER A 42 10.45 1.46 -2.84
CA SER A 42 9.48 1.36 -3.92
C SER A 42 9.55 0.00 -4.60
N LEU A 43 9.42 -1.05 -3.81
CA LEU A 43 9.46 -2.41 -4.33
C LEU A 43 8.06 -3.03 -4.38
N SER A 44 7.87 -3.97 -5.30
CA SER A 44 6.57 -4.64 -5.45
C SER A 44 6.14 -5.29 -4.13
N LEU A 45 5.00 -4.85 -3.62
CA LEU A 45 4.47 -5.38 -2.37
C LEU A 45 3.30 -6.33 -2.63
N VAL A 46 2.59 -6.10 -3.74
CA VAL A 46 1.46 -6.93 -4.10
C VAL A 46 1.78 -8.42 -3.94
N GLY A 47 1.10 -9.05 -2.99
CA GLY A 47 1.33 -10.47 -2.74
C GLY A 47 2.47 -10.71 -1.76
N ARG A 48 2.65 -9.77 -0.84
CA ARG A 48 3.71 -9.88 0.16
C ARG A 48 3.21 -9.43 1.53
N GLY A 49 4.08 -9.52 2.52
CA GLY A 49 3.71 -9.12 3.87
C GLY A 49 4.04 -7.67 4.14
N PHE A 50 3.66 -6.80 3.22
CA PHE A 50 3.91 -5.36 3.37
C PHE A 50 3.49 -4.88 4.76
N LEU A 51 4.13 -3.81 5.23
CA LEU A 51 3.82 -3.25 6.54
C LEU A 51 2.91 -2.04 6.40
N THR A 52 2.58 -1.42 7.53
CA THR A 52 1.71 -0.25 7.55
C THR A 52 2.32 0.88 8.38
N GLU A 53 2.94 1.84 7.72
CA GLU A 53 3.56 2.97 8.41
C GLU A 53 2.51 3.98 8.85
N ARG A 54 2.92 4.92 9.71
CA ARG A 54 2.01 5.94 10.21
C ARG A 54 1.01 6.35 9.13
N ASP A 55 1.51 7.01 8.09
CA ASP A 55 0.66 7.46 7.00
C ASP A 55 1.19 6.96 5.66
N ASP A 56 1.93 5.85 5.69
CA ASP A 56 2.49 5.28 4.48
C ASP A 56 2.74 3.78 4.65
N ILE A 57 3.10 3.12 3.55
CA ILE A 57 3.35 1.69 3.58
C ILE A 57 4.82 1.39 3.29
N LEU A 58 5.28 0.22 3.71
CA LEU A 58 6.66 -0.20 3.49
C LEU A 58 6.76 -1.71 3.32
N CYS A 59 7.95 -2.18 2.96
CA CYS A 59 8.17 -3.61 2.76
C CYS A 59 9.00 -4.19 3.92
N PRO A 60 8.87 -5.50 4.13
CA PRO A 60 9.60 -6.21 5.19
C PRO A 60 11.08 -5.86 5.21
N ASP A 61 11.67 -5.74 4.02
CA ASP A 61 13.08 -5.42 3.90
C ASP A 61 13.39 -4.06 4.55
N CYS A 62 12.45 -3.14 4.43
CA CYS A 62 12.61 -1.81 5.02
C CYS A 62 12.09 -1.76 6.45
N GLY A 63 10.80 -2.10 6.61
CA GLY A 63 10.20 -2.10 7.92
C GLY A 63 11.08 -2.76 8.97
N LYS A 64 11.71 -3.86 8.58
CA LYS A 64 12.59 -4.59 9.50
C LYS A 64 13.34 -3.64 10.42
N ASP A 65 13.84 -2.55 9.86
CA ASP A 65 14.58 -1.56 10.64
C ASP A 65 13.68 -0.91 11.68
N ILE A 66 12.45 -0.59 11.28
CA ILE A 66 11.49 0.03 12.18
C ILE A 66 11.53 -0.62 13.56
N SER A 67 11.86 0.17 14.58
CA SER A 67 11.94 -0.33 15.94
C SER A 67 10.61 -0.15 16.66
N GLY A 68 10.00 1.02 16.49
CA GLY A 68 8.74 1.31 17.13
C GLY A 68 8.78 1.14 18.63
N PRO A 69 7.69 0.63 19.22
CA PRO A 69 7.59 0.41 20.66
C PRO A 69 8.50 -0.73 21.14
N SER A 70 8.97 -0.62 22.38
CA SER A 70 9.84 -1.63 22.96
C SER A 70 9.38 -3.04 22.56
N SER A 71 8.07 -3.26 22.58
CA SER A 71 7.50 -4.55 22.22
C SER A 71 8.34 -5.68 22.81
N GLY A 72 8.74 -5.52 24.07
CA GLY A 72 9.54 -6.54 24.72
C GLY A 72 11.03 -6.39 24.43
N GLY A 1 -18.25 20.08 -4.79
CA GLY A 1 -17.08 19.77 -4.00
C GLY A 1 -16.48 18.42 -4.34
N SER A 2 -16.01 18.28 -5.57
CA SER A 2 -15.42 17.03 -6.03
C SER A 2 -14.49 16.45 -4.96
N SER A 3 -14.95 15.40 -4.30
CA SER A 3 -14.17 14.75 -3.25
C SER A 3 -13.80 13.33 -3.65
N GLY A 4 -12.84 12.75 -2.93
CA GLY A 4 -12.42 11.40 -3.23
C GLY A 4 -11.71 10.75 -2.06
N SER A 5 -12.28 9.67 -1.54
CA SER A 5 -11.70 8.96 -0.40
C SER A 5 -11.39 7.51 -0.77
N SER A 6 -12.34 6.85 -1.42
CA SER A 6 -12.16 5.47 -1.83
C SER A 6 -11.47 5.38 -3.19
N GLY A 7 -10.33 4.69 -3.21
CA GLY A 7 -9.58 4.54 -4.45
C GLY A 7 -8.14 4.14 -4.20
N CYS A 8 -7.42 3.84 -5.28
CA CYS A 8 -6.02 3.45 -5.18
C CYS A 8 -5.18 4.56 -4.56
N ALA A 9 -4.52 4.25 -3.45
CA ALA A 9 -3.68 5.23 -2.77
C ALA A 9 -2.31 5.32 -3.42
N GLY A 10 -2.28 5.27 -4.75
CA GLY A 10 -1.03 5.34 -5.48
C GLY A 10 -1.11 6.26 -6.69
N CYS A 11 -1.83 5.80 -7.72
CA CYS A 11 -1.99 6.57 -8.94
C CYS A 11 -3.15 7.55 -8.82
N THR A 12 -3.43 7.99 -7.59
CA THR A 12 -4.52 8.92 -7.34
C THR A 12 -5.73 8.61 -8.21
N ASN A 13 -6.12 7.34 -8.24
CA ASN A 13 -7.26 6.91 -9.03
C ASN A 13 -8.08 5.86 -8.29
N PRO A 14 -9.40 5.85 -8.55
CA PRO A 14 -10.32 4.90 -7.92
C PRO A 14 -10.11 3.47 -8.41
N ILE A 15 -10.64 2.51 -7.66
CA ILE A 15 -10.51 1.10 -8.03
C ILE A 15 -11.88 0.45 -8.19
N SER A 16 -11.91 -0.64 -8.95
CA SER A 16 -13.17 -1.35 -9.19
C SER A 16 -13.98 -1.46 -7.91
N GLY A 17 -15.28 -1.68 -8.05
CA GLY A 17 -16.16 -1.80 -6.89
C GLY A 17 -15.50 -2.56 -5.76
N LEU A 18 -15.71 -3.86 -5.70
CA LEU A 18 -15.14 -4.70 -4.66
C LEU A 18 -14.58 -6.00 -5.23
N GLY A 19 -13.38 -6.37 -4.80
CA GLY A 19 -12.77 -7.59 -5.28
C GLY A 19 -13.01 -7.82 -6.76
N GLY A 20 -12.87 -9.07 -7.19
CA GLY A 20 -13.08 -9.40 -8.59
C GLY A 20 -11.93 -8.97 -9.47
N THR A 21 -11.47 -7.73 -9.28
CA THR A 21 -10.36 -7.20 -10.06
C THR A 21 -9.02 -7.53 -9.41
N LYS A 22 -7.97 -7.54 -10.22
CA LYS A 22 -6.63 -7.84 -9.72
C LYS A 22 -5.98 -6.59 -9.12
N TYR A 23 -6.51 -6.15 -7.98
CA TYR A 23 -5.99 -4.97 -7.30
C TYR A 23 -5.70 -5.27 -5.84
N ILE A 24 -5.16 -4.28 -5.13
CA ILE A 24 -4.84 -4.43 -3.72
C ILE A 24 -5.85 -3.71 -2.84
N SER A 25 -6.28 -4.38 -1.78
CA SER A 25 -7.26 -3.80 -0.86
C SER A 25 -6.81 -3.98 0.59
N PHE A 26 -6.94 -2.91 1.37
CA PHE A 26 -6.55 -2.95 2.78
C PHE A 26 -7.69 -2.51 3.68
N GLU A 27 -7.47 -2.59 4.99
CA GLU A 27 -8.49 -2.20 5.96
C GLU A 27 -9.36 -1.07 5.40
N GLU A 28 -8.73 0.02 5.00
CA GLU A 28 -9.45 1.17 4.45
C GLU A 28 -8.81 1.63 3.14
N ARG A 29 -7.48 1.63 3.11
CA ARG A 29 -6.76 2.05 1.91
C ARG A 29 -6.72 0.94 0.87
N GLN A 30 -6.24 1.26 -0.32
CA GLN A 30 -6.15 0.29 -1.40
C GLN A 30 -5.05 0.67 -2.39
N TRP A 31 -4.78 -0.22 -3.34
CA TRP A 31 -3.76 0.03 -4.35
C TRP A 31 -3.96 -0.88 -5.56
N HIS A 32 -3.01 -0.83 -6.50
CA HIS A 32 -3.09 -1.64 -7.70
C HIS A 32 -1.92 -2.63 -7.75
N ASN A 33 -2.20 -3.83 -8.27
CA ASN A 33 -1.17 -4.86 -8.38
C ASN A 33 0.17 -4.25 -8.81
N ASP A 34 0.11 -3.12 -9.49
CA ASP A 34 1.31 -2.44 -9.97
C ASP A 34 1.68 -1.29 -9.03
N CYS A 35 0.73 -0.40 -8.79
CA CYS A 35 0.95 0.75 -7.92
C CYS A 35 1.47 0.30 -6.56
N PHE A 36 0.80 -0.68 -5.96
CA PHE A 36 1.20 -1.19 -4.66
C PHE A 36 2.71 -1.43 -4.60
N ASN A 37 3.43 -0.47 -4.04
CA ASN A 37 4.88 -0.57 -3.92
C ASN A 37 5.39 0.20 -2.71
N CYS A 38 6.46 -0.32 -2.09
CA CYS A 38 7.04 0.33 -0.92
C CYS A 38 7.12 1.84 -1.11
N LYS A 39 7.37 2.55 -0.01
CA LYS A 39 7.47 4.00 -0.06
C LYS A 39 8.91 4.46 0.17
N LYS A 40 9.77 3.52 0.56
CA LYS A 40 11.17 3.82 0.81
C LYS A 40 12.04 3.37 -0.38
N CYS A 41 11.89 2.11 -0.76
CA CYS A 41 12.65 1.56 -1.88
C CYS A 41 11.79 1.45 -3.13
N SER A 42 10.47 1.51 -2.94
CA SER A 42 9.54 1.40 -4.05
C SER A 42 9.62 0.02 -4.70
N LEU A 43 9.51 -1.02 -3.88
CA LEU A 43 9.58 -2.39 -4.38
C LEU A 43 8.19 -3.02 -4.42
N SER A 44 8.00 -3.97 -5.33
CA SER A 44 6.72 -4.65 -5.47
C SER A 44 6.30 -5.31 -4.16
N LEU A 45 5.15 -4.90 -3.64
CA LEU A 45 4.64 -5.44 -2.38
C LEU A 45 3.51 -6.42 -2.64
N VAL A 46 2.74 -6.18 -3.70
CA VAL A 46 1.63 -7.05 -4.07
C VAL A 46 2.00 -8.51 -3.90
N GLY A 47 1.40 -9.15 -2.89
CA GLY A 47 1.68 -10.55 -2.65
C GLY A 47 2.82 -10.75 -1.67
N ARG A 48 2.98 -9.80 -0.75
CA ARG A 48 4.04 -9.88 0.26
C ARG A 48 3.54 -9.41 1.61
N GLY A 49 4.37 -9.58 2.64
CA GLY A 49 3.99 -9.17 3.98
C GLY A 49 4.27 -7.70 4.24
N PHE A 50 3.80 -6.84 3.34
CA PHE A 50 4.01 -5.41 3.47
C PHE A 50 3.55 -4.92 4.85
N LEU A 51 4.16 -3.83 5.31
CA LEU A 51 3.81 -3.26 6.60
C LEU A 51 2.92 -2.03 6.44
N THR A 52 2.56 -1.42 7.57
CA THR A 52 1.71 -0.23 7.54
C THR A 52 2.32 0.89 8.38
N GLU A 53 2.97 1.84 7.71
CA GLU A 53 3.59 2.96 8.38
C GLU A 53 2.55 3.99 8.83
N ARG A 54 2.96 4.90 9.70
CA ARG A 54 2.06 5.93 10.20
C ARG A 54 1.06 6.34 9.13
N ASP A 55 1.55 7.00 8.09
CA ASP A 55 0.69 7.46 6.99
C ASP A 55 1.22 6.96 5.66
N ASP A 56 1.93 5.84 5.68
CA ASP A 56 2.50 5.25 4.47
C ASP A 56 2.72 3.76 4.65
N ILE A 57 3.17 3.11 3.57
CA ILE A 57 3.43 1.67 3.60
C ILE A 57 4.89 1.36 3.29
N LEU A 58 5.36 0.20 3.74
CA LEU A 58 6.74 -0.21 3.51
C LEU A 58 6.84 -1.72 3.36
N CYS A 59 8.00 -2.19 2.91
CA CYS A 59 8.23 -3.62 2.72
C CYS A 59 9.03 -4.20 3.89
N PRO A 60 8.90 -5.52 4.10
CA PRO A 60 9.61 -6.22 5.17
C PRO A 60 11.09 -5.86 5.21
N ASP A 61 11.69 -5.66 4.04
CA ASP A 61 13.10 -5.31 3.95
C ASP A 61 13.36 -3.95 4.58
N CYS A 62 12.41 -3.03 4.43
CA CYS A 62 12.54 -1.69 4.98
C CYS A 62 12.04 -1.64 6.42
N GLY A 63 10.81 -2.08 6.64
CA GLY A 63 10.24 -2.09 7.97
C GLY A 63 11.11 -2.82 8.97
N LYS A 64 11.65 -3.96 8.56
CA LYS A 64 12.49 -4.75 9.43
C LYS A 64 13.58 -3.88 10.08
N ASP A 65 14.00 -2.84 9.37
CA ASP A 65 15.02 -1.94 9.88
C ASP A 65 14.39 -0.83 10.73
N ILE A 66 13.28 -1.15 11.38
CA ILE A 66 12.59 -0.18 12.21
C ILE A 66 12.50 -0.66 13.66
N SER A 67 12.59 0.28 14.60
CA SER A 67 12.52 -0.06 16.01
C SER A 67 13.69 -0.95 16.41
N GLY A 68 14.87 -0.63 15.90
CA GLY A 68 16.05 -1.43 16.22
C GLY A 68 16.95 -0.74 17.23
N PRO A 69 18.27 -0.85 17.02
CA PRO A 69 19.27 -0.25 17.91
C PRO A 69 19.28 1.27 17.82
N SER A 70 18.38 1.92 18.55
CA SER A 70 18.28 3.37 18.55
C SER A 70 18.03 3.91 19.95
N SER A 71 17.93 5.22 20.07
CA SER A 71 17.69 5.86 21.36
C SER A 71 16.24 5.69 21.79
N GLY A 72 16.01 4.90 22.84
CA GLY A 72 14.67 4.67 23.33
C GLY A 72 13.65 4.61 22.22
N GLY A 1 -18.84 19.72 -6.09
CA GLY A 1 -17.87 18.93 -5.37
C GLY A 1 -16.67 18.56 -6.23
N SER A 2 -15.50 19.06 -5.87
CA SER A 2 -14.28 18.77 -6.62
C SER A 2 -13.14 18.39 -5.67
N SER A 3 -13.07 17.10 -5.34
CA SER A 3 -12.03 16.60 -4.44
C SER A 3 -11.68 15.16 -4.78
N GLY A 4 -10.39 14.85 -4.76
CA GLY A 4 -9.95 13.50 -5.05
C GLY A 4 -10.85 12.45 -4.44
N SER A 5 -11.26 11.48 -5.26
CA SER A 5 -12.13 10.42 -4.79
C SER A 5 -11.33 9.32 -4.10
N SER A 6 -12.03 8.38 -3.49
CA SER A 6 -11.39 7.27 -2.78
C SER A 6 -11.08 6.13 -3.74
N GLY A 7 -10.11 5.30 -3.36
CA GLY A 7 -9.72 4.18 -4.20
C GLY A 7 -8.27 3.79 -4.02
N CYS A 8 -7.50 3.84 -5.10
CA CYS A 8 -6.09 3.50 -5.07
C CYS A 8 -5.27 4.62 -4.44
N ALA A 9 -4.48 4.27 -3.44
CA ALA A 9 -3.64 5.24 -2.74
C ALA A 9 -2.30 5.42 -3.45
N GLY A 10 -2.34 5.54 -4.77
CA GLY A 10 -1.12 5.71 -5.54
C GLY A 10 -1.31 6.64 -6.73
N CYS A 11 -2.08 6.19 -7.72
CA CYS A 11 -2.33 7.00 -8.91
C CYS A 11 -3.50 7.94 -8.69
N THR A 12 -3.72 8.32 -7.43
CA THR A 12 -4.82 9.22 -7.10
C THR A 12 -6.04 8.95 -7.97
N ASN A 13 -6.35 7.67 -8.16
CA ASN A 13 -7.50 7.28 -8.98
C ASN A 13 -8.25 6.13 -8.34
N PRO A 14 -9.53 5.97 -8.71
CA PRO A 14 -10.39 4.90 -8.19
C PRO A 14 -9.97 3.52 -8.69
N ILE A 15 -10.55 2.49 -8.12
CA ILE A 15 -10.24 1.11 -8.51
C ILE A 15 -11.48 0.40 -9.05
N SER A 16 -11.26 -0.57 -9.93
CA SER A 16 -12.36 -1.33 -10.51
C SER A 16 -13.48 -1.53 -9.50
N GLY A 17 -13.12 -2.00 -8.32
CA GLY A 17 -14.10 -2.24 -7.27
C GLY A 17 -14.69 -3.64 -7.33
N LEU A 18 -16.01 -3.71 -7.45
CA LEU A 18 -16.69 -5.00 -7.51
C LEU A 18 -16.05 -5.91 -8.55
N GLY A 19 -15.93 -5.40 -9.78
CA GLY A 19 -15.33 -6.19 -10.84
C GLY A 19 -14.05 -6.87 -10.41
N GLY A 20 -14.03 -8.20 -10.49
CA GLY A 20 -12.85 -8.95 -10.10
C GLY A 20 -11.57 -8.34 -10.63
N THR A 21 -10.62 -8.07 -9.74
CA THR A 21 -9.35 -7.48 -10.12
C THR A 21 -8.26 -7.84 -9.13
N LYS A 22 -7.02 -7.93 -9.63
CA LYS A 22 -5.88 -8.27 -8.78
C LYS A 22 -5.34 -7.03 -8.07
N TYR A 23 -6.25 -6.16 -7.65
CA TYR A 23 -5.86 -4.94 -6.96
C TYR A 23 -5.58 -5.22 -5.48
N ILE A 24 -4.84 -4.30 -4.85
CA ILE A 24 -4.50 -4.45 -3.44
C ILE A 24 -5.54 -3.76 -2.55
N SER A 25 -6.20 -4.54 -1.71
CA SER A 25 -7.22 -4.01 -0.81
C SER A 25 -6.79 -4.16 0.65
N PHE A 26 -6.68 -3.05 1.36
CA PHE A 26 -6.28 -3.07 2.76
C PHE A 26 -7.45 -2.70 3.67
N GLU A 27 -7.26 -2.83 4.98
CA GLU A 27 -8.30 -2.51 5.95
C GLU A 27 -9.13 -1.33 5.48
N GLU A 28 -8.46 -0.21 5.19
CA GLU A 28 -9.14 0.99 4.73
C GLU A 28 -8.53 1.50 3.43
N ARG A 29 -7.21 1.50 3.37
CA ARG A 29 -6.50 1.96 2.17
C ARG A 29 -6.49 0.89 1.09
N GLN A 30 -6.07 1.26 -0.11
CA GLN A 30 -6.02 0.34 -1.23
C GLN A 30 -4.97 0.77 -2.25
N TRP A 31 -4.72 -0.10 -3.23
CA TRP A 31 -3.73 0.19 -4.26
C TRP A 31 -3.93 -0.71 -5.47
N HIS A 32 -3.03 -0.60 -6.45
CA HIS A 32 -3.11 -1.41 -7.66
C HIS A 32 -1.93 -2.39 -7.73
N ASN A 33 -2.11 -3.47 -8.47
CA ASN A 33 -1.07 -4.48 -8.63
C ASN A 33 0.28 -3.83 -8.89
N ASP A 34 0.25 -2.71 -9.61
CA ASP A 34 1.48 -1.98 -9.94
C ASP A 34 1.72 -0.85 -8.95
N CYS A 35 0.76 0.06 -8.85
CA CYS A 35 0.86 1.19 -7.94
C CYS A 35 1.38 0.75 -6.58
N PHE A 36 0.86 -0.36 -6.07
CA PHE A 36 1.28 -0.89 -4.79
C PHE A 36 2.78 -1.13 -4.75
N ASN A 37 3.51 -0.22 -4.10
CA ASN A 37 4.96 -0.33 -3.99
C ASN A 37 5.47 0.37 -2.75
N CYS A 38 6.54 -0.16 -2.17
CA CYS A 38 7.13 0.41 -0.97
C CYS A 38 7.22 1.93 -1.07
N LYS A 39 7.53 2.58 0.05
CA LYS A 39 7.65 4.03 0.08
C LYS A 39 9.11 4.45 0.19
N LYS A 40 9.97 3.51 0.54
CA LYS A 40 11.39 3.78 0.67
C LYS A 40 12.16 3.27 -0.54
N CYS A 41 11.90 2.02 -0.91
CA CYS A 41 12.57 1.42 -2.06
C CYS A 41 11.59 1.20 -3.21
N SER A 42 10.33 1.50 -2.97
CA SER A 42 9.29 1.35 -3.98
C SER A 42 9.38 -0.03 -4.63
N LEU A 43 9.56 -1.06 -3.82
CA LEU A 43 9.67 -2.42 -4.32
C LEU A 43 8.30 -3.08 -4.42
N SER A 44 8.15 -4.00 -5.36
CA SER A 44 6.88 -4.70 -5.56
C SER A 44 6.39 -5.31 -4.25
N LEU A 45 5.30 -4.78 -3.72
CA LEU A 45 4.73 -5.28 -2.48
C LEU A 45 3.58 -6.23 -2.76
N VAL A 46 2.86 -5.99 -3.86
CA VAL A 46 1.74 -6.82 -4.23
C VAL A 46 2.08 -8.31 -4.08
N GLY A 47 1.34 -8.98 -3.19
CA GLY A 47 1.59 -10.40 -2.96
C GLY A 47 2.72 -10.64 -1.99
N ARG A 48 2.91 -9.72 -1.06
CA ARG A 48 3.96 -9.84 -0.06
C ARG A 48 3.47 -9.41 1.32
N GLY A 49 4.34 -9.53 2.31
CA GLY A 49 3.97 -9.14 3.67
C GLY A 49 4.30 -7.69 3.96
N PHE A 50 3.77 -6.79 3.14
CA PHE A 50 4.02 -5.36 3.32
C PHE A 50 3.54 -4.90 4.69
N LEU A 51 4.09 -3.80 5.16
CA LEU A 51 3.73 -3.24 6.47
C LEU A 51 2.82 -2.03 6.30
N THR A 52 2.50 -1.39 7.42
CA THR A 52 1.64 -0.21 7.41
C THR A 52 2.23 0.91 8.25
N GLU A 53 2.87 1.88 7.58
CA GLU A 53 3.48 3.01 8.26
C GLU A 53 2.42 4.04 8.64
N ARG A 54 2.80 4.95 9.54
CA ARG A 54 1.88 5.99 9.99
C ARG A 54 0.93 6.41 8.87
N ASP A 55 1.48 7.08 7.86
CA ASP A 55 0.67 7.52 6.72
C ASP A 55 1.26 7.02 5.41
N ASP A 56 1.97 5.90 5.47
CA ASP A 56 2.59 5.31 4.29
C ASP A 56 2.82 3.82 4.49
N ILE A 57 3.17 3.13 3.41
CA ILE A 57 3.43 1.70 3.46
C ILE A 57 4.90 1.39 3.18
N LEU A 58 5.34 0.21 3.60
CA LEU A 58 6.72 -0.21 3.39
C LEU A 58 6.81 -1.73 3.26
N CYS A 59 7.98 -2.20 2.83
CA CYS A 59 8.20 -3.63 2.67
C CYS A 59 9.01 -4.20 3.84
N PRO A 60 8.89 -5.52 4.07
CA PRO A 60 9.60 -6.20 5.14
C PRO A 60 11.08 -5.85 5.18
N ASP A 61 11.66 -5.64 4.01
CA ASP A 61 13.08 -5.30 3.91
C ASP A 61 13.35 -3.95 4.57
N CYS A 62 12.41 -3.02 4.43
CA CYS A 62 12.55 -1.69 5.01
C CYS A 62 12.00 -1.66 6.43
N GLY A 63 10.76 -2.09 6.60
CA GLY A 63 10.14 -2.11 7.91
C GLY A 63 10.99 -2.84 8.94
N LYS A 64 11.47 -4.01 8.58
CA LYS A 64 12.29 -4.81 9.48
C LYS A 64 13.18 -3.91 10.34
N ASP A 65 13.73 -2.88 9.72
CA ASP A 65 14.61 -1.95 10.42
C ASP A 65 13.99 -1.53 11.75
N ILE A 66 12.73 -1.12 11.71
CA ILE A 66 12.02 -0.69 12.90
C ILE A 66 12.33 -1.61 14.09
N SER A 67 13.01 -1.08 15.09
CA SER A 67 13.38 -1.85 16.27
C SER A 67 12.28 -1.77 17.32
N GLY A 68 11.03 -1.96 16.88
CA GLY A 68 9.91 -1.92 17.81
C GLY A 68 9.20 -3.26 17.92
N PRO A 69 7.86 -3.22 17.79
CA PRO A 69 7.04 -4.44 17.88
C PRO A 69 7.23 -5.36 16.67
N SER A 70 7.28 -6.66 16.94
CA SER A 70 7.46 -7.65 15.89
C SER A 70 8.79 -7.44 15.18
N SER A 71 9.83 -7.16 15.95
CA SER A 71 11.16 -6.92 15.41
C SER A 71 11.93 -8.24 15.27
N GLY A 72 11.24 -9.28 14.81
CA GLY A 72 11.86 -10.58 14.65
C GLY A 72 12.42 -10.77 13.26
N GLY A 1 -18.71 14.98 7.10
CA GLY A 1 -18.68 15.36 5.70
C GLY A 1 -17.78 14.46 4.87
N SER A 2 -17.94 14.53 3.55
CA SER A 2 -17.14 13.71 2.64
C SER A 2 -15.64 13.85 2.95
N SER A 3 -15.03 12.75 3.38
CA SER A 3 -13.61 12.76 3.71
C SER A 3 -13.00 11.38 3.46
N GLY A 4 -11.68 11.35 3.31
CA GLY A 4 -10.99 10.10 3.07
C GLY A 4 -10.60 9.91 1.62
N SER A 5 -10.60 8.66 1.17
CA SER A 5 -10.25 8.36 -0.22
C SER A 5 -10.83 7.01 -0.64
N SER A 6 -11.52 7.00 -1.77
CA SER A 6 -12.13 5.78 -2.29
C SER A 6 -11.54 5.41 -3.65
N GLY A 7 -10.51 4.57 -3.63
CA GLY A 7 -9.88 4.16 -4.87
C GLY A 7 -8.47 3.63 -4.65
N CYS A 8 -7.59 3.91 -5.59
CA CYS A 8 -6.20 3.45 -5.50
C CYS A 8 -5.29 4.56 -4.97
N ALA A 9 -4.93 4.46 -3.70
CA ALA A 9 -4.07 5.45 -3.07
C ALA A 9 -2.88 5.79 -3.96
N GLY A 10 -2.55 4.88 -4.87
CA GLY A 10 -1.43 5.10 -5.77
C GLY A 10 -1.71 6.20 -6.78
N CYS A 11 -2.34 5.84 -7.89
CA CYS A 11 -2.66 6.81 -8.93
C CYS A 11 -3.99 7.49 -8.64
N THR A 12 -4.43 7.42 -7.40
CA THR A 12 -5.69 8.03 -7.00
C THR A 12 -6.76 7.84 -8.06
N ASN A 13 -7.00 6.59 -8.43
CA ASN A 13 -8.00 6.26 -9.44
C ASN A 13 -8.98 5.22 -8.93
N PRO A 14 -10.18 5.18 -9.53
CA PRO A 14 -11.22 4.22 -9.15
C PRO A 14 -10.87 2.79 -9.53
N ILE A 15 -10.75 1.92 -8.53
CA ILE A 15 -10.42 0.52 -8.77
C ILE A 15 -11.67 -0.28 -9.15
N SER A 16 -12.74 -0.10 -8.38
CA SER A 16 -13.99 -0.80 -8.63
C SER A 16 -14.37 -0.73 -10.11
N GLY A 17 -14.99 -1.80 -10.60
CA GLY A 17 -15.38 -1.84 -12.00
C GLY A 17 -16.46 -2.87 -12.27
N LEU A 18 -16.05 -4.12 -12.44
CA LEU A 18 -16.99 -5.20 -12.70
C LEU A 18 -17.09 -6.15 -11.50
N GLY A 19 -15.93 -6.60 -11.02
CA GLY A 19 -15.91 -7.50 -9.87
C GLY A 19 -14.78 -8.50 -9.95
N GLY A 20 -14.07 -8.68 -8.83
CA GLY A 20 -12.96 -9.61 -8.79
C GLY A 20 -11.79 -9.14 -9.62
N THR A 21 -11.24 -7.99 -9.26
CA THR A 21 -10.09 -7.43 -9.98
C THR A 21 -8.79 -7.75 -9.27
N LYS A 22 -7.70 -7.78 -10.02
CA LYS A 22 -6.38 -8.08 -9.47
C LYS A 22 -5.76 -6.82 -8.88
N TYR A 23 -6.34 -6.32 -7.81
CA TYR A 23 -5.83 -5.12 -7.14
C TYR A 23 -5.56 -5.38 -5.67
N ILE A 24 -4.95 -4.40 -5.00
CA ILE A 24 -4.63 -4.52 -3.59
C ILE A 24 -5.64 -3.76 -2.74
N SER A 25 -6.11 -4.39 -1.67
CA SER A 25 -7.08 -3.77 -0.77
C SER A 25 -6.68 -3.97 0.68
N PHE A 26 -6.75 -2.90 1.47
CA PHE A 26 -6.40 -2.95 2.88
C PHE A 26 -7.58 -2.53 3.76
N GLU A 27 -7.39 -2.62 5.07
CA GLU A 27 -8.44 -2.25 6.01
C GLU A 27 -9.27 -1.09 5.48
N GLU A 28 -8.59 -0.04 5.01
CA GLU A 28 -9.27 1.13 4.47
C GLU A 28 -8.62 1.58 3.18
N ARG A 29 -7.29 1.61 3.16
CA ARG A 29 -6.54 2.04 1.98
C ARG A 29 -6.48 0.91 0.95
N GLN A 30 -6.13 1.25 -0.28
CA GLN A 30 -6.02 0.27 -1.35
C GLN A 30 -5.03 0.73 -2.42
N TRP A 31 -4.63 -0.20 -3.28
CA TRP A 31 -3.68 0.11 -4.34
C TRP A 31 -3.85 -0.85 -5.51
N HIS A 32 -3.08 -0.64 -6.57
CA HIS A 32 -3.14 -1.48 -7.76
C HIS A 32 -2.03 -2.52 -7.75
N ASN A 33 -2.19 -3.56 -8.55
CA ASN A 33 -1.19 -4.63 -8.63
C ASN A 33 0.18 -4.06 -8.99
N ASP A 34 0.19 -2.89 -9.62
CA ASP A 34 1.43 -2.24 -10.02
C ASP A 34 1.75 -1.07 -9.09
N CYS A 35 0.78 -0.20 -8.89
CA CYS A 35 0.95 0.97 -8.03
C CYS A 35 1.45 0.55 -6.65
N PHE A 36 0.84 -0.49 -6.10
CA PHE A 36 1.22 -1.00 -4.79
C PHE A 36 2.72 -1.27 -4.71
N ASN A 37 3.44 -0.35 -4.06
CA ASN A 37 4.88 -0.49 -3.92
C ASN A 37 5.38 0.26 -2.68
N CYS A 38 6.45 -0.26 -2.08
CA CYS A 38 7.01 0.35 -0.88
C CYS A 38 7.10 1.87 -1.03
N LYS A 39 7.38 2.56 0.07
CA LYS A 39 7.49 4.01 0.06
C LYS A 39 8.93 4.45 0.27
N LYS A 40 9.77 3.52 0.71
CA LYS A 40 11.19 3.80 0.96
C LYS A 40 12.05 3.32 -0.21
N CYS A 41 11.72 2.13 -0.72
CA CYS A 41 12.47 1.56 -1.84
C CYS A 41 11.58 1.39 -3.07
N SER A 42 10.27 1.55 -2.86
CA SER A 42 9.32 1.41 -3.95
C SER A 42 9.43 0.05 -4.62
N LEU A 43 9.50 -0.99 -3.80
CA LEU A 43 9.63 -2.36 -4.31
C LEU A 43 8.25 -3.02 -4.42
N SER A 44 8.15 -4.01 -5.30
CA SER A 44 6.89 -4.72 -5.50
C SER A 44 6.39 -5.31 -4.20
N LEU A 45 5.26 -4.80 -3.73
CA LEU A 45 4.66 -5.27 -2.48
C LEU A 45 3.49 -6.21 -2.75
N VAL A 46 2.95 -6.14 -3.97
CA VAL A 46 1.84 -6.99 -4.36
C VAL A 46 2.17 -8.46 -4.20
N GLY A 47 1.56 -9.10 -3.21
CA GLY A 47 1.81 -10.51 -2.96
C GLY A 47 2.89 -10.73 -1.92
N ARG A 48 3.11 -9.72 -1.08
CA ARG A 48 4.13 -9.81 -0.03
C ARG A 48 3.55 -9.39 1.32
N GLY A 49 4.38 -9.43 2.35
CA GLY A 49 3.95 -9.05 3.68
C GLY A 49 4.19 -7.59 3.97
N PHE A 50 3.67 -6.71 3.12
CA PHE A 50 3.85 -5.28 3.29
C PHE A 50 3.39 -4.84 4.68
N LEU A 51 4.02 -3.78 5.20
CA LEU A 51 3.67 -3.27 6.52
C LEU A 51 2.78 -2.03 6.40
N THR A 52 2.46 -1.42 7.54
CA THR A 52 1.62 -0.24 7.57
C THR A 52 2.25 0.88 8.38
N GLU A 53 2.87 1.83 7.69
CA GLU A 53 3.53 2.96 8.36
C GLU A 53 2.50 3.99 8.81
N ARG A 54 2.93 4.89 9.68
CA ARG A 54 2.05 5.94 10.20
C ARG A 54 1.05 6.38 9.13
N ASP A 55 1.55 7.07 8.11
CA ASP A 55 0.70 7.55 7.02
C ASP A 55 1.21 7.04 5.68
N ASP A 56 1.91 5.92 5.70
CA ASP A 56 2.45 5.32 4.48
C ASP A 56 2.68 3.83 4.65
N ILE A 57 3.08 3.17 3.58
CA ILE A 57 3.34 1.73 3.62
C ILE A 57 4.80 1.43 3.34
N LEU A 58 5.24 0.24 3.72
CA LEU A 58 6.63 -0.18 3.50
C LEU A 58 6.72 -1.70 3.33
N CYS A 59 7.90 -2.16 2.92
CA CYS A 59 8.12 -3.59 2.72
C CYS A 59 8.95 -4.18 3.86
N PRO A 60 8.82 -5.50 4.05
CA PRO A 60 9.54 -6.22 5.11
C PRO A 60 11.03 -5.85 5.14
N ASP A 61 11.62 -5.73 3.95
CA ASP A 61 13.04 -5.38 3.84
C ASP A 61 13.33 -4.04 4.51
N CYS A 62 12.38 -3.11 4.39
CA CYS A 62 12.53 -1.79 4.99
C CYS A 62 12.01 -1.76 6.42
N GLY A 63 10.74 -2.12 6.58
CA GLY A 63 10.13 -2.14 7.90
C GLY A 63 11.03 -2.80 8.94
N LYS A 64 11.69 -3.87 8.54
CA LYS A 64 12.58 -4.60 9.44
C LYS A 64 13.42 -3.63 10.28
N ASP A 65 13.58 -2.41 9.77
CA ASP A 65 14.36 -1.40 10.48
C ASP A 65 13.50 -0.69 11.53
N ILE A 66 12.45 -1.36 11.98
CA ILE A 66 11.55 -0.80 12.98
C ILE A 66 11.24 -1.82 14.07
N SER A 67 12.20 -2.03 14.96
CA SER A 67 12.04 -2.97 16.06
C SER A 67 12.30 -2.31 17.41
N GLY A 68 13.41 -1.59 17.50
CA GLY A 68 13.75 -0.91 18.73
C GLY A 68 15.01 -1.47 19.37
N PRO A 69 15.14 -1.28 20.70
CA PRO A 69 16.30 -1.76 21.46
C PRO A 69 16.34 -3.27 21.57
N SER A 70 15.23 -3.91 21.20
CA SER A 70 15.13 -5.37 21.25
C SER A 70 13.87 -5.86 20.55
N SER A 71 13.98 -7.01 19.90
CA SER A 71 12.85 -7.59 19.18
C SER A 71 12.08 -8.56 20.06
N GLY A 72 10.96 -8.10 20.60
CA GLY A 72 10.15 -8.94 21.45
C GLY A 72 9.32 -8.15 22.43
N GLY A 1 -3.24 12.68 5.44
CA GLY A 1 -4.65 12.64 5.76
C GLY A 1 -5.47 13.52 4.83
N SER A 2 -6.52 12.94 4.26
CA SER A 2 -7.39 13.67 3.35
C SER A 2 -8.86 13.27 3.54
N SER A 3 -9.67 14.21 4.00
CA SER A 3 -11.08 13.96 4.22
C SER A 3 -11.87 14.04 2.92
N GLY A 4 -11.35 13.40 1.89
CA GLY A 4 -12.02 13.42 0.60
C GLY A 4 -11.18 12.79 -0.50
N SER A 5 -11.09 11.46 -0.48
CA SER A 5 -10.31 10.74 -1.48
C SER A 5 -10.59 9.24 -1.42
N SER A 6 -11.14 8.69 -2.50
CA SER A 6 -11.46 7.28 -2.56
C SER A 6 -10.89 6.65 -3.83
N GLY A 7 -9.73 6.01 -3.69
CA GLY A 7 -9.09 5.37 -4.84
C GLY A 7 -7.72 4.83 -4.51
N CYS A 8 -7.10 4.15 -5.47
CA CYS A 8 -5.78 3.58 -5.28
C CYS A 8 -4.81 4.62 -4.71
N ALA A 9 -4.61 4.59 -3.40
CA ALA A 9 -3.72 5.52 -2.74
C ALA A 9 -2.44 5.71 -3.55
N GLY A 10 -2.04 4.66 -4.27
CA GLY A 10 -0.82 4.74 -5.07
C GLY A 10 -0.86 5.88 -6.07
N CYS A 11 -1.52 5.66 -7.19
CA CYS A 11 -1.62 6.69 -8.23
C CYS A 11 -2.79 7.64 -7.94
N THR A 12 -3.17 7.72 -6.67
CA THR A 12 -4.26 8.60 -6.26
C THR A 12 -5.35 8.64 -7.33
N ASN A 13 -5.72 7.47 -7.85
CA ASN A 13 -6.76 7.38 -8.87
C ASN A 13 -7.85 6.40 -8.45
N PRO A 14 -9.06 6.60 -9.00
CA PRO A 14 -10.21 5.74 -8.70
C PRO A 14 -10.07 4.35 -9.28
N ILE A 15 -10.29 3.33 -8.45
CA ILE A 15 -10.18 1.94 -8.90
C ILE A 15 -11.50 1.47 -9.51
N SER A 16 -11.40 0.56 -10.47
CA SER A 16 -12.57 0.01 -11.13
C SER A 16 -13.75 -0.09 -10.18
N GLY A 17 -13.58 -0.91 -9.14
CA GLY A 17 -14.64 -1.07 -8.15
C GLY A 17 -15.92 -1.62 -8.76
N LEU A 18 -15.78 -2.62 -9.64
CA LEU A 18 -16.93 -3.22 -10.29
C LEU A 18 -16.87 -4.74 -10.21
N GLY A 19 -16.41 -5.25 -9.07
CA GLY A 19 -16.31 -6.68 -8.88
C GLY A 19 -15.20 -7.30 -9.70
N GLY A 20 -14.35 -8.09 -9.04
CA GLY A 20 -13.25 -8.73 -9.74
C GLY A 20 -12.46 -7.76 -10.59
N THR A 21 -11.46 -7.12 -9.98
CA THR A 21 -10.63 -6.15 -10.69
C THR A 21 -9.15 -6.48 -10.54
N LYS A 22 -8.85 -7.41 -9.63
CA LYS A 22 -7.47 -7.82 -9.40
C LYS A 22 -6.63 -6.66 -8.86
N TYR A 23 -7.13 -6.02 -7.82
CA TYR A 23 -6.43 -4.90 -7.21
C TYR A 23 -6.05 -5.20 -5.76
N ILE A 24 -5.36 -4.26 -5.13
CA ILE A 24 -4.93 -4.42 -3.74
C ILE A 24 -5.88 -3.69 -2.79
N SER A 25 -6.48 -4.43 -1.87
CA SER A 25 -7.40 -3.86 -0.90
C SER A 25 -6.90 -4.07 0.52
N PHE A 26 -6.82 -2.99 1.29
CA PHE A 26 -6.36 -3.06 2.66
C PHE A 26 -7.45 -2.61 3.62
N GLU A 27 -7.16 -2.69 4.92
CA GLU A 27 -8.12 -2.30 5.95
C GLU A 27 -9.00 -1.15 5.46
N GLU A 28 -8.36 -0.06 5.04
CA GLU A 28 -9.07 1.11 4.56
C GLU A 28 -8.49 1.60 3.24
N ARG A 29 -7.17 1.65 3.16
CA ARG A 29 -6.48 2.09 1.96
C ARG A 29 -6.52 1.02 0.88
N GLN A 30 -6.27 1.42 -0.36
CA GLN A 30 -6.27 0.49 -1.48
C GLN A 30 -5.23 0.88 -2.53
N TRP A 31 -4.71 -0.11 -3.24
CA TRP A 31 -3.70 0.14 -4.27
C TRP A 31 -3.91 -0.78 -5.47
N HIS A 32 -3.15 -0.55 -6.53
CA HIS A 32 -3.26 -1.34 -7.74
C HIS A 32 -2.18 -2.44 -7.76
N ASN A 33 -2.57 -3.64 -8.15
CA ASN A 33 -1.65 -4.77 -8.21
C ASN A 33 -0.25 -4.30 -8.62
N ASP A 34 -0.20 -3.27 -9.47
CA ASP A 34 1.06 -2.73 -9.94
C ASP A 34 1.54 -1.61 -9.02
N CYS A 35 0.69 -0.60 -8.84
CA CYS A 35 1.03 0.53 -8.00
C CYS A 35 1.54 0.07 -6.63
N PHE A 36 0.79 -0.81 -5.99
CA PHE A 36 1.16 -1.34 -4.69
C PHE A 36 2.66 -1.60 -4.61
N ASN A 37 3.38 -0.67 -3.98
CA ASN A 37 4.84 -0.79 -3.85
C ASN A 37 5.33 -0.02 -2.64
N CYS A 38 6.43 -0.49 -2.06
CA CYS A 38 7.02 0.16 -0.89
C CYS A 38 7.08 1.67 -1.09
N LYS A 39 7.33 2.39 0.01
CA LYS A 39 7.43 3.84 -0.04
C LYS A 39 8.87 4.31 0.08
N LYS A 40 9.73 3.42 0.56
CA LYS A 40 11.14 3.73 0.73
C LYS A 40 11.95 3.25 -0.48
N CYS A 41 11.87 1.96 -0.78
CA CYS A 41 12.59 1.38 -1.90
C CYS A 41 11.67 1.23 -3.11
N SER A 42 10.36 1.33 -2.87
CA SER A 42 9.38 1.20 -3.95
C SER A 42 9.50 -0.16 -4.62
N LEU A 43 9.42 -1.23 -3.84
CA LEU A 43 9.52 -2.58 -4.35
C LEU A 43 8.16 -3.25 -4.44
N SER A 44 8.04 -4.28 -5.26
CA SER A 44 6.79 -4.99 -5.43
C SER A 44 6.31 -5.57 -4.11
N LEU A 45 5.19 -5.06 -3.62
CA LEU A 45 4.62 -5.53 -2.36
C LEU A 45 3.46 -6.49 -2.60
N VAL A 46 2.76 -6.30 -3.72
CA VAL A 46 1.63 -7.15 -4.07
C VAL A 46 2.00 -8.62 -3.95
N GLY A 47 1.41 -9.29 -2.95
CA GLY A 47 1.68 -10.69 -2.74
C GLY A 47 2.85 -10.92 -1.79
N ARG A 48 3.05 -9.97 -0.88
CA ARG A 48 4.14 -10.07 0.10
C ARG A 48 3.67 -9.63 1.48
N GLY A 49 4.59 -9.61 2.43
CA GLY A 49 4.26 -9.21 3.79
C GLY A 49 4.50 -7.73 4.03
N PHE A 50 3.87 -6.89 3.23
CA PHE A 50 4.03 -5.44 3.36
C PHE A 50 3.56 -4.97 4.74
N LEU A 51 4.22 -3.95 5.27
CA LEU A 51 3.87 -3.40 6.57
C LEU A 51 2.99 -2.16 6.43
N THR A 52 2.66 -1.54 7.55
CA THR A 52 1.83 -0.35 7.55
C THR A 52 2.48 0.79 8.34
N GLU A 53 3.02 1.77 7.61
CA GLU A 53 3.67 2.90 8.25
C GLU A 53 2.65 3.95 8.67
N ARG A 54 3.09 4.90 9.50
CA ARG A 54 2.22 5.96 9.98
C ARG A 54 1.19 6.35 8.92
N ASP A 55 1.65 7.03 7.89
CA ASP A 55 0.77 7.46 6.79
C ASP A 55 1.26 6.92 5.46
N ASP A 56 1.93 5.78 5.50
CA ASP A 56 2.45 5.15 4.29
C ASP A 56 2.74 3.67 4.52
N ILE A 57 3.05 2.96 3.44
CA ILE A 57 3.35 1.53 3.52
C ILE A 57 4.81 1.26 3.23
N LEU A 58 5.29 0.10 3.67
CA LEU A 58 6.68 -0.29 3.45
C LEU A 58 6.81 -1.80 3.33
N CYS A 59 8.00 -2.26 2.94
CA CYS A 59 8.25 -3.68 2.78
C CYS A 59 9.08 -4.22 3.95
N PRO A 60 8.97 -5.54 4.19
CA PRO A 60 9.71 -6.21 5.27
C PRO A 60 11.18 -5.83 5.28
N ASP A 61 11.77 -5.70 4.11
CA ASP A 61 13.18 -5.35 3.98
C ASP A 61 13.45 -3.98 4.60
N CYS A 62 12.50 -3.07 4.44
CA CYS A 62 12.64 -1.72 4.97
C CYS A 62 12.11 -1.65 6.41
N GLY A 63 10.85 -2.03 6.60
CA GLY A 63 10.26 -2.01 7.92
C GLY A 63 11.15 -2.65 8.97
N LYS A 64 11.64 -3.85 8.66
CA LYS A 64 12.50 -4.58 9.59
C LYS A 64 13.39 -3.61 10.37
N ASP A 65 13.95 -2.63 9.67
CA ASP A 65 14.82 -1.65 10.30
C ASP A 65 14.20 -1.11 11.58
N ILE A 66 12.94 -0.70 11.49
CA ILE A 66 12.22 -0.16 12.63
C ILE A 66 12.38 -1.07 13.85
N SER A 67 13.22 -0.62 14.80
CA SER A 67 13.46 -1.39 16.02
C SER A 67 12.78 -0.73 17.22
N GLY A 68 11.54 -0.28 17.02
CA GLY A 68 10.81 0.35 18.09
C GLY A 68 11.57 1.50 18.72
N PRO A 69 11.00 2.09 19.78
CA PRO A 69 11.62 3.22 20.49
C PRO A 69 12.86 2.78 21.28
N SER A 70 14.00 2.73 20.61
CA SER A 70 15.24 2.33 21.25
C SER A 70 16.26 3.47 21.21
N SER A 71 16.22 4.32 22.23
CA SER A 71 17.14 5.45 22.32
C SER A 71 18.03 5.34 23.56
N GLY A 72 19.14 4.61 23.41
CA GLY A 72 20.06 4.44 24.52
C GLY A 72 19.38 3.87 25.75
N GLY A 1 -11.27 15.62 5.10
CA GLY A 1 -11.08 14.80 3.93
C GLY A 1 -11.30 15.57 2.64
N SER A 2 -10.81 16.80 2.60
CA SER A 2 -10.95 17.65 1.43
C SER A 2 -10.46 16.93 0.17
N SER A 3 -9.22 16.45 0.22
CA SER A 3 -8.63 15.75 -0.91
C SER A 3 -8.54 14.25 -0.63
N GLY A 4 -9.56 13.52 -1.09
CA GLY A 4 -9.58 12.08 -0.89
C GLY A 4 -10.73 11.42 -1.62
N SER A 5 -10.61 10.11 -1.86
CA SER A 5 -11.64 9.36 -2.55
C SER A 5 -11.38 7.87 -2.45
N SER A 6 -12.23 7.16 -1.69
CA SER A 6 -12.09 5.74 -1.52
C SER A 6 -11.60 5.07 -2.79
N GLY A 7 -10.34 4.63 -2.79
CA GLY A 7 -9.78 3.98 -3.96
C GLY A 7 -8.31 3.65 -3.79
N CYS A 8 -7.58 3.62 -4.90
CA CYS A 8 -6.16 3.31 -4.87
C CYS A 8 -5.35 4.54 -4.44
N ALA A 9 -4.98 4.57 -3.16
CA ALA A 9 -4.20 5.68 -2.63
C ALA A 9 -2.99 5.97 -3.50
N GLY A 10 -2.51 4.95 -4.20
CA GLY A 10 -1.35 5.11 -5.06
C GLY A 10 -1.57 6.20 -6.10
N CYS A 11 -2.28 5.86 -7.17
CA CYS A 11 -2.55 6.81 -8.24
C CYS A 11 -3.83 7.58 -7.97
N THR A 12 -4.17 7.74 -6.69
CA THR A 12 -5.37 8.47 -6.30
C THR A 12 -6.48 8.27 -7.32
N ASN A 13 -6.78 7.01 -7.65
CA ASN A 13 -7.82 6.70 -8.61
C ASN A 13 -8.72 5.57 -8.10
N PRO A 14 -9.96 5.54 -8.60
CA PRO A 14 -10.93 4.52 -8.20
C PRO A 14 -10.58 3.13 -8.73
N ILE A 15 -10.90 2.10 -7.96
CA ILE A 15 -10.62 0.73 -8.36
C ILE A 15 -11.90 -0.01 -8.74
N SER A 16 -12.95 0.21 -7.96
CA SER A 16 -14.23 -0.43 -8.21
C SER A 16 -14.53 -0.50 -9.71
N GLY A 17 -14.59 -1.70 -10.25
CA GLY A 17 -14.86 -1.88 -11.67
C GLY A 17 -16.17 -2.59 -11.92
N LEU A 18 -16.12 -3.64 -12.73
CA LEU A 18 -17.32 -4.41 -13.05
C LEU A 18 -17.22 -5.83 -12.51
N GLY A 19 -16.11 -6.50 -12.81
CA GLY A 19 -15.90 -7.85 -12.34
C GLY A 19 -14.90 -7.93 -11.22
N GLY A 20 -13.90 -8.79 -11.37
CA GLY A 20 -12.88 -8.94 -10.34
C GLY A 20 -11.64 -8.12 -10.63
N THR A 21 -10.63 -8.27 -9.79
CA THR A 21 -9.38 -7.53 -9.95
C THR A 21 -8.34 -7.96 -8.91
N LYS A 22 -7.10 -8.14 -9.36
CA LYS A 22 -6.02 -8.55 -8.48
C LYS A 22 -5.46 -7.35 -7.71
N TYR A 23 -6.17 -6.22 -7.78
CA TYR A 23 -5.74 -5.02 -7.09
C TYR A 23 -5.49 -5.29 -5.61
N ILE A 24 -4.86 -4.33 -4.94
CA ILE A 24 -4.56 -4.46 -3.52
C ILE A 24 -5.59 -3.75 -2.67
N SER A 25 -6.03 -4.41 -1.60
CA SER A 25 -7.03 -3.84 -0.70
C SER A 25 -6.60 -4.00 0.76
N PHE A 26 -6.69 -2.91 1.52
CA PHE A 26 -6.31 -2.92 2.92
C PHE A 26 -7.49 -2.54 3.80
N GLU A 27 -7.30 -2.63 5.12
CA GLU A 27 -8.34 -2.28 6.07
C GLU A 27 -9.23 -1.17 5.53
N GLU A 28 -8.60 -0.10 5.06
CA GLU A 28 -9.33 1.04 4.51
C GLU A 28 -8.71 1.52 3.21
N ARG A 29 -7.38 1.58 3.19
CA ARG A 29 -6.65 2.02 2.00
C ARG A 29 -6.58 0.91 0.96
N GLN A 30 -6.21 1.28 -0.27
CA GLN A 30 -6.11 0.31 -1.35
C GLN A 30 -5.02 0.71 -2.34
N TRP A 31 -4.74 -0.17 -3.29
CA TRP A 31 -3.71 0.10 -4.29
C TRP A 31 -3.87 -0.83 -5.49
N HIS A 32 -2.93 -0.75 -6.42
CA HIS A 32 -2.97 -1.58 -7.62
C HIS A 32 -1.75 -2.51 -7.68
N ASN A 33 -1.81 -3.51 -8.55
CA ASN A 33 -0.72 -4.47 -8.70
C ASN A 33 0.59 -3.74 -9.00
N ASP A 34 0.49 -2.58 -9.64
CA ASP A 34 1.66 -1.79 -9.98
C ASP A 34 1.88 -0.66 -8.98
N CYS A 35 0.82 0.11 -8.73
CA CYS A 35 0.89 1.22 -7.79
C CYS A 35 1.40 0.75 -6.43
N PHE A 36 0.84 -0.35 -5.94
CA PHE A 36 1.24 -0.91 -4.65
C PHE A 36 2.75 -1.14 -4.60
N ASN A 37 3.47 -0.16 -4.04
CA ASN A 37 4.92 -0.26 -3.94
C ASN A 37 5.41 0.42 -2.67
N CYS A 38 6.50 -0.11 -2.10
CA CYS A 38 7.07 0.44 -0.88
C CYS A 38 7.16 1.97 -0.96
N LYS A 39 7.39 2.61 0.18
CA LYS A 39 7.50 4.06 0.24
C LYS A 39 8.97 4.49 0.42
N LYS A 40 9.85 3.51 0.57
CA LYS A 40 11.27 3.79 0.75
C LYS A 40 12.07 3.28 -0.44
N CYS A 41 11.73 2.09 -0.93
CA CYS A 41 12.43 1.50 -2.07
C CYS A 41 11.47 1.28 -3.23
N SER A 42 10.19 1.64 -3.03
CA SER A 42 9.18 1.48 -4.06
C SER A 42 9.27 0.10 -4.70
N LEU A 43 9.41 -0.92 -3.87
CA LEU A 43 9.51 -2.30 -4.36
C LEU A 43 8.12 -2.94 -4.45
N SER A 44 7.96 -3.85 -5.40
CA SER A 44 6.70 -4.54 -5.59
C SER A 44 6.23 -5.20 -4.30
N LEU A 45 5.15 -4.67 -3.73
CA LEU A 45 4.61 -5.22 -2.49
C LEU A 45 3.43 -6.16 -2.78
N VAL A 46 2.76 -5.94 -3.90
CA VAL A 46 1.64 -6.77 -4.29
C VAL A 46 1.95 -8.26 -4.11
N GLY A 47 1.21 -8.91 -3.23
CA GLY A 47 1.43 -10.32 -2.97
C GLY A 47 2.59 -10.58 -2.03
N ARG A 48 2.79 -9.66 -1.09
CA ARG A 48 3.87 -9.79 -0.11
C ARG A 48 3.39 -9.38 1.27
N GLY A 49 4.28 -9.51 2.26
CA GLY A 49 3.93 -9.16 3.62
C GLY A 49 4.26 -7.71 3.95
N PHE A 50 3.78 -6.80 3.11
CA PHE A 50 4.03 -5.38 3.31
C PHE A 50 3.56 -4.94 4.70
N LEU A 51 4.11 -3.82 5.18
CA LEU A 51 3.76 -3.30 6.50
C LEU A 51 2.87 -2.07 6.36
N THR A 52 2.55 -1.46 7.50
CA THR A 52 1.70 -0.27 7.51
C THR A 52 2.35 0.86 8.32
N GLU A 53 2.90 1.84 7.62
CA GLU A 53 3.54 2.97 8.27
C GLU A 53 2.52 4.01 8.71
N ARG A 54 2.93 4.90 9.60
CA ARG A 54 2.04 5.95 10.11
C ARG A 54 1.06 6.39 9.03
N ASP A 55 1.57 7.06 8.01
CA ASP A 55 0.74 7.53 6.90
C ASP A 55 1.26 7.03 5.56
N ASP A 56 1.97 5.90 5.60
CA ASP A 56 2.52 5.31 4.39
C ASP A 56 2.75 3.82 4.56
N ILE A 57 3.14 3.15 3.48
CA ILE A 57 3.38 1.72 3.51
C ILE A 57 4.84 1.40 3.21
N LEU A 58 5.31 0.25 3.68
CA LEU A 58 6.68 -0.17 3.45
C LEU A 58 6.78 -1.69 3.30
N CYS A 59 7.94 -2.16 2.88
CA CYS A 59 8.16 -3.59 2.69
C CYS A 59 8.97 -4.17 3.85
N PRO A 60 8.83 -5.49 4.06
CA PRO A 60 9.54 -6.20 5.13
C PRO A 60 11.03 -5.85 5.17
N ASP A 61 11.62 -5.66 4.00
CA ASP A 61 13.04 -5.31 3.90
C ASP A 61 13.31 -3.96 4.56
N CYS A 62 12.40 -3.02 4.36
CA CYS A 62 12.55 -1.69 4.93
C CYS A 62 12.02 -1.65 6.37
N GLY A 63 10.77 -2.06 6.55
CA GLY A 63 10.17 -2.08 7.87
C GLY A 63 11.04 -2.78 8.89
N LYS A 64 11.42 -4.01 8.59
CA LYS A 64 12.25 -4.80 9.49
C LYS A 64 13.28 -3.91 10.21
N ASP A 65 13.89 -3.02 9.45
CA ASP A 65 14.89 -2.11 10.01
C ASP A 65 14.28 -1.25 11.10
N ILE A 66 13.09 -0.74 10.84
CA ILE A 66 12.40 0.11 11.81
C ILE A 66 12.09 -0.66 13.09
N SER A 67 12.72 -0.23 14.19
CA SER A 67 12.51 -0.88 15.48
C SER A 67 11.03 -0.95 15.83
N GLY A 68 10.36 0.20 15.77
CA GLY A 68 8.95 0.25 16.08
C GLY A 68 8.67 -0.05 17.54
N PRO A 69 7.97 0.88 18.22
CA PRO A 69 7.63 0.74 19.63
C PRO A 69 6.58 -0.34 19.86
N SER A 70 5.86 -0.71 18.80
CA SER A 70 4.83 -1.73 18.89
C SER A 70 5.06 -2.82 17.87
N SER A 71 5.10 -2.44 16.59
CA SER A 71 5.32 -3.41 15.51
C SER A 71 6.71 -4.03 15.61
N GLY A 72 6.84 -5.24 15.11
CA GLY A 72 8.12 -5.93 15.14
C GLY A 72 8.61 -6.18 16.55
N GLY A 1 -14.04 17.07 -12.79
CA GLY A 1 -14.19 15.74 -13.34
C GLY A 1 -14.29 14.68 -12.28
N SER A 2 -13.76 13.50 -12.56
CA SER A 2 -13.79 12.38 -11.61
C SER A 2 -12.79 12.61 -10.48
N SER A 3 -13.29 13.03 -9.33
CA SER A 3 -12.45 13.29 -8.18
C SER A 3 -13.03 12.63 -6.93
N GLY A 4 -12.16 12.33 -5.97
CA GLY A 4 -12.60 11.70 -4.74
C GLY A 4 -11.45 11.09 -3.95
N SER A 5 -11.59 11.05 -2.64
CA SER A 5 -10.56 10.50 -1.77
C SER A 5 -10.70 8.98 -1.65
N SER A 6 -10.98 8.33 -2.77
CA SER A 6 -11.16 6.88 -2.79
C SER A 6 -10.42 6.26 -3.97
N GLY A 7 -10.36 4.94 -4.00
CA GLY A 7 -9.69 4.24 -5.07
C GLY A 7 -8.27 3.83 -4.72
N CYS A 8 -7.41 3.73 -5.72
CA CYS A 8 -6.03 3.34 -5.50
C CYS A 8 -5.21 4.51 -4.97
N ALA A 9 -4.95 4.50 -3.66
CA ALA A 9 -4.18 5.57 -3.03
C ALA A 9 -2.88 5.81 -3.79
N GLY A 10 -2.38 4.79 -4.47
CA GLY A 10 -1.15 4.91 -5.22
C GLY A 10 -1.21 6.02 -6.26
N CYS A 11 -1.86 5.74 -7.38
CA CYS A 11 -1.98 6.73 -8.45
C CYS A 11 -3.26 7.55 -8.29
N THR A 12 -3.73 7.67 -7.05
CA THR A 12 -4.94 8.42 -6.76
C THR A 12 -5.94 8.31 -7.90
N ASN A 13 -6.29 7.09 -8.27
CA ASN A 13 -7.24 6.84 -9.34
C ASN A 13 -8.29 5.82 -8.92
N PRO A 14 -9.44 5.84 -9.62
CA PRO A 14 -10.55 4.92 -9.34
C PRO A 14 -10.22 3.48 -9.73
N ILE A 15 -10.40 2.56 -8.78
CA ILE A 15 -10.13 1.16 -9.03
C ILE A 15 -11.33 0.45 -9.65
N SER A 16 -12.48 0.56 -8.97
CA SER A 16 -13.71 -0.06 -9.45
C SER A 16 -13.97 0.31 -10.90
N GLY A 17 -14.20 -0.71 -11.74
CA GLY A 17 -14.46 -0.46 -13.14
C GLY A 17 -14.98 -1.69 -13.85
N LEU A 18 -14.10 -2.64 -14.12
CA LEU A 18 -14.48 -3.88 -14.80
C LEU A 18 -14.69 -5.01 -13.80
N GLY A 19 -15.94 -5.19 -13.37
CA GLY A 19 -16.25 -6.23 -12.42
C GLY A 19 -15.17 -6.42 -11.38
N GLY A 20 -14.71 -7.66 -11.22
CA GLY A 20 -13.68 -7.95 -10.24
C GLY A 20 -12.38 -7.23 -10.56
N THR A 21 -11.35 -7.49 -9.75
CA THR A 21 -10.06 -6.85 -9.94
C THR A 21 -9.02 -7.42 -8.97
N LYS A 22 -7.82 -7.68 -9.48
CA LYS A 22 -6.74 -8.22 -8.66
C LYS A 22 -6.05 -7.11 -7.87
N TYR A 23 -6.64 -5.93 -7.88
CA TYR A 23 -6.08 -4.78 -7.17
C TYR A 23 -5.82 -5.12 -5.70
N ILE A 24 -5.10 -4.25 -5.02
CA ILE A 24 -4.78 -4.47 -3.61
C ILE A 24 -5.76 -3.73 -2.71
N SER A 25 -6.42 -4.46 -1.83
CA SER A 25 -7.39 -3.87 -0.91
C SER A 25 -6.94 -4.07 0.55
N PHE A 26 -6.91 -2.98 1.30
CA PHE A 26 -6.51 -3.02 2.70
C PHE A 26 -7.64 -2.56 3.61
N GLU A 27 -7.41 -2.65 4.92
CA GLU A 27 -8.42 -2.23 5.90
C GLU A 27 -9.25 -1.06 5.36
N GLU A 28 -8.57 0.00 4.95
CA GLU A 28 -9.24 1.17 4.42
C GLU A 28 -8.59 1.64 3.13
N ARG A 29 -7.26 1.66 3.12
CA ARG A 29 -6.51 2.09 1.94
C ARG A 29 -6.54 1.02 0.86
N GLN A 30 -6.21 1.42 -0.37
CA GLN A 30 -6.20 0.49 -1.49
C GLN A 30 -5.08 0.84 -2.47
N TRP A 31 -4.83 -0.07 -3.41
CA TRP A 31 -3.78 0.13 -4.40
C TRP A 31 -3.97 -0.80 -5.59
N HIS A 32 -3.07 -0.69 -6.58
CA HIS A 32 -3.15 -1.53 -7.76
C HIS A 32 -2.08 -2.62 -7.74
N ASN A 33 -2.34 -3.72 -8.43
CA ASN A 33 -1.40 -4.82 -8.49
C ASN A 33 0.00 -4.33 -8.82
N ASP A 34 0.09 -3.17 -9.45
CA ASP A 34 1.37 -2.58 -9.82
C ASP A 34 1.74 -1.44 -8.88
N CYS A 35 0.83 -0.48 -8.74
CA CYS A 35 1.06 0.67 -7.87
C CYS A 35 1.50 0.22 -6.49
N PHE A 36 0.85 -0.80 -5.96
CA PHE A 36 1.17 -1.33 -4.64
C PHE A 36 2.66 -1.62 -4.52
N ASN A 37 3.42 -0.63 -4.04
CA ASN A 37 4.86 -0.78 -3.89
C ASN A 37 5.36 -0.01 -2.68
N CYS A 38 6.43 -0.50 -2.07
CA CYS A 38 7.01 0.16 -0.90
C CYS A 38 7.07 1.67 -1.09
N LYS A 39 7.32 2.39 0.00
CA LYS A 39 7.40 3.84 -0.05
C LYS A 39 8.85 4.31 0.06
N LYS A 40 9.73 3.42 0.49
CA LYS A 40 11.15 3.73 0.63
C LYS A 40 11.93 3.26 -0.58
N CYS A 41 11.88 1.96 -0.85
CA CYS A 41 12.58 1.38 -1.98
C CYS A 41 11.65 1.24 -3.19
N SER A 42 10.36 1.33 -2.93
CA SER A 42 9.36 1.22 -4.00
C SER A 42 9.45 -0.14 -4.68
N LEU A 43 9.35 -1.21 -3.87
CA LEU A 43 9.42 -2.56 -4.39
C LEU A 43 8.03 -3.20 -4.45
N SER A 44 7.85 -4.15 -5.36
CA SER A 44 6.57 -4.82 -5.52
C SER A 44 6.14 -5.47 -4.21
N LEU A 45 5.03 -4.98 -3.66
CA LEU A 45 4.50 -5.52 -2.41
C LEU A 45 3.36 -6.48 -2.67
N VAL A 46 2.67 -6.30 -3.79
CA VAL A 46 1.55 -7.16 -4.15
C VAL A 46 1.88 -8.62 -3.90
N GLY A 47 1.19 -9.23 -2.95
CA GLY A 47 1.43 -10.63 -2.63
C GLY A 47 2.61 -10.82 -1.70
N ARG A 48 2.83 -9.84 -0.83
CA ARG A 48 3.94 -9.91 0.12
C ARG A 48 3.50 -9.47 1.51
N GLY A 49 4.41 -9.57 2.48
CA GLY A 49 4.09 -9.18 3.84
C GLY A 49 4.37 -7.71 4.11
N PHE A 50 3.84 -6.84 3.26
CA PHE A 50 4.03 -5.41 3.41
C PHE A 50 3.58 -4.94 4.78
N LEU A 51 4.24 -3.90 5.29
CA LEU A 51 3.90 -3.35 6.60
C LEU A 51 3.01 -2.12 6.46
N THR A 52 2.64 -1.53 7.59
CA THR A 52 1.79 -0.34 7.59
C THR A 52 2.41 0.77 8.44
N GLU A 53 3.02 1.74 7.76
CA GLU A 53 3.65 2.86 8.45
C GLU A 53 2.60 3.90 8.86
N ARG A 54 3.00 4.81 9.74
CA ARG A 54 2.11 5.85 10.22
C ARG A 54 1.11 6.24 9.14
N ASP A 55 1.58 6.94 8.12
CA ASP A 55 0.73 7.38 7.02
C ASP A 55 1.27 6.89 5.68
N ASP A 56 2.00 5.77 5.72
CA ASP A 56 2.57 5.20 4.50
C ASP A 56 2.84 3.72 4.68
N ILE A 57 3.09 3.03 3.57
CA ILE A 57 3.37 1.60 3.60
C ILE A 57 4.83 1.31 3.30
N LEU A 58 5.29 0.13 3.69
CA LEU A 58 6.68 -0.27 3.45
C LEU A 58 6.79 -1.79 3.32
N CYS A 59 7.97 -2.26 2.93
CA CYS A 59 8.21 -3.68 2.77
C CYS A 59 9.04 -4.24 3.94
N PRO A 60 8.91 -5.55 4.18
CA PRO A 60 9.63 -6.22 5.26
C PRO A 60 11.11 -5.87 5.29
N ASP A 61 11.68 -5.66 4.10
CA ASP A 61 13.09 -5.30 3.99
C ASP A 61 13.37 -3.94 4.62
N CYS A 62 12.47 -2.99 4.38
CA CYS A 62 12.60 -1.65 4.92
C CYS A 62 12.10 -1.58 6.35
N GLY A 63 10.87 -2.04 6.57
CA GLY A 63 10.29 -2.03 7.90
C GLY A 63 11.18 -2.71 8.93
N LYS A 64 11.60 -3.93 8.63
CA LYS A 64 12.46 -4.70 9.52
C LYS A 64 13.56 -3.81 10.10
N ASP A 65 14.15 -3.00 9.24
CA ASP A 65 15.24 -2.10 9.67
C ASP A 65 14.78 -1.25 10.85
N ILE A 66 13.60 -0.68 10.75
CA ILE A 66 13.06 0.16 11.82
C ILE A 66 13.41 -0.39 13.19
N SER A 67 14.34 0.27 13.86
CA SER A 67 14.79 -0.16 15.20
C SER A 67 14.24 0.77 16.28
N GLY A 68 12.96 1.11 16.17
CA GLY A 68 12.34 2.00 17.14
C GLY A 68 11.59 1.24 18.22
N PRO A 69 10.50 1.84 18.73
CA PRO A 69 9.68 1.24 19.77
C PRO A 69 8.89 0.03 19.27
N SER A 70 8.68 -0.02 17.96
CA SER A 70 7.94 -1.12 17.35
C SER A 70 8.46 -2.47 17.85
N SER A 71 9.74 -2.71 17.65
CA SER A 71 10.36 -3.96 18.08
C SER A 71 11.33 -3.72 19.23
N GLY A 72 11.49 -4.72 20.10
CA GLY A 72 12.38 -4.60 21.23
C GLY A 72 13.78 -4.16 20.82
N GLY A 1 -13.34 18.26 -6.95
CA GLY A 1 -13.22 16.81 -6.89
C GLY A 1 -13.78 16.24 -5.61
N SER A 2 -15.03 16.59 -5.31
CA SER A 2 -15.68 16.10 -4.09
C SER A 2 -16.10 14.65 -4.25
N SER A 3 -15.33 13.75 -3.62
CA SER A 3 -15.62 12.32 -3.69
C SER A 3 -15.01 11.59 -2.50
N GLY A 4 -15.81 10.74 -1.86
CA GLY A 4 -15.34 9.99 -0.72
C GLY A 4 -14.47 8.82 -1.11
N SER A 5 -14.87 8.10 -2.17
CA SER A 5 -14.13 6.95 -2.64
C SER A 5 -12.77 7.37 -3.22
N SER A 6 -11.76 7.39 -2.37
CA SER A 6 -10.42 7.78 -2.79
C SER A 6 -9.89 6.82 -3.85
N GLY A 7 -9.95 5.53 -3.57
CA GLY A 7 -9.47 4.54 -4.50
C GLY A 7 -8.04 4.11 -4.22
N CYS A 8 -7.30 3.78 -5.28
CA CYS A 8 -5.92 3.35 -5.14
C CYS A 8 -5.04 4.50 -4.66
N ALA A 9 -4.71 4.50 -3.38
CA ALA A 9 -3.87 5.54 -2.80
C ALA A 9 -2.62 5.77 -3.65
N GLY A 10 -2.20 4.74 -4.37
CA GLY A 10 -1.02 4.86 -5.21
C GLY A 10 -1.15 5.96 -6.24
N CYS A 11 -1.84 5.66 -7.33
CA CYS A 11 -2.04 6.63 -8.41
C CYS A 11 -3.23 7.53 -8.11
N THR A 12 -3.55 7.68 -6.83
CA THR A 12 -4.67 8.51 -6.42
C THR A 12 -5.81 8.46 -7.43
N ASN A 13 -6.18 7.25 -7.83
CA ASN A 13 -7.26 7.06 -8.80
C ASN A 13 -8.23 5.99 -8.33
N PRO A 14 -9.47 6.05 -8.83
CA PRO A 14 -10.51 5.09 -8.49
C PRO A 14 -10.25 3.71 -9.08
N ILE A 15 -10.38 2.68 -8.23
CA ILE A 15 -10.15 1.31 -8.67
C ILE A 15 -11.44 0.66 -9.17
N SER A 16 -11.59 0.59 -10.48
CA SER A 16 -12.78 0.00 -11.09
C SER A 16 -12.61 -0.15 -12.59
N GLY A 17 -13.27 -1.16 -13.15
CA GLY A 17 -13.18 -1.40 -14.58
C GLY A 17 -13.47 -2.84 -14.96
N LEU A 18 -12.41 -3.59 -15.23
CA LEU A 18 -12.56 -5.00 -15.59
C LEU A 18 -13.41 -5.75 -14.57
N GLY A 19 -13.97 -6.88 -14.99
CA GLY A 19 -14.80 -7.67 -14.10
C GLY A 19 -14.33 -7.60 -12.65
N GLY A 20 -13.16 -8.15 -12.39
CA GLY A 20 -12.63 -8.14 -11.05
C GLY A 20 -11.11 -8.08 -11.02
N THR A 21 -10.57 -6.86 -10.97
CA THR A 21 -9.13 -6.66 -10.95
C THR A 21 -8.52 -7.19 -9.65
N LYS A 22 -7.27 -7.63 -9.73
CA LYS A 22 -6.58 -8.16 -8.56
C LYS A 22 -5.96 -7.03 -7.73
N TYR A 23 -6.55 -5.85 -7.82
CA TYR A 23 -6.06 -4.69 -7.08
C TYR A 23 -5.84 -5.04 -5.61
N ILE A 24 -5.00 -4.26 -4.95
CA ILE A 24 -4.70 -4.48 -3.53
C ILE A 24 -5.71 -3.76 -2.64
N SER A 25 -6.33 -4.52 -1.74
CA SER A 25 -7.31 -3.97 -0.82
C SER A 25 -6.87 -4.14 0.63
N PHE A 26 -6.81 -3.03 1.37
CA PHE A 26 -6.41 -3.07 2.76
C PHE A 26 -7.54 -2.60 3.67
N GLU A 27 -7.30 -2.62 4.98
CA GLU A 27 -8.30 -2.21 5.95
C GLU A 27 -9.15 -1.07 5.40
N GLU A 28 -8.51 0.01 4.98
CA GLU A 28 -9.21 1.16 4.43
C GLU A 28 -8.57 1.62 3.13
N ARG A 29 -7.24 1.67 3.11
CA ARG A 29 -6.50 2.08 1.92
C ARG A 29 -6.49 0.97 0.87
N GLN A 30 -6.10 1.32 -0.35
CA GLN A 30 -6.04 0.35 -1.44
C GLN A 30 -4.94 0.72 -2.43
N TRP A 31 -4.65 -0.20 -3.35
CA TRP A 31 -3.63 0.04 -4.36
C TRP A 31 -3.81 -0.90 -5.55
N HIS A 32 -2.86 -0.86 -6.48
CA HIS A 32 -2.92 -1.70 -7.67
C HIS A 32 -1.76 -2.68 -7.69
N ASN A 33 -1.90 -3.76 -8.46
CA ASN A 33 -0.86 -4.77 -8.57
C ASN A 33 0.50 -4.14 -8.87
N ASP A 34 0.47 -2.94 -9.46
CA ASP A 34 1.69 -2.23 -9.78
C ASP A 34 1.92 -1.07 -8.81
N CYS A 35 0.92 -0.20 -8.68
CA CYS A 35 1.01 0.94 -7.79
C CYS A 35 1.45 0.51 -6.39
N PHE A 36 0.91 -0.61 -5.94
CA PHE A 36 1.23 -1.13 -4.61
C PHE A 36 2.73 -1.41 -4.49
N ASN A 37 3.48 -0.40 -4.06
CA ASN A 37 4.93 -0.53 -3.90
C ASN A 37 5.41 0.21 -2.66
N CYS A 38 6.51 -0.25 -2.09
CA CYS A 38 7.09 0.37 -0.90
C CYS A 38 7.15 1.89 -1.06
N LYS A 39 7.40 2.59 0.04
CA LYS A 39 7.49 4.04 0.02
C LYS A 39 8.94 4.50 0.13
N LYS A 40 9.81 3.60 0.56
CA LYS A 40 11.22 3.91 0.72
C LYS A 40 12.01 3.42 -0.50
N CYS A 41 11.94 2.12 -0.78
CA CYS A 41 12.65 1.54 -1.91
C CYS A 41 11.73 1.42 -3.12
N SER A 42 10.43 1.56 -2.88
CA SER A 42 9.44 1.45 -3.95
C SER A 42 9.53 0.10 -4.65
N LEU A 43 9.45 -0.96 -3.86
CA LEU A 43 9.52 -2.32 -4.41
C LEU A 43 8.14 -2.97 -4.44
N SER A 44 7.93 -3.85 -5.42
CA SER A 44 6.66 -4.53 -5.57
C SER A 44 6.26 -5.22 -4.27
N LEU A 45 5.12 -4.82 -3.72
CA LEU A 45 4.62 -5.40 -2.47
C LEU A 45 3.51 -6.41 -2.74
N VAL A 46 2.76 -6.18 -3.82
CA VAL A 46 1.68 -7.07 -4.19
C VAL A 46 2.07 -8.53 -3.98
N GLY A 47 1.33 -9.21 -3.10
CA GLY A 47 1.60 -10.61 -2.81
C GLY A 47 2.75 -10.78 -1.83
N ARG A 48 2.91 -9.81 -0.95
CA ARG A 48 3.98 -9.85 0.05
C ARG A 48 3.46 -9.42 1.41
N GLY A 49 4.35 -9.43 2.40
CA GLY A 49 3.96 -9.03 3.75
C GLY A 49 4.27 -7.58 4.04
N PHE A 50 3.71 -6.68 3.23
CA PHE A 50 3.93 -5.25 3.40
C PHE A 50 3.51 -4.80 4.80
N LEU A 51 4.07 -3.68 5.24
CA LEU A 51 3.75 -3.14 6.56
C LEU A 51 2.81 -1.94 6.45
N THR A 52 2.49 -1.34 7.59
CA THR A 52 1.61 -0.18 7.62
C THR A 52 2.21 0.95 8.45
N GLU A 53 2.82 1.92 7.78
CA GLU A 53 3.42 3.05 8.45
C GLU A 53 2.38 4.11 8.79
N ARG A 54 2.76 5.05 9.65
CA ARG A 54 1.85 6.12 10.05
C ARG A 54 0.90 6.48 8.91
N ASP A 55 1.42 7.17 7.90
CA ASP A 55 0.62 7.58 6.76
C ASP A 55 1.22 7.05 5.46
N ASP A 56 1.93 5.93 5.55
CA ASP A 56 2.56 5.33 4.38
C ASP A 56 2.81 3.84 4.61
N ILE A 57 3.17 3.13 3.53
CA ILE A 57 3.44 1.70 3.62
C ILE A 57 4.91 1.41 3.33
N LEU A 58 5.35 0.21 3.71
CA LEU A 58 6.73 -0.20 3.49
C LEU A 58 6.83 -1.72 3.31
N CYS A 59 8.00 -2.17 2.88
CA CYS A 59 8.22 -3.60 2.67
C CYS A 59 8.96 -4.22 3.85
N PRO A 60 8.83 -5.54 4.01
CA PRO A 60 9.48 -6.27 5.10
C PRO A 60 10.95 -5.93 5.23
N ASP A 61 11.58 -5.57 4.12
CA ASP A 61 12.99 -5.20 4.11
C ASP A 61 13.22 -3.87 4.82
N CYS A 62 12.48 -2.85 4.39
CA CYS A 62 12.60 -1.52 4.98
C CYS A 62 12.03 -1.51 6.40
N GLY A 63 10.88 -2.13 6.57
CA GLY A 63 10.26 -2.18 7.88
C GLY A 63 11.05 -3.02 8.88
N LYS A 64 11.70 -4.07 8.38
CA LYS A 64 12.49 -4.94 9.23
C LYS A 64 13.06 -4.17 10.41
N ASP A 65 13.97 -3.24 10.13
CA ASP A 65 14.59 -2.43 11.17
C ASP A 65 13.59 -2.10 12.27
N ILE A 66 12.41 -1.62 11.86
CA ILE A 66 11.37 -1.24 12.81
C ILE A 66 11.36 -2.20 14.00
N SER A 67 11.54 -1.63 15.20
CA SER A 67 11.54 -2.43 16.42
C SER A 67 12.31 -3.73 16.21
N GLY A 68 13.50 -3.64 15.65
CA GLY A 68 14.31 -4.82 15.41
C GLY A 68 13.92 -5.53 14.12
N PRO A 69 14.92 -6.06 13.42
CA PRO A 69 14.70 -6.78 12.15
C PRO A 69 14.01 -8.12 12.36
N SER A 70 12.77 -8.22 11.89
CA SER A 70 11.99 -9.45 12.03
C SER A 70 12.03 -9.95 13.47
N SER A 71 11.89 -9.03 14.42
CA SER A 71 11.92 -9.38 15.84
C SER A 71 11.21 -10.71 16.07
N GLY A 72 9.93 -10.77 15.71
CA GLY A 72 9.15 -11.98 15.90
C GLY A 72 8.58 -12.10 17.30
N GLY A 1 -10.55 16.67 5.27
CA GLY A 1 -10.03 16.94 3.94
C GLY A 1 -9.61 15.69 3.22
N SER A 2 -10.46 15.22 2.30
CA SER A 2 -10.16 14.02 1.53
C SER A 2 -9.98 12.82 2.45
N SER A 3 -10.86 12.69 3.44
CA SER A 3 -10.79 11.60 4.39
C SER A 3 -10.70 10.26 3.67
N GLY A 4 -9.54 9.61 3.77
CA GLY A 4 -9.34 8.33 3.13
C GLY A 4 -9.02 8.47 1.65
N SER A 5 -7.82 8.05 1.26
CA SER A 5 -7.39 8.14 -0.13
C SER A 5 -8.49 7.63 -1.07
N SER A 6 -8.95 8.50 -1.95
CA SER A 6 -10.00 8.14 -2.90
C SER A 6 -9.51 7.10 -3.89
N GLY A 7 -9.90 5.85 -3.67
CA GLY A 7 -9.48 4.78 -4.55
C GLY A 7 -8.03 4.38 -4.35
N CYS A 8 -7.40 3.87 -5.40
CA CYS A 8 -6.01 3.45 -5.32
C CYS A 8 -5.12 4.59 -4.84
N ALA A 9 -4.81 4.59 -3.55
CA ALA A 9 -3.96 5.62 -2.96
C ALA A 9 -2.80 5.97 -3.89
N GLY A 10 -2.26 4.97 -4.56
CA GLY A 10 -1.15 5.19 -5.47
C GLY A 10 -1.46 6.25 -6.51
N CYS A 11 -2.23 5.87 -7.52
CA CYS A 11 -2.60 6.80 -8.59
C CYS A 11 -3.90 7.52 -8.26
N THR A 12 -4.25 7.52 -6.97
CA THR A 12 -5.47 8.18 -6.52
C THR A 12 -6.58 8.06 -7.56
N ASN A 13 -6.79 6.84 -8.04
CA ASN A 13 -7.83 6.58 -9.05
C ASN A 13 -8.90 5.66 -8.50
N PRO A 14 -10.12 5.76 -9.04
CA PRO A 14 -11.25 4.94 -8.63
C PRO A 14 -11.10 3.48 -9.05
N ILE A 15 -10.78 2.62 -8.09
CA ILE A 15 -10.60 1.20 -8.36
C ILE A 15 -11.93 0.53 -8.70
N SER A 16 -12.28 0.53 -9.98
CA SER A 16 -13.53 -0.07 -10.43
C SER A 16 -13.58 -0.15 -11.95
N GLY A 17 -13.78 -1.35 -12.47
CA GLY A 17 -13.84 -1.54 -13.91
C GLY A 17 -14.68 -2.74 -14.31
N LEU A 18 -14.04 -3.90 -14.39
CA LEU A 18 -14.73 -5.12 -14.76
C LEU A 18 -14.81 -6.09 -13.58
N GLY A 19 -15.90 -5.98 -12.81
CA GLY A 19 -16.08 -6.84 -11.67
C GLY A 19 -14.80 -7.05 -10.88
N GLY A 20 -14.50 -8.30 -10.54
CA GLY A 20 -13.30 -8.59 -9.79
C GLY A 20 -12.04 -8.04 -10.46
N THR A 21 -11.12 -7.53 -9.64
CA THR A 21 -9.89 -6.96 -10.16
C THR A 21 -8.70 -7.35 -9.28
N LYS A 22 -7.55 -7.58 -9.91
CA LYS A 22 -6.34 -7.95 -9.18
C LYS A 22 -5.73 -6.74 -8.48
N TYR A 23 -6.56 -5.98 -7.79
CA TYR A 23 -6.09 -4.80 -7.08
C TYR A 23 -5.84 -5.11 -5.61
N ILE A 24 -5.03 -4.28 -4.96
CA ILE A 24 -4.70 -4.46 -3.55
C ILE A 24 -5.72 -3.75 -2.66
N SER A 25 -6.32 -4.50 -1.74
CA SER A 25 -7.30 -3.95 -0.82
C SER A 25 -6.84 -4.11 0.62
N PHE A 26 -6.78 -2.99 1.34
CA PHE A 26 -6.36 -3.01 2.73
C PHE A 26 -7.49 -2.58 3.65
N GLU A 27 -7.28 -2.68 4.96
CA GLU A 27 -8.29 -2.31 5.93
C GLU A 27 -9.13 -1.14 5.44
N GLU A 28 -8.45 -0.06 5.06
CA GLU A 28 -9.14 1.13 4.55
C GLU A 28 -8.52 1.61 3.25
N ARG A 29 -7.19 1.64 3.21
CA ARG A 29 -6.46 2.08 2.02
C ARG A 29 -6.48 0.99 0.95
N GLN A 30 -6.10 1.37 -0.27
CA GLN A 30 -6.08 0.43 -1.38
C GLN A 30 -5.00 0.82 -2.39
N TRP A 31 -4.74 -0.07 -3.34
CA TRP A 31 -3.72 0.17 -4.36
C TRP A 31 -3.93 -0.75 -5.56
N HIS A 32 -3.03 -0.67 -6.52
CA HIS A 32 -3.10 -1.50 -7.73
C HIS A 32 -1.99 -2.54 -7.74
N ASN A 33 -2.23 -3.65 -8.43
CA ASN A 33 -1.25 -4.72 -8.51
C ASN A 33 0.13 -4.17 -8.87
N ASP A 34 0.15 -3.02 -9.51
CA ASP A 34 1.40 -2.37 -9.90
C ASP A 34 1.73 -1.21 -8.97
N CYS A 35 0.78 -0.30 -8.81
CA CYS A 35 0.97 0.86 -7.95
C CYS A 35 1.44 0.44 -6.56
N PHE A 36 0.82 -0.59 -6.02
CA PHE A 36 1.18 -1.09 -4.70
C PHE A 36 2.68 -1.37 -4.61
N ASN A 37 3.42 -0.40 -4.07
CA ASN A 37 4.86 -0.54 -3.93
C ASN A 37 5.36 0.20 -2.69
N CYS A 38 6.49 -0.27 -2.16
CA CYS A 38 7.07 0.34 -0.96
C CYS A 38 7.16 1.86 -1.12
N LYS A 39 7.46 2.54 -0.02
CA LYS A 39 7.58 3.99 -0.04
C LYS A 39 9.04 4.42 0.13
N LYS A 40 9.90 3.46 0.46
CA LYS A 40 11.32 3.73 0.63
C LYS A 40 12.13 3.20 -0.55
N CYS A 41 11.79 2.01 -1.01
CA CYS A 41 12.48 1.40 -2.13
C CYS A 41 11.52 1.15 -3.29
N SER A 42 10.25 1.51 -3.10
CA SER A 42 9.23 1.34 -4.13
C SER A 42 9.29 -0.09 -4.70
N LEU A 43 9.56 -1.05 -3.84
CA LEU A 43 9.65 -2.45 -4.25
C LEU A 43 8.25 -3.06 -4.38
N SER A 44 8.15 -4.10 -5.21
CA SER A 44 6.87 -4.78 -5.42
C SER A 44 6.36 -5.39 -4.12
N LEU A 45 5.26 -4.87 -3.62
CA LEU A 45 4.67 -5.37 -2.38
C LEU A 45 3.52 -6.32 -2.67
N VAL A 46 2.82 -6.08 -3.78
CA VAL A 46 1.70 -6.93 -4.17
C VAL A 46 2.02 -8.40 -3.95
N GLY A 47 1.24 -9.06 -3.10
CA GLY A 47 1.45 -10.47 -2.83
C GLY A 47 2.60 -10.70 -1.86
N ARG A 48 2.80 -9.76 -0.94
CA ARG A 48 3.87 -9.86 0.04
C ARG A 48 3.39 -9.42 1.42
N GLY A 49 4.24 -9.62 2.42
CA GLY A 49 3.88 -9.25 3.78
C GLY A 49 4.20 -7.80 4.07
N PHE A 50 3.75 -6.90 3.19
CA PHE A 50 3.99 -5.47 3.36
C PHE A 50 3.54 -5.01 4.75
N LEU A 51 4.09 -3.89 5.20
CA LEU A 51 3.75 -3.33 6.50
C LEU A 51 2.87 -2.09 6.35
N THR A 52 2.49 -1.49 7.48
CA THR A 52 1.66 -0.30 7.47
C THR A 52 2.31 0.83 8.27
N GLU A 53 2.91 1.78 7.57
CA GLU A 53 3.56 2.91 8.20
C GLU A 53 2.54 3.95 8.65
N ARG A 54 2.96 4.84 9.55
CA ARG A 54 2.07 5.88 10.06
C ARG A 54 1.09 6.33 8.99
N ASP A 55 1.61 7.02 7.98
CA ASP A 55 0.77 7.52 6.89
C ASP A 55 1.27 7.00 5.55
N ASP A 56 1.92 5.84 5.56
CA ASP A 56 2.46 5.23 4.35
C ASP A 56 2.69 3.74 4.54
N ILE A 57 3.14 3.08 3.48
CA ILE A 57 3.41 1.65 3.54
C ILE A 57 4.88 1.35 3.25
N LEU A 58 5.34 0.19 3.72
CA LEU A 58 6.72 -0.22 3.52
C LEU A 58 6.83 -1.73 3.37
N CYS A 59 7.98 -2.19 2.89
CA CYS A 59 8.21 -3.62 2.70
C CYS A 59 8.99 -4.20 3.87
N PRO A 60 8.84 -5.52 4.10
CA PRO A 60 9.51 -6.23 5.18
C PRO A 60 11.00 -5.90 5.25
N ASP A 61 11.60 -5.64 4.09
CA ASP A 61 13.01 -5.31 4.01
C ASP A 61 13.29 -3.94 4.63
N CYS A 62 12.39 -3.00 4.41
CA CYS A 62 12.53 -1.65 4.95
C CYS A 62 12.00 -1.58 6.37
N GLY A 63 10.83 -2.18 6.60
CA GLY A 63 10.23 -2.17 7.91
C GLY A 63 11.11 -2.82 8.96
N LYS A 64 11.77 -3.91 8.58
CA LYS A 64 12.65 -4.64 9.48
C LYS A 64 13.45 -3.67 10.36
N ASP A 65 13.78 -2.52 9.80
CA ASP A 65 14.54 -1.51 10.53
C ASP A 65 13.62 -0.63 11.35
N ILE A 66 12.49 -1.20 11.77
CA ILE A 66 11.52 -0.46 12.58
C ILE A 66 11.25 -1.18 13.89
N SER A 67 12.13 -0.98 14.87
CA SER A 67 11.99 -1.61 16.17
C SER A 67 11.18 -0.73 17.11
N GLY A 68 10.10 -0.14 16.59
CA GLY A 68 9.27 0.72 17.39
C GLY A 68 8.68 0.00 18.60
N PRO A 69 7.67 0.61 19.22
CA PRO A 69 7.00 0.04 20.40
C PRO A 69 6.18 -1.19 20.06
N SER A 70 5.35 -1.08 19.04
CA SER A 70 4.49 -2.19 18.61
C SER A 70 5.24 -3.52 18.74
N SER A 71 4.56 -4.52 19.27
CA SER A 71 5.15 -5.84 19.45
C SER A 71 4.10 -6.86 19.90
N GLY A 72 4.11 -8.02 19.27
CA GLY A 72 3.15 -9.06 19.61
C GLY A 72 2.99 -9.23 21.11
N GLY A 1 -16.26 8.14 11.29
CA GLY A 1 -15.48 8.80 10.27
C GLY A 1 -14.56 7.84 9.53
N SER A 2 -15.00 7.41 8.35
CA SER A 2 -14.22 6.48 7.53
C SER A 2 -13.07 7.20 6.83
N SER A 3 -11.88 7.09 7.39
CA SER A 3 -10.70 7.74 6.82
C SER A 3 -10.38 7.16 5.44
N GLY A 4 -10.35 8.04 4.44
CA GLY A 4 -10.05 7.60 3.09
C GLY A 4 -11.13 6.69 2.53
N SER A 5 -10.73 5.50 2.09
CA SER A 5 -11.67 4.54 1.52
C SER A 5 -12.26 5.06 0.22
N SER A 6 -11.40 5.57 -0.65
CA SER A 6 -11.83 6.11 -1.93
C SER A 6 -11.40 5.20 -3.08
N GLY A 7 -10.08 5.07 -3.26
CA GLY A 7 -9.56 4.24 -4.32
C GLY A 7 -8.11 3.87 -4.10
N CYS A 8 -7.37 3.71 -5.20
CA CYS A 8 -5.96 3.35 -5.12
C CYS A 8 -5.12 4.52 -4.62
N ALA A 9 -4.80 4.49 -3.33
CA ALA A 9 -4.00 5.55 -2.71
C ALA A 9 -2.74 5.83 -3.52
N GLY A 10 -2.32 4.84 -4.31
CA GLY A 10 -1.13 5.00 -5.13
C GLY A 10 -1.27 6.12 -6.14
N CYS A 11 -1.93 5.83 -7.26
CA CYS A 11 -2.13 6.82 -8.31
C CYS A 11 -3.32 7.71 -8.00
N THR A 12 -3.70 7.78 -6.73
CA THR A 12 -4.83 8.59 -6.30
C THR A 12 -5.93 8.61 -7.36
N ASN A 13 -6.37 7.43 -7.76
CA ASN A 13 -7.42 7.31 -8.77
C ASN A 13 -8.44 6.25 -8.38
N PRO A 14 -9.65 6.35 -8.95
CA PRO A 14 -10.74 5.41 -8.67
C PRO A 14 -10.47 4.02 -9.26
N ILE A 15 -10.45 3.02 -8.40
CA ILE A 15 -10.21 1.65 -8.84
C ILE A 15 -11.45 1.05 -9.51
N SER A 16 -12.51 0.88 -8.74
CA SER A 16 -13.76 0.32 -9.26
C SER A 16 -14.89 0.50 -8.26
N GLY A 17 -16.09 0.09 -8.65
CA GLY A 17 -17.25 0.21 -7.77
C GLY A 17 -17.97 -1.11 -7.59
N LEU A 18 -18.02 -1.91 -8.66
CA LEU A 18 -18.69 -3.21 -8.62
C LEU A 18 -17.90 -4.20 -7.77
N GLY A 19 -16.77 -4.65 -8.28
CA GLY A 19 -15.95 -5.60 -7.56
C GLY A 19 -15.16 -6.51 -8.48
N GLY A 20 -14.66 -7.62 -7.95
CA GLY A 20 -13.89 -8.55 -8.74
C GLY A 20 -12.90 -7.85 -9.65
N THR A 21 -11.66 -7.71 -9.16
CA THR A 21 -10.61 -7.05 -9.92
C THR A 21 -9.23 -7.37 -9.36
N LYS A 22 -8.21 -7.32 -10.22
CA LYS A 22 -6.85 -7.61 -9.81
C LYS A 22 -6.19 -6.38 -9.19
N TYR A 23 -6.67 -6.01 -7.99
CA TYR A 23 -6.12 -4.85 -7.29
C TYR A 23 -5.79 -5.20 -5.84
N ILE A 24 -5.18 -4.25 -5.14
CA ILE A 24 -4.81 -4.46 -3.74
C ILE A 24 -5.78 -3.75 -2.80
N SER A 25 -6.36 -4.51 -1.88
CA SER A 25 -7.31 -3.95 -0.92
C SER A 25 -6.83 -4.16 0.50
N PHE A 26 -6.77 -3.08 1.27
CA PHE A 26 -6.33 -3.13 2.66
C PHE A 26 -7.46 -2.77 3.62
N GLU A 27 -7.19 -2.86 4.91
CA GLU A 27 -8.19 -2.54 5.92
C GLU A 27 -9.08 -1.40 5.46
N GLU A 28 -8.47 -0.26 5.16
CA GLU A 28 -9.22 0.90 4.70
C GLU A 28 -8.63 1.45 3.40
N ARG A 29 -7.31 1.49 3.33
CA ARG A 29 -6.63 1.99 2.14
C ARG A 29 -6.74 0.99 0.98
N GLN A 30 -6.20 1.37 -0.17
CA GLN A 30 -6.23 0.51 -1.34
C GLN A 30 -5.16 0.91 -2.35
N TRP A 31 -4.86 0.00 -3.28
CA TRP A 31 -3.85 0.27 -4.30
C TRP A 31 -4.06 -0.63 -5.51
N HIS A 32 -3.14 -0.54 -6.47
CA HIS A 32 -3.22 -1.33 -7.68
C HIS A 32 -2.12 -2.39 -7.72
N ASN A 33 -2.44 -3.55 -8.28
CA ASN A 33 -1.47 -4.64 -8.38
C ASN A 33 -0.10 -4.12 -8.75
N ASP A 34 -0.07 -3.04 -9.54
CA ASP A 34 1.19 -2.44 -9.96
C ASP A 34 1.60 -1.31 -9.02
N CYS A 35 0.70 -0.34 -8.83
CA CYS A 35 0.96 0.79 -7.96
C CYS A 35 1.49 0.32 -6.60
N PHE A 36 0.76 -0.60 -5.97
CA PHE A 36 1.14 -1.13 -4.67
C PHE A 36 2.65 -1.40 -4.62
N ASN A 37 3.38 -0.52 -3.94
CA ASN A 37 4.83 -0.67 -3.83
C ASN A 37 5.34 0.07 -2.59
N CYS A 38 6.46 -0.40 -2.06
CA CYS A 38 7.07 0.21 -0.88
C CYS A 38 7.15 1.72 -1.03
N LYS A 39 7.36 2.42 0.09
CA LYS A 39 7.46 3.87 0.08
C LYS A 39 8.91 4.32 0.25
N LYS A 40 9.79 3.36 0.53
CA LYS A 40 11.21 3.66 0.72
C LYS A 40 12.02 3.18 -0.48
N CYS A 41 11.84 1.92 -0.85
CA CYS A 41 12.55 1.34 -1.97
C CYS A 41 11.62 1.16 -3.18
N SER A 42 10.33 1.38 -2.95
CA SER A 42 9.35 1.24 -4.02
C SER A 42 9.47 -0.13 -4.69
N LEU A 43 9.39 -1.18 -3.90
CA LEU A 43 9.48 -2.54 -4.41
C LEU A 43 8.10 -3.20 -4.46
N SER A 44 7.94 -4.13 -5.40
CA SER A 44 6.67 -4.83 -5.56
C SER A 44 6.21 -5.44 -4.24
N LEU A 45 5.16 -4.88 -3.67
CA LEU A 45 4.62 -5.37 -2.40
C LEU A 45 3.45 -6.31 -2.64
N VAL A 46 2.84 -6.22 -3.82
CA VAL A 46 1.71 -7.07 -4.17
C VAL A 46 2.06 -8.54 -4.02
N GLY A 47 1.39 -9.22 -3.08
CA GLY A 47 1.65 -10.62 -2.85
C GLY A 47 2.79 -10.86 -1.89
N ARG A 48 3.07 -9.86 -1.04
CA ARG A 48 4.13 -9.97 -0.06
C ARG A 48 3.65 -9.56 1.33
N GLY A 49 4.55 -9.60 2.30
CA GLY A 49 4.20 -9.23 3.66
C GLY A 49 4.44 -7.76 3.95
N PHE A 50 3.88 -6.90 3.11
CA PHE A 50 4.04 -5.45 3.28
C PHE A 50 3.55 -5.02 4.66
N LEU A 51 4.20 -3.99 5.19
CA LEU A 51 3.83 -3.47 6.52
C LEU A 51 2.97 -2.21 6.38
N THR A 52 2.67 -1.59 7.52
CA THR A 52 1.85 -0.39 7.53
C THR A 52 2.47 0.68 8.43
N GLU A 53 3.15 1.65 7.81
CA GLU A 53 3.79 2.72 8.55
C GLU A 53 2.75 3.75 9.01
N ARG A 54 3.17 4.62 9.92
CA ARG A 54 2.28 5.66 10.45
C ARG A 54 1.27 6.10 9.39
N ASP A 55 1.76 6.80 8.38
CA ASP A 55 0.90 7.28 7.30
C ASP A 55 1.44 6.84 5.93
N ASP A 56 2.16 5.73 5.92
CA ASP A 56 2.73 5.21 4.68
C ASP A 56 2.98 3.70 4.80
N ILE A 57 3.17 3.05 3.64
CA ILE A 57 3.42 1.62 3.61
C ILE A 57 4.87 1.31 3.30
N LEU A 58 5.31 0.11 3.66
CA LEU A 58 6.69 -0.29 3.40
C LEU A 58 6.79 -1.82 3.29
N CYS A 59 7.97 -2.30 2.90
CA CYS A 59 8.19 -3.73 2.75
C CYS A 59 8.99 -4.29 3.93
N PRO A 60 8.89 -5.61 4.14
CA PRO A 60 9.59 -6.28 5.23
C PRO A 60 11.05 -5.90 5.32
N ASP A 61 11.70 -5.79 4.15
CA ASP A 61 13.11 -5.43 4.09
C ASP A 61 13.35 -4.09 4.77
N CYS A 62 12.59 -3.07 4.36
CA CYS A 62 12.72 -1.74 4.92
C CYS A 62 12.14 -1.68 6.34
N GLY A 63 10.86 -2.01 6.46
CA GLY A 63 10.22 -1.99 7.75
C GLY A 63 11.10 -2.53 8.85
N LYS A 64 11.59 -3.75 8.68
CA LYS A 64 12.46 -4.38 9.66
C LYS A 64 13.66 -3.49 9.98
N ASP A 65 14.23 -2.90 8.95
CA ASP A 65 15.39 -2.03 9.10
C ASP A 65 15.01 -0.78 9.90
N ILE A 66 13.79 -0.30 9.71
CA ILE A 66 13.31 0.88 10.40
C ILE A 66 13.87 0.95 11.81
N SER A 67 14.61 2.03 12.10
CA SER A 67 15.21 2.22 13.41
C SER A 67 14.25 1.77 14.51
N GLY A 68 13.06 2.35 14.53
CA GLY A 68 12.07 2.01 15.53
C GLY A 68 10.86 2.91 15.48
N PRO A 69 9.66 2.29 15.46
CA PRO A 69 8.39 3.02 15.42
C PRO A 69 8.11 3.76 16.72
N SER A 70 7.34 4.85 16.62
CA SER A 70 6.98 5.65 17.79
C SER A 70 6.06 4.87 18.72
N SER A 71 5.86 5.41 19.92
CA SER A 71 5.00 4.76 20.91
C SER A 71 4.59 5.76 21.99
N GLY A 72 3.61 5.36 22.80
CA GLY A 72 3.13 6.22 23.87
C GLY A 72 1.64 6.07 24.11
N GLY A 1 -9.81 21.92 -6.25
CA GLY A 1 -10.05 20.49 -6.26
C GLY A 1 -11.45 20.13 -5.80
N SER A 2 -11.69 18.85 -5.60
CA SER A 2 -13.00 18.38 -5.16
C SER A 2 -12.86 17.35 -4.04
N SER A 3 -13.98 17.00 -3.42
CA SER A 3 -13.99 16.03 -2.33
C SER A 3 -14.01 14.61 -2.86
N GLY A 4 -12.85 13.97 -2.86
CA GLY A 4 -12.75 12.61 -3.35
C GLY A 4 -11.49 11.91 -2.87
N SER A 5 -11.56 11.32 -1.68
CA SER A 5 -10.41 10.62 -1.11
C SER A 5 -10.75 9.15 -0.86
N SER A 6 -10.62 8.33 -1.90
CA SER A 6 -10.91 6.91 -1.79
C SER A 6 -10.40 6.16 -3.02
N GLY A 7 -9.95 4.92 -2.80
CA GLY A 7 -9.44 4.12 -3.89
C GLY A 7 -7.97 3.80 -3.73
N CYS A 8 -7.27 3.68 -4.85
CA CYS A 8 -5.85 3.37 -4.84
C CYS A 8 -5.04 4.57 -4.34
N ALA A 9 -4.58 4.49 -3.09
CA ALA A 9 -3.80 5.57 -2.50
C ALA A 9 -2.54 5.84 -3.32
N GLY A 10 -2.21 4.93 -4.22
CA GLY A 10 -1.03 5.09 -5.05
C GLY A 10 -1.19 6.22 -6.05
N CYS A 11 -1.92 5.97 -7.12
CA CYS A 11 -2.13 6.96 -8.16
C CYS A 11 -3.32 7.86 -7.81
N THR A 12 -3.58 8.01 -6.52
CA THR A 12 -4.68 8.83 -6.05
C THR A 12 -5.89 8.72 -6.97
N ASN A 13 -6.28 7.48 -7.27
CA ASN A 13 -7.42 7.23 -8.14
C ASN A 13 -8.24 6.03 -7.63
N PRO A 14 -9.50 5.95 -8.07
CA PRO A 14 -10.40 4.87 -7.68
C PRO A 14 -10.00 3.53 -8.29
N ILE A 15 -10.49 2.44 -7.70
CA ILE A 15 -10.19 1.11 -8.19
C ILE A 15 -11.45 0.40 -8.68
N SER A 16 -11.50 0.12 -9.97
CA SER A 16 -12.64 -0.56 -10.57
C SER A 16 -12.34 -1.02 -11.99
N GLY A 17 -13.11 -1.98 -12.48
CA GLY A 17 -12.90 -2.48 -13.82
C GLY A 17 -13.75 -3.71 -14.12
N LEU A 18 -13.43 -4.41 -15.20
CA LEU A 18 -14.17 -5.61 -15.59
C LEU A 18 -13.47 -6.87 -15.08
N GLY A 19 -14.16 -7.62 -14.23
CA GLY A 19 -13.59 -8.84 -13.70
C GLY A 19 -12.41 -8.58 -12.78
N GLY A 20 -12.02 -9.61 -12.02
CA GLY A 20 -10.90 -9.46 -11.11
C GLY A 20 -9.82 -8.55 -11.65
N THR A 21 -9.73 -7.34 -11.11
CA THR A 21 -8.73 -6.38 -11.55
C THR A 21 -7.37 -6.68 -10.93
N LYS A 22 -7.36 -7.60 -9.97
CA LYS A 22 -6.10 -7.99 -9.31
C LYS A 22 -5.50 -6.80 -8.56
N TYR A 23 -6.35 -5.98 -7.96
CA TYR A 23 -5.90 -4.82 -7.22
C TYR A 23 -5.67 -5.16 -5.75
N ILE A 24 -5.02 -4.26 -5.03
CA ILE A 24 -4.74 -4.45 -3.61
C ILE A 24 -5.73 -3.69 -2.75
N SER A 25 -6.22 -4.34 -1.70
CA SER A 25 -7.18 -3.72 -0.79
C SER A 25 -6.73 -3.89 0.67
N PHE A 26 -6.83 -2.80 1.43
CA PHE A 26 -6.44 -2.81 2.83
C PHE A 26 -7.61 -2.44 3.73
N GLU A 27 -7.43 -2.59 5.04
CA GLU A 27 -8.47 -2.27 6.01
C GLU A 27 -9.31 -1.10 5.52
N GLU A 28 -8.64 -0.02 5.11
CA GLU A 28 -9.33 1.16 4.62
C GLU A 28 -8.70 1.66 3.32
N ARG A 29 -7.38 1.62 3.25
CA ARG A 29 -6.66 2.06 2.05
C ARG A 29 -6.62 0.96 1.01
N GLN A 30 -6.19 1.32 -0.19
CA GLN A 30 -6.10 0.36 -1.30
C GLN A 30 -5.05 0.79 -2.31
N TRP A 31 -4.73 -0.11 -3.24
CA TRP A 31 -3.74 0.18 -4.28
C TRP A 31 -3.94 -0.72 -5.49
N HIS A 32 -3.06 -0.59 -6.46
CA HIS A 32 -3.14 -1.40 -7.68
C HIS A 32 -2.01 -2.41 -7.74
N ASN A 33 -2.25 -3.51 -8.44
CA ASN A 33 -1.24 -4.58 -8.56
C ASN A 33 0.12 -3.99 -8.90
N ASP A 34 0.12 -2.79 -9.47
CA ASP A 34 1.36 -2.11 -9.84
C ASP A 34 1.68 -0.98 -8.86
N CYS A 35 0.75 -0.04 -8.73
CA CYS A 35 0.94 1.09 -7.83
C CYS A 35 1.43 0.62 -6.46
N PHE A 36 0.89 -0.50 -6.01
CA PHE A 36 1.27 -1.06 -4.71
C PHE A 36 2.77 -1.33 -4.65
N ASN A 37 3.49 -0.41 -4.02
CA ASN A 37 4.94 -0.54 -3.88
C ASN A 37 5.44 0.20 -2.65
N CYS A 38 6.53 -0.30 -2.07
CA CYS A 38 7.12 0.30 -0.88
C CYS A 38 7.17 1.83 -1.02
N LYS A 39 7.47 2.50 0.08
CA LYS A 39 7.55 3.96 0.09
C LYS A 39 9.01 4.41 0.19
N LYS A 40 9.90 3.48 0.53
CA LYS A 40 11.32 3.78 0.66
C LYS A 40 12.10 3.25 -0.54
N CYS A 41 11.81 2.01 -0.94
CA CYS A 41 12.47 1.38 -2.07
C CYS A 41 11.51 1.17 -3.22
N SER A 42 10.25 1.53 -3.01
CA SER A 42 9.22 1.36 -4.03
C SER A 42 9.32 -0.01 -4.68
N LEU A 43 9.44 -1.05 -3.86
CA LEU A 43 9.54 -2.41 -4.36
C LEU A 43 8.16 -3.07 -4.43
N SER A 44 8.03 -4.05 -5.31
CA SER A 44 6.77 -4.75 -5.48
C SER A 44 6.32 -5.38 -4.17
N LEU A 45 5.17 -4.93 -3.67
CA LEU A 45 4.62 -5.44 -2.42
C LEU A 45 3.48 -6.40 -2.68
N VAL A 46 2.85 -6.27 -3.85
CA VAL A 46 1.74 -7.14 -4.23
C VAL A 46 2.11 -8.60 -4.08
N GLY A 47 1.40 -9.31 -3.20
CA GLY A 47 1.67 -10.73 -3.00
C GLY A 47 2.79 -10.96 -2.00
N ARG A 48 3.00 -9.99 -1.11
CA ARG A 48 4.05 -10.09 -0.11
C ARG A 48 3.52 -9.67 1.26
N GLY A 49 4.41 -9.65 2.25
CA GLY A 49 4.02 -9.27 3.59
C GLY A 49 4.35 -7.82 3.90
N PHE A 50 3.82 -6.91 3.07
CA PHE A 50 4.07 -5.49 3.26
C PHE A 50 3.58 -5.03 4.64
N LEU A 51 4.22 -3.98 5.16
CA LEU A 51 3.85 -3.45 6.47
C LEU A 51 2.94 -2.23 6.32
N THR A 52 2.61 -1.61 7.44
CA THR A 52 1.74 -0.43 7.44
C THR A 52 2.32 0.67 8.32
N GLU A 53 2.98 1.64 7.68
CA GLU A 53 3.58 2.76 8.40
C GLU A 53 2.51 3.76 8.84
N ARG A 54 2.89 4.66 9.74
CA ARG A 54 1.96 5.67 10.24
C ARG A 54 0.97 6.08 9.16
N ASP A 55 1.47 6.78 8.14
CA ASP A 55 0.63 7.24 7.05
C ASP A 55 1.19 6.78 5.71
N ASP A 56 1.95 5.69 5.72
CA ASP A 56 2.54 5.15 4.50
C ASP A 56 2.80 3.65 4.64
N ILE A 57 3.12 3.01 3.53
CA ILE A 57 3.39 1.57 3.52
C ILE A 57 4.86 1.29 3.23
N LEU A 58 5.30 0.10 3.61
CA LEU A 58 6.70 -0.30 3.39
C LEU A 58 6.81 -1.82 3.26
N CYS A 59 7.99 -2.28 2.87
CA CYS A 59 8.24 -3.71 2.72
C CYS A 59 8.98 -4.27 3.92
N PRO A 60 8.87 -5.60 4.12
CA PRO A 60 9.54 -6.28 5.23
C PRO A 60 11.00 -5.90 5.36
N ASP A 61 11.66 -5.70 4.23
CA ASP A 61 13.06 -5.32 4.21
C ASP A 61 13.28 -3.97 4.89
N CYS A 62 12.56 -2.96 4.43
CA CYS A 62 12.66 -1.61 4.98
C CYS A 62 12.06 -1.56 6.38
N GLY A 63 10.81 -1.97 6.50
CA GLY A 63 10.13 -1.96 7.78
C GLY A 63 10.91 -2.70 8.85
N LYS A 64 11.59 -3.77 8.45
CA LYS A 64 12.38 -4.57 9.38
C LYS A 64 12.92 -3.71 10.51
N ASP A 65 13.61 -2.63 10.15
CA ASP A 65 14.18 -1.72 11.14
C ASP A 65 13.17 -1.40 12.24
N ILE A 66 11.96 -1.02 11.82
CA ILE A 66 10.90 -0.69 12.77
C ILE A 66 10.73 -1.79 13.81
N SER A 67 11.04 -1.46 15.07
CA SER A 67 10.92 -2.42 16.16
C SER A 67 11.86 -3.61 15.94
N GLY A 68 13.06 -3.32 15.47
CA GLY A 68 14.03 -4.38 15.22
C GLY A 68 15.00 -4.56 16.37
N PRO A 69 16.30 -4.56 16.05
CA PRO A 69 17.36 -4.72 17.06
C PRO A 69 17.48 -3.50 17.97
N SER A 70 16.76 -3.52 19.08
CA SER A 70 16.78 -2.43 20.03
C SER A 70 18.18 -1.83 20.15
N SER A 71 18.28 -0.52 19.93
CA SER A 71 19.57 0.16 19.99
C SER A 71 19.60 1.13 21.17
N GLY A 72 18.67 2.08 21.18
CA GLY A 72 18.61 3.06 22.25
C GLY A 72 18.38 4.46 21.74
N GLY A 1 -4.53 15.68 2.39
CA GLY A 1 -5.12 15.02 1.23
C GLY A 1 -6.44 14.37 1.55
N SER A 2 -7.28 15.06 2.32
CA SER A 2 -8.58 14.54 2.71
C SER A 2 -9.68 15.16 1.85
N SER A 3 -10.09 14.42 0.81
CA SER A 3 -11.14 14.90 -0.09
C SER A 3 -12.46 14.22 0.22
N GLY A 4 -12.50 12.89 0.09
CA GLY A 4 -13.72 12.16 0.36
C GLY A 4 -13.73 10.80 -0.32
N SER A 5 -13.39 10.78 -1.60
CA SER A 5 -13.37 9.54 -2.37
C SER A 5 -11.98 9.25 -2.91
N SER A 6 -11.20 8.48 -2.16
CA SER A 6 -9.84 8.14 -2.56
C SER A 6 -9.66 6.62 -2.62
N GLY A 7 -9.70 6.07 -3.82
CA GLY A 7 -9.54 4.64 -4.00
C GLY A 7 -8.10 4.19 -3.80
N CYS A 8 -7.36 4.11 -4.90
CA CYS A 8 -5.96 3.69 -4.84
C CYS A 8 -5.08 4.78 -4.25
N ALA A 9 -4.42 4.47 -3.15
CA ALA A 9 -3.54 5.42 -2.48
C ALA A 9 -2.17 5.47 -3.15
N GLY A 10 -2.17 5.55 -4.47
CA GLY A 10 -0.92 5.59 -5.21
C GLY A 10 -0.98 6.52 -6.41
N CYS A 11 -1.77 6.12 -7.41
CA CYS A 11 -1.91 6.93 -8.62
C CYS A 11 -2.98 8.00 -8.43
N THR A 12 -3.16 8.44 -7.19
CA THR A 12 -4.15 9.46 -6.89
C THR A 12 -5.41 9.29 -7.74
N ASN A 13 -5.87 8.04 -7.85
CA ASN A 13 -7.06 7.73 -8.63
C ASN A 13 -7.86 6.60 -8.00
N PRO A 14 -9.17 6.58 -8.27
CA PRO A 14 -10.07 5.54 -7.74
C PRO A 14 -9.81 4.17 -8.35
N ILE A 15 -10.49 3.15 -7.83
CA ILE A 15 -10.34 1.80 -8.33
C ILE A 15 -11.67 1.24 -8.81
N SER A 16 -12.65 1.20 -7.93
CA SER A 16 -13.97 0.69 -8.27
C SER A 16 -13.87 -0.47 -9.26
N GLY A 17 -13.08 -1.48 -8.90
CA GLY A 17 -12.90 -2.63 -9.77
C GLY A 17 -14.12 -3.52 -9.79
N LEU A 18 -15.13 -3.13 -10.56
CA LEU A 18 -16.36 -3.90 -10.67
C LEU A 18 -16.11 -5.23 -11.38
N GLY A 19 -15.49 -5.15 -12.55
CA GLY A 19 -15.19 -6.35 -13.31
C GLY A 19 -14.61 -7.46 -12.45
N GLY A 20 -13.43 -7.21 -11.90
CA GLY A 20 -12.77 -8.19 -11.06
C GLY A 20 -11.28 -7.98 -10.97
N THR A 21 -10.85 -6.72 -10.96
CA THR A 21 -9.44 -6.39 -10.88
C THR A 21 -8.81 -6.94 -9.60
N LYS A 22 -7.56 -7.36 -9.69
CA LYS A 22 -6.85 -7.91 -8.54
C LYS A 22 -6.24 -6.79 -7.69
N TYR A 23 -6.78 -5.58 -7.86
CA TYR A 23 -6.29 -4.43 -7.11
C TYR A 23 -6.09 -4.78 -5.64
N ILE A 24 -5.16 -4.09 -4.99
CA ILE A 24 -4.87 -4.32 -3.59
C ILE A 24 -5.87 -3.61 -2.69
N SER A 25 -6.45 -4.33 -1.74
CA SER A 25 -7.42 -3.78 -0.82
C SER A 25 -6.97 -3.95 0.62
N PHE A 26 -6.93 -2.85 1.37
CA PHE A 26 -6.52 -2.88 2.76
C PHE A 26 -7.66 -2.45 3.68
N GLU A 27 -7.45 -2.56 4.98
CA GLU A 27 -8.45 -2.18 5.97
C GLU A 27 -9.28 -0.99 5.46
N GLU A 28 -8.58 0.06 5.05
CA GLU A 28 -9.25 1.26 4.54
C GLU A 28 -8.61 1.73 3.24
N ARG A 29 -7.28 1.71 3.20
CA ARG A 29 -6.54 2.13 2.01
C ARG A 29 -6.51 1.02 0.96
N GLN A 30 -6.15 1.38 -0.27
CA GLN A 30 -6.09 0.41 -1.35
C GLN A 30 -5.00 0.80 -2.36
N TRP A 31 -4.77 -0.06 -3.34
CA TRP A 31 -3.77 0.19 -4.36
C TRP A 31 -3.98 -0.70 -5.57
N HIS A 32 -3.06 -0.63 -6.53
CA HIS A 32 -3.15 -1.44 -7.75
C HIS A 32 -1.98 -2.42 -7.84
N ASN A 33 -2.21 -3.53 -8.54
CA ASN A 33 -1.17 -4.54 -8.71
C ASN A 33 0.17 -3.90 -9.07
N ASP A 34 0.11 -2.68 -9.59
CA ASP A 34 1.31 -1.96 -9.99
C ASP A 34 1.63 -0.86 -8.99
N CYS A 35 0.67 0.04 -8.79
CA CYS A 35 0.85 1.16 -7.85
C CYS A 35 1.34 0.66 -6.50
N PHE A 36 0.77 -0.45 -6.03
CA PHE A 36 1.15 -1.03 -4.75
C PHE A 36 2.64 -1.32 -4.71
N ASN A 37 3.38 -0.55 -3.91
CA ASN A 37 4.82 -0.72 -3.79
C ASN A 37 5.36 0.04 -2.58
N CYS A 38 6.43 -0.49 -2.00
CA CYS A 38 7.04 0.15 -0.83
C CYS A 38 7.11 1.66 -0.99
N LYS A 39 7.31 2.36 0.12
CA LYS A 39 7.39 3.82 0.09
C LYS A 39 8.83 4.29 0.27
N LYS A 40 9.74 3.34 0.46
CA LYS A 40 11.15 3.66 0.64
C LYS A 40 11.98 3.16 -0.55
N CYS A 41 11.69 1.94 -0.99
CA CYS A 41 12.40 1.34 -2.11
C CYS A 41 11.46 1.10 -3.28
N SER A 42 10.19 1.44 -3.10
CA SER A 42 9.19 1.26 -4.14
C SER A 42 9.32 -0.13 -4.78
N LEU A 43 9.31 -1.15 -3.94
CA LEU A 43 9.42 -2.53 -4.42
C LEU A 43 8.04 -3.17 -4.56
N SER A 44 7.95 -4.18 -5.43
CA SER A 44 6.69 -4.88 -5.65
C SER A 44 6.24 -5.62 -4.41
N LEU A 45 5.13 -5.18 -3.83
CA LEU A 45 4.59 -5.81 -2.62
C LEU A 45 3.36 -6.65 -2.94
N VAL A 46 2.71 -6.32 -4.06
CA VAL A 46 1.51 -7.04 -4.48
C VAL A 46 1.74 -8.55 -4.43
N GLY A 47 1.50 -9.14 -3.26
CA GLY A 47 1.68 -10.57 -3.10
C GLY A 47 2.74 -10.90 -2.07
N ARG A 48 3.01 -9.98 -1.17
CA ARG A 48 4.02 -10.17 -0.13
C ARG A 48 3.50 -9.70 1.22
N GLY A 49 4.35 -9.79 2.24
CA GLY A 49 3.96 -9.38 3.58
C GLY A 49 4.38 -7.95 3.88
N PHE A 50 3.78 -7.00 3.16
CA PHE A 50 4.10 -5.59 3.35
C PHE A 50 3.63 -5.11 4.72
N LEU A 51 4.21 -4.02 5.19
CA LEU A 51 3.85 -3.45 6.49
C LEU A 51 2.96 -2.23 6.32
N THR A 52 2.59 -1.62 7.45
CA THR A 52 1.74 -0.44 7.42
C THR A 52 2.32 0.68 8.28
N GLU A 53 2.96 1.64 7.62
CA GLU A 53 3.57 2.77 8.33
C GLU A 53 2.52 3.78 8.75
N ARG A 54 2.91 4.72 9.60
CA ARG A 54 2.00 5.75 10.09
C ARG A 54 0.97 6.12 9.01
N ASP A 55 1.45 6.76 7.95
CA ASP A 55 0.57 7.16 6.85
C ASP A 55 1.13 6.69 5.51
N ASP A 56 1.90 5.62 5.55
CA ASP A 56 2.50 5.05 4.34
C ASP A 56 2.79 3.57 4.52
N ILE A 57 3.04 2.88 3.41
CA ILE A 57 3.33 1.45 3.43
C ILE A 57 4.81 1.19 3.17
N LEU A 58 5.28 0.01 3.57
CA LEU A 58 6.67 -0.35 3.37
C LEU A 58 6.83 -1.87 3.26
N CYS A 59 8.03 -2.32 2.92
CA CYS A 59 8.30 -3.74 2.77
C CYS A 59 9.12 -4.26 3.96
N PRO A 60 9.04 -5.58 4.19
CA PRO A 60 9.77 -6.23 5.29
C PRO A 60 11.24 -5.82 5.33
N ASP A 61 11.85 -5.68 4.15
CA ASP A 61 13.25 -5.30 4.06
C ASP A 61 13.47 -3.90 4.66
N CYS A 62 12.50 -3.02 4.45
CA CYS A 62 12.59 -1.66 4.97
C CYS A 62 12.06 -1.58 6.40
N GLY A 63 10.81 -1.98 6.59
CA GLY A 63 10.21 -1.96 7.91
C GLY A 63 11.10 -2.61 8.95
N LYS A 64 11.54 -3.83 8.67
CA LYS A 64 12.40 -4.57 9.60
C LYS A 64 13.37 -3.62 10.32
N ASP A 65 13.83 -2.61 9.59
CA ASP A 65 14.76 -1.63 10.17
C ASP A 65 14.14 -0.94 11.37
N ILE A 66 12.90 -0.49 11.22
CA ILE A 66 12.20 0.19 12.31
C ILE A 66 12.27 -0.62 13.60
N SER A 67 12.95 -0.06 14.60
CA SER A 67 13.09 -0.72 15.90
C SER A 67 11.92 -0.39 16.81
N GLY A 68 11.64 0.90 16.96
CA GLY A 68 10.55 1.32 17.81
C GLY A 68 11.01 2.21 18.94
N PRO A 69 10.10 3.07 19.44
CA PRO A 69 10.40 3.99 20.54
C PRO A 69 10.58 3.27 21.87
N SER A 70 9.98 2.09 21.98
CA SER A 70 10.08 1.30 23.20
C SER A 70 11.51 0.82 23.44
N SER A 71 12.02 1.10 24.64
CA SER A 71 13.38 0.71 24.99
C SER A 71 13.71 -0.68 24.43
N GLY A 72 12.79 -1.61 24.63
CA GLY A 72 13.00 -2.97 24.14
C GLY A 72 14.05 -3.71 24.94
N GLY A 1 -15.78 14.60 -10.13
CA GLY A 1 -15.66 15.11 -8.78
C GLY A 1 -15.40 14.03 -7.76
N SER A 2 -14.26 14.12 -7.09
CA SER A 2 -13.89 13.13 -6.07
C SER A 2 -13.46 13.81 -4.79
N SER A 3 -13.72 13.15 -3.65
CA SER A 3 -13.36 13.69 -2.35
C SER A 3 -13.52 12.63 -1.27
N GLY A 4 -12.40 12.28 -0.64
CA GLY A 4 -12.43 11.28 0.42
C GLY A 4 -11.40 10.18 0.21
N SER A 5 -11.41 9.19 1.09
CA SER A 5 -10.47 8.08 1.01
C SER A 5 -11.12 6.88 0.33
N SER A 6 -10.91 6.76 -0.98
CA SER A 6 -11.48 5.65 -1.75
C SER A 6 -10.75 5.49 -3.08
N GLY A 7 -10.51 4.24 -3.46
CA GLY A 7 -9.82 3.96 -4.71
C GLY A 7 -8.39 3.53 -4.50
N CYS A 8 -7.56 3.75 -5.52
CA CYS A 8 -6.15 3.38 -5.44
C CYS A 8 -5.32 4.50 -4.83
N ALA A 9 -4.68 4.22 -3.70
CA ALA A 9 -3.86 5.21 -3.02
C ALA A 9 -2.47 5.31 -3.66
N GLY A 10 -2.46 5.41 -4.99
CA GLY A 10 -1.20 5.51 -5.71
C GLY A 10 -1.28 6.42 -6.92
N CYS A 11 -2.05 6.00 -7.91
CA CYS A 11 -2.22 6.78 -9.13
C CYS A 11 -3.42 7.72 -9.02
N THR A 12 -3.76 8.10 -7.78
CA THR A 12 -4.88 8.98 -7.55
C THR A 12 -6.03 8.70 -8.50
N ASN A 13 -6.43 7.44 -8.58
CA ASN A 13 -7.52 7.03 -9.46
C ASN A 13 -8.38 5.95 -8.81
N PRO A 14 -9.66 5.91 -9.18
CA PRO A 14 -10.62 4.94 -8.64
C PRO A 14 -10.33 3.51 -9.12
N ILE A 15 -10.75 2.54 -8.34
CA ILE A 15 -10.54 1.13 -8.68
C ILE A 15 -11.85 0.46 -9.08
N SER A 16 -12.82 0.50 -8.18
CA SER A 16 -14.13 -0.11 -8.43
C SER A 16 -13.96 -1.53 -8.98
N GLY A 17 -13.04 -2.28 -8.39
CA GLY A 17 -12.81 -3.65 -8.83
C GLY A 17 -13.65 -4.66 -8.07
N LEU A 18 -14.91 -4.32 -7.84
CA LEU A 18 -15.81 -5.20 -7.12
C LEU A 18 -15.58 -6.66 -7.51
N GLY A 19 -15.12 -7.46 -6.56
CA GLY A 19 -14.86 -8.87 -6.82
C GLY A 19 -14.36 -9.10 -8.23
N GLY A 20 -13.33 -8.38 -8.63
CA GLY A 20 -12.78 -8.53 -9.95
C GLY A 20 -11.27 -8.33 -9.99
N THR A 21 -10.84 -7.20 -10.56
CA THR A 21 -9.41 -6.90 -10.65
C THR A 21 -8.66 -7.40 -9.42
N LYS A 22 -7.39 -7.74 -9.62
CA LYS A 22 -6.56 -8.23 -8.52
C LYS A 22 -5.96 -7.07 -7.73
N TYR A 23 -6.63 -5.93 -7.76
CA TYR A 23 -6.17 -4.75 -7.04
C TYR A 23 -5.90 -5.06 -5.59
N ILE A 24 -5.04 -4.26 -4.96
CA ILE A 24 -4.70 -4.46 -3.55
C ILE A 24 -5.69 -3.73 -2.64
N SER A 25 -6.23 -4.48 -1.67
CA SER A 25 -7.18 -3.91 -0.73
C SER A 25 -6.71 -4.09 0.70
N PHE A 26 -6.63 -2.98 1.44
CA PHE A 26 -6.19 -3.02 2.83
C PHE A 26 -7.30 -2.57 3.77
N GLU A 27 -7.06 -2.67 5.07
CA GLU A 27 -8.03 -2.28 6.07
C GLU A 27 -8.85 -1.09 5.59
N GLU A 28 -8.16 -0.02 5.19
CA GLU A 28 -8.83 1.19 4.72
C GLU A 28 -8.23 1.65 3.39
N ARG A 29 -6.90 1.64 3.31
CA ARG A 29 -6.20 2.05 2.10
C ARG A 29 -6.21 0.93 1.05
N GLN A 30 -5.90 1.30 -0.19
CA GLN A 30 -5.88 0.32 -1.27
C GLN A 30 -4.88 0.75 -2.35
N TRP A 31 -4.62 -0.15 -3.29
CA TRP A 31 -3.69 0.13 -4.39
C TRP A 31 -3.92 -0.83 -5.55
N HIS A 32 -3.13 -0.65 -6.61
CA HIS A 32 -3.24 -1.51 -7.79
C HIS A 32 -2.12 -2.55 -7.81
N ASN A 33 -2.35 -3.62 -8.56
CA ASN A 33 -1.36 -4.69 -8.67
C ASN A 33 0.00 -4.14 -9.06
N ASP A 34 0.01 -2.94 -9.64
CA ASP A 34 1.25 -2.31 -10.06
C ASP A 34 1.59 -1.13 -9.15
N CYS A 35 0.64 -0.22 -8.98
CA CYS A 35 0.84 0.96 -8.13
C CYS A 35 1.33 0.55 -6.75
N PHE A 36 0.78 -0.54 -6.23
CA PHE A 36 1.16 -1.04 -4.91
C PHE A 36 2.66 -1.30 -4.85
N ASN A 37 3.39 -0.42 -4.18
CA ASN A 37 4.83 -0.55 -4.04
C ASN A 37 5.34 0.18 -2.80
N CYS A 38 6.43 -0.31 -2.23
CA CYS A 38 7.01 0.30 -1.03
C CYS A 38 7.07 1.82 -1.18
N LYS A 39 7.32 2.51 -0.07
CA LYS A 39 7.42 3.97 -0.07
C LYS A 39 8.86 4.41 0.09
N LYS A 40 9.76 3.46 0.32
CA LYS A 40 11.18 3.76 0.48
C LYS A 40 11.99 3.23 -0.69
N CYS A 41 11.66 2.02 -1.13
CA CYS A 41 12.37 1.39 -2.25
C CYS A 41 11.40 1.09 -3.39
N SER A 42 10.12 1.41 -3.18
CA SER A 42 9.10 1.17 -4.20
C SER A 42 9.23 -0.24 -4.77
N LEU A 43 9.46 -1.21 -3.90
CA LEU A 43 9.60 -2.60 -4.31
C LEU A 43 8.24 -3.26 -4.47
N SER A 44 8.17 -4.27 -5.33
CA SER A 44 6.92 -4.98 -5.58
C SER A 44 6.35 -5.55 -4.28
N LEU A 45 5.25 -4.97 -3.81
CA LEU A 45 4.61 -5.42 -2.59
C LEU A 45 3.41 -6.33 -2.89
N VAL A 46 2.89 -6.21 -4.10
CA VAL A 46 1.75 -7.02 -4.52
C VAL A 46 2.06 -8.51 -4.40
N GLY A 47 1.43 -9.15 -3.41
CA GLY A 47 1.66 -10.57 -3.19
C GLY A 47 2.71 -10.84 -2.13
N ARG A 48 3.00 -9.84 -1.32
CA ARG A 48 3.99 -9.97 -0.26
C ARG A 48 3.41 -9.55 1.09
N GLY A 49 4.25 -9.58 2.12
CA GLY A 49 3.81 -9.20 3.45
C GLY A 49 4.18 -7.78 3.80
N PHE A 50 3.75 -6.83 2.97
CA PHE A 50 4.04 -5.42 3.20
C PHE A 50 3.59 -4.99 4.59
N LEU A 51 4.25 -3.98 5.14
CA LEU A 51 3.91 -3.47 6.46
C LEU A 51 3.08 -2.19 6.36
N THR A 52 2.79 -1.59 7.50
CA THR A 52 2.00 -0.36 7.55
C THR A 52 2.71 0.71 8.36
N GLU A 53 3.20 1.75 7.68
CA GLU A 53 3.89 2.84 8.36
C GLU A 53 2.90 3.90 8.85
N ARG A 54 3.38 4.78 9.71
CA ARG A 54 2.54 5.84 10.27
C ARG A 54 1.51 6.30 9.23
N ASP A 55 1.98 7.05 8.23
CA ASP A 55 1.10 7.55 7.19
C ASP A 55 1.57 7.06 5.81
N ASP A 56 2.19 5.90 5.78
CA ASP A 56 2.69 5.32 4.53
C ASP A 56 2.92 3.83 4.67
N ILE A 57 3.18 3.17 3.54
CA ILE A 57 3.43 1.73 3.56
C ILE A 57 4.89 1.42 3.25
N LEU A 58 5.32 0.21 3.60
CA LEU A 58 6.69 -0.21 3.36
C LEU A 58 6.79 -1.73 3.24
N CYS A 59 7.94 -2.21 2.79
CA CYS A 59 8.16 -3.64 2.63
C CYS A 59 8.88 -4.22 3.85
N PRO A 60 8.73 -5.55 4.04
CA PRO A 60 9.36 -6.25 5.17
C PRO A 60 10.83 -5.89 5.33
N ASP A 61 11.48 -5.57 4.22
CA ASP A 61 12.90 -5.21 4.23
C ASP A 61 13.10 -3.85 4.90
N CYS A 62 12.39 -2.84 4.40
CA CYS A 62 12.48 -1.49 4.95
C CYS A 62 11.91 -1.43 6.36
N GLY A 63 10.74 -2.03 6.55
CA GLY A 63 10.11 -2.03 7.86
C GLY A 63 10.86 -2.86 8.87
N LYS A 64 11.52 -3.92 8.39
CA LYS A 64 12.28 -4.80 9.26
C LYS A 64 12.83 -4.04 10.45
N ASP A 65 13.58 -2.98 10.19
CA ASP A 65 14.16 -2.16 11.24
C ASP A 65 13.17 -1.96 12.39
N ILE A 66 11.95 -1.55 12.04
CA ILE A 66 10.91 -1.33 13.05
C ILE A 66 10.80 -2.51 13.99
N SER A 67 11.14 -2.29 15.26
CA SER A 67 11.07 -3.35 16.27
C SER A 67 9.85 -3.17 17.16
N GLY A 68 8.72 -2.81 16.54
CA GLY A 68 7.50 -2.61 17.30
C GLY A 68 7.65 -1.56 18.38
N PRO A 69 6.54 -1.23 19.05
CA PRO A 69 6.52 -0.23 20.12
C PRO A 69 7.26 -0.71 21.37
N SER A 70 7.78 -1.93 21.32
CA SER A 70 8.50 -2.50 22.45
C SER A 70 9.79 -1.74 22.72
N SER A 71 9.92 -1.19 23.93
CA SER A 71 11.11 -0.44 24.30
C SER A 71 12.31 -1.36 24.47
N GLY A 72 12.09 -2.49 25.13
CA GLY A 72 13.17 -3.44 25.35
C GLY A 72 13.45 -4.28 24.13
N GLY A 1 -19.04 17.66 -11.05
CA GLY A 1 -18.41 16.36 -11.09
C GLY A 1 -17.46 16.13 -9.95
N SER A 2 -17.52 14.95 -9.34
CA SER A 2 -16.66 14.61 -8.21
C SER A 2 -15.25 15.16 -8.43
N SER A 3 -14.55 15.42 -7.33
CA SER A 3 -13.19 15.95 -7.39
C SER A 3 -12.17 14.82 -7.50
N GLY A 4 -12.56 13.64 -7.02
CA GLY A 4 -11.67 12.50 -7.07
C GLY A 4 -12.24 11.29 -6.34
N SER A 5 -12.61 10.26 -7.11
CA SER A 5 -13.17 9.05 -6.54
C SER A 5 -12.13 8.30 -5.72
N SER A 6 -12.47 7.99 -4.47
CA SER A 6 -11.57 7.28 -3.57
C SER A 6 -11.29 5.87 -4.09
N GLY A 7 -10.13 5.34 -3.75
CA GLY A 7 -9.77 4.00 -4.19
C GLY A 7 -8.30 3.70 -3.96
N CYS A 8 -7.52 3.71 -5.04
CA CYS A 8 -6.10 3.43 -4.96
C CYS A 8 -5.33 4.63 -4.40
N ALA A 9 -5.02 4.57 -3.11
CA ALA A 9 -4.29 5.65 -2.45
C ALA A 9 -3.02 5.99 -3.20
N GLY A 10 -2.49 5.02 -3.94
CA GLY A 10 -1.28 5.23 -4.70
C GLY A 10 -1.40 6.38 -5.69
N CYS A 11 -2.01 6.09 -6.84
CA CYS A 11 -2.19 7.10 -7.88
C CYS A 11 -3.48 7.88 -7.65
N THR A 12 -3.90 7.97 -6.39
CA THR A 12 -5.12 8.70 -6.05
C THR A 12 -6.17 8.56 -7.13
N ASN A 13 -6.48 7.32 -7.49
CA ASN A 13 -7.47 7.05 -8.53
C ASN A 13 -8.42 5.93 -8.10
N PRO A 14 -9.65 5.94 -8.65
CA PRO A 14 -10.66 4.94 -8.35
C PRO A 14 -10.31 3.56 -8.92
N ILE A 15 -10.84 2.51 -8.30
CA ILE A 15 -10.59 1.16 -8.75
C ILE A 15 -11.89 0.43 -9.09
N SER A 16 -11.77 -0.67 -9.82
CA SER A 16 -12.94 -1.45 -10.22
C SER A 16 -14.00 -1.42 -9.13
N GLY A 17 -15.27 -1.37 -9.55
CA GLY A 17 -16.37 -1.34 -8.60
C GLY A 17 -16.09 -2.15 -7.36
N LEU A 18 -16.29 -3.46 -7.46
CA LEU A 18 -16.05 -4.36 -6.34
C LEU A 18 -15.05 -5.45 -6.71
N GLY A 19 -15.46 -6.33 -7.62
CA GLY A 19 -14.58 -7.41 -8.05
C GLY A 19 -14.19 -7.29 -9.51
N GLY A 20 -13.01 -7.80 -9.85
CA GLY A 20 -12.55 -7.74 -11.22
C GLY A 20 -11.04 -7.62 -11.32
N THR A 21 -10.54 -6.39 -11.21
CA THR A 21 -9.11 -6.14 -11.29
C THR A 21 -8.38 -6.73 -10.08
N LYS A 22 -7.17 -7.21 -10.31
CA LYS A 22 -6.37 -7.80 -9.25
C LYS A 22 -5.71 -6.72 -8.39
N TYR A 23 -6.45 -5.65 -8.14
CA TYR A 23 -5.95 -4.54 -7.34
C TYR A 23 -5.75 -4.96 -5.89
N ILE A 24 -5.03 -4.13 -5.13
CA ILE A 24 -4.77 -4.42 -3.73
C ILE A 24 -5.77 -3.70 -2.83
N SER A 25 -6.22 -4.40 -1.77
CA SER A 25 -7.18 -3.83 -0.84
C SER A 25 -6.73 -4.05 0.60
N PHE A 26 -6.79 -3.00 1.40
CA PHE A 26 -6.38 -3.08 2.80
C PHE A 26 -7.54 -2.72 3.72
N GLU A 27 -7.33 -2.87 5.03
CA GLU A 27 -8.36 -2.57 6.01
C GLU A 27 -9.25 -1.43 5.53
N GLU A 28 -8.63 -0.34 5.11
CA GLU A 28 -9.37 0.83 4.63
C GLU A 28 -8.78 1.35 3.32
N ARG A 29 -7.45 1.44 3.27
CA ARG A 29 -6.76 1.92 2.08
C ARG A 29 -6.65 0.82 1.03
N GLN A 30 -6.28 1.20 -0.18
CA GLN A 30 -6.14 0.25 -1.28
C GLN A 30 -5.06 0.69 -2.25
N TRP A 31 -4.78 -0.16 -3.23
CA TRP A 31 -3.76 0.15 -4.23
C TRP A 31 -3.95 -0.69 -5.49
N HIS A 32 -3.02 -0.57 -6.43
CA HIS A 32 -3.11 -1.32 -7.68
C HIS A 32 -2.00 -2.37 -7.76
N ASN A 33 -2.17 -3.34 -8.64
CA ASN A 33 -1.18 -4.40 -8.81
C ASN A 33 0.21 -3.82 -9.01
N ASP A 34 0.27 -2.62 -9.59
CA ASP A 34 1.55 -1.95 -9.83
C ASP A 34 1.80 -0.87 -8.78
N CYS A 35 0.86 0.05 -8.65
CA CYS A 35 0.98 1.13 -7.68
C CYS A 35 1.44 0.60 -6.32
N PHE A 36 0.89 -0.53 -5.92
CA PHE A 36 1.23 -1.15 -4.65
C PHE A 36 2.73 -1.43 -4.57
N ASN A 37 3.49 -0.45 -4.10
CA ASN A 37 4.94 -0.59 -3.99
C ASN A 37 5.46 0.16 -2.76
N CYS A 38 6.56 -0.34 -2.20
CA CYS A 38 7.16 0.29 -1.03
C CYS A 38 7.24 1.79 -1.19
N LYS A 39 7.56 2.49 -0.09
CA LYS A 39 7.68 3.94 -0.12
C LYS A 39 9.13 4.37 -0.02
N LYS A 40 10.00 3.44 0.36
CA LYS A 40 11.42 3.72 0.50
C LYS A 40 12.20 3.16 -0.69
N CYS A 41 11.90 1.93 -1.07
CA CYS A 41 12.57 1.28 -2.18
C CYS A 41 11.61 1.07 -3.35
N SER A 42 10.33 1.36 -3.11
CA SER A 42 9.32 1.20 -4.15
C SER A 42 9.37 -0.19 -4.76
N LEU A 43 9.56 -1.19 -3.91
CA LEU A 43 9.64 -2.58 -4.36
C LEU A 43 8.24 -3.19 -4.47
N SER A 44 8.08 -4.13 -5.40
CA SER A 44 6.80 -4.79 -5.60
C SER A 44 6.33 -5.47 -4.32
N LEU A 45 5.27 -4.94 -3.72
CA LEU A 45 4.72 -5.49 -2.49
C LEU A 45 3.59 -6.47 -2.79
N VAL A 46 2.85 -6.20 -3.85
CA VAL A 46 1.74 -7.06 -4.24
C VAL A 46 2.09 -8.53 -4.05
N GLY A 47 1.40 -9.17 -3.10
CA GLY A 47 1.66 -10.57 -2.82
C GLY A 47 2.79 -10.78 -1.83
N ARG A 48 2.94 -9.84 -0.90
CA ARG A 48 3.99 -9.92 0.10
C ARG A 48 3.48 -9.44 1.46
N GLY A 49 4.31 -9.60 2.48
CA GLY A 49 3.93 -9.18 3.82
C GLY A 49 4.25 -7.71 4.08
N PHE A 50 3.70 -6.82 3.25
CA PHE A 50 3.93 -5.40 3.40
C PHE A 50 3.46 -4.90 4.76
N LEU A 51 4.07 -3.83 5.24
CA LEU A 51 3.72 -3.25 6.53
C LEU A 51 2.82 -2.03 6.36
N THR A 52 2.50 -1.38 7.48
CA THR A 52 1.65 -0.19 7.45
C THR A 52 2.25 0.94 8.28
N GLU A 53 2.90 1.88 7.60
CA GLU A 53 3.52 3.02 8.27
C GLU A 53 2.48 4.07 8.64
N ARG A 54 2.89 5.04 9.44
CA ARG A 54 1.99 6.11 9.86
C ARG A 54 1.02 6.47 8.76
N ASP A 55 1.53 7.11 7.70
CA ASP A 55 0.70 7.51 6.57
C ASP A 55 1.28 6.96 5.26
N ASP A 56 2.01 5.86 5.36
CA ASP A 56 2.61 5.24 4.18
C ASP A 56 2.85 3.74 4.42
N ILE A 57 3.23 3.04 3.36
CA ILE A 57 3.49 1.61 3.45
C ILE A 57 4.95 1.30 3.19
N LEU A 58 5.40 0.14 3.66
CA LEU A 58 6.78 -0.28 3.48
C LEU A 58 6.89 -1.79 3.36
N CYS A 59 8.01 -2.27 2.85
CA CYS A 59 8.24 -3.70 2.69
C CYS A 59 9.02 -4.27 3.87
N PRO A 60 8.88 -5.58 4.10
CA PRO A 60 9.55 -6.28 5.19
C PRO A 60 11.04 -5.93 5.27
N ASP A 61 11.62 -5.59 4.12
CA ASP A 61 13.04 -5.24 4.06
C ASP A 61 13.28 -3.87 4.68
N CYS A 62 12.38 -2.93 4.40
CA CYS A 62 12.50 -1.57 4.94
C CYS A 62 11.93 -1.50 6.36
N GLY A 63 10.85 -2.22 6.60
CA GLY A 63 10.22 -2.21 7.90
C GLY A 63 11.09 -2.88 8.95
N LYS A 64 11.72 -3.99 8.59
CA LYS A 64 12.59 -4.71 9.51
C LYS A 64 13.68 -3.81 10.07
N ASP A 65 14.21 -2.94 9.22
CA ASP A 65 15.26 -2.02 9.63
C ASP A 65 14.81 -1.18 10.82
N ILE A 66 13.53 -0.81 10.84
CA ILE A 66 12.97 -0.01 11.92
C ILE A 66 13.08 -0.74 13.25
N SER A 67 13.83 -0.16 14.18
CA SER A 67 14.02 -0.76 15.50
C SER A 67 14.50 -2.20 15.37
N GLY A 68 15.49 -2.42 14.51
CA GLY A 68 16.03 -3.76 14.32
C GLY A 68 17.18 -4.07 15.25
N PRO A 69 18.35 -4.36 14.66
CA PRO A 69 19.55 -4.68 15.44
C PRO A 69 20.12 -3.47 16.16
N SER A 70 19.46 -2.32 16.00
CA SER A 70 19.90 -1.09 16.64
C SER A 70 19.22 -0.91 17.99
N SER A 71 19.96 -0.35 18.95
CA SER A 71 19.43 -0.13 20.29
C SER A 71 18.44 1.03 20.29
N GLY A 72 18.89 2.20 19.84
CA GLY A 72 18.03 3.37 19.81
C GLY A 72 17.33 3.60 21.12
N GLY A 1 -3.11 18.04 -10.31
CA GLY A 1 -4.07 17.38 -9.47
C GLY A 1 -5.50 17.53 -9.97
N SER A 2 -6.07 16.42 -10.46
CA SER A 2 -7.43 16.43 -10.98
C SER A 2 -8.43 16.10 -9.88
N SER A 3 -9.70 16.38 -10.15
CA SER A 3 -10.76 16.11 -9.18
C SER A 3 -11.53 14.85 -9.54
N GLY A 4 -11.06 13.71 -9.03
CA GLY A 4 -11.71 12.44 -9.30
C GLY A 4 -12.34 11.83 -8.08
N SER A 5 -12.02 10.57 -7.81
CA SER A 5 -12.57 9.85 -6.66
C SER A 5 -11.47 9.11 -5.91
N SER A 6 -11.81 8.57 -4.75
CA SER A 6 -10.86 7.83 -3.94
C SER A 6 -10.99 6.33 -4.17
N GLY A 7 -9.85 5.67 -4.35
CA GLY A 7 -9.86 4.24 -4.59
C GLY A 7 -8.50 3.60 -4.35
N CYS A 8 -7.52 3.97 -5.18
CA CYS A 8 -6.17 3.44 -5.05
C CYS A 8 -5.21 4.49 -4.51
N ALA A 9 -4.97 4.45 -3.21
CA ALA A 9 -4.07 5.40 -2.57
C ALA A 9 -2.85 5.67 -3.45
N GLY A 10 -2.50 4.71 -4.30
CA GLY A 10 -1.36 4.87 -5.17
C GLY A 10 -1.54 5.99 -6.16
N CYS A 11 -2.21 5.71 -7.28
CA CYS A 11 -2.44 6.71 -8.31
C CYS A 11 -3.68 7.55 -7.98
N THR A 12 -4.02 7.61 -6.70
CA THR A 12 -5.19 8.37 -6.26
C THR A 12 -6.31 8.32 -7.30
N ASN A 13 -6.59 7.12 -7.79
CA ASN A 13 -7.64 6.93 -8.79
C ASN A 13 -8.64 5.89 -8.34
N PRO A 14 -9.88 5.98 -8.85
CA PRO A 14 -10.96 5.05 -8.51
C PRO A 14 -10.72 3.66 -9.08
N ILE A 15 -10.68 2.66 -8.22
CA ILE A 15 -10.46 1.28 -8.64
C ILE A 15 -11.76 0.66 -9.14
N SER A 16 -11.63 -0.31 -10.05
CA SER A 16 -12.79 -0.99 -10.61
C SER A 16 -13.89 -1.14 -9.57
N GLY A 17 -15.09 -0.70 -9.91
CA GLY A 17 -16.21 -0.80 -9.00
C GLY A 17 -16.73 -2.21 -8.86
N LEU A 18 -17.51 -2.66 -9.83
CA LEU A 18 -18.08 -4.00 -9.81
C LEU A 18 -17.39 -4.89 -10.85
N GLY A 19 -16.30 -5.55 -10.43
CA GLY A 19 -15.57 -6.42 -11.34
C GLY A 19 -14.52 -7.24 -10.62
N GLY A 20 -13.93 -8.19 -11.34
CA GLY A 20 -12.91 -9.03 -10.75
C GLY A 20 -11.50 -8.63 -11.17
N THR A 21 -11.07 -7.46 -10.70
CA THR A 21 -9.74 -6.95 -11.02
C THR A 21 -8.70 -7.44 -10.02
N LYS A 22 -7.43 -7.42 -10.43
CA LYS A 22 -6.35 -7.86 -9.57
C LYS A 22 -5.67 -6.67 -8.90
N TYR A 23 -6.38 -6.04 -7.96
CA TYR A 23 -5.85 -4.89 -7.25
C TYR A 23 -5.52 -5.24 -5.80
N ILE A 24 -4.92 -4.29 -5.09
CA ILE A 24 -4.56 -4.51 -3.69
C ILE A 24 -5.54 -3.81 -2.76
N SER A 25 -6.00 -4.53 -1.74
CA SER A 25 -6.95 -3.98 -0.78
C SER A 25 -6.36 -4.00 0.63
N PHE A 26 -6.56 -2.91 1.36
CA PHE A 26 -6.05 -2.79 2.73
C PHE A 26 -7.18 -2.49 3.71
N GLU A 27 -6.86 -2.57 5.00
CA GLU A 27 -7.86 -2.31 6.04
C GLU A 27 -8.88 -1.29 5.56
N GLU A 28 -8.41 -0.11 5.16
CA GLU A 28 -9.28 0.95 4.69
C GLU A 28 -8.85 1.44 3.31
N ARG A 29 -7.55 1.63 3.13
CA ARG A 29 -7.01 2.09 1.86
C ARG A 29 -6.86 0.93 0.88
N GLN A 30 -6.42 1.24 -0.33
CA GLN A 30 -6.24 0.22 -1.37
C GLN A 30 -5.26 0.70 -2.43
N TRP A 31 -4.65 -0.23 -3.14
CA TRP A 31 -3.70 0.09 -4.19
C TRP A 31 -3.91 -0.79 -5.42
N HIS A 32 -3.04 -0.66 -6.40
CA HIS A 32 -3.13 -1.45 -7.63
C HIS A 32 -2.00 -2.47 -7.70
N ASN A 33 -2.17 -3.48 -8.56
CA ASN A 33 -1.17 -4.52 -8.71
C ASN A 33 0.19 -3.92 -9.03
N ASP A 34 0.19 -2.73 -9.62
CA ASP A 34 1.43 -2.06 -9.97
C ASP A 34 1.73 -0.92 -8.99
N CYS A 35 0.74 -0.05 -8.77
CA CYS A 35 0.91 1.08 -7.87
C CYS A 35 1.43 0.61 -6.51
N PHE A 36 0.88 -0.49 -6.01
CA PHE A 36 1.29 -1.03 -4.73
C PHE A 36 2.80 -1.24 -4.68
N ASN A 37 3.50 -0.31 -4.03
CA ASN A 37 4.95 -0.38 -3.92
C ASN A 37 5.43 0.33 -2.66
N CYS A 38 6.55 -0.14 -2.11
CA CYS A 38 7.11 0.45 -0.91
C CYS A 38 7.21 1.97 -1.03
N LYS A 39 7.41 2.64 0.10
CA LYS A 39 7.52 4.09 0.11
C LYS A 39 8.96 4.53 0.37
N LYS A 40 9.83 3.56 0.63
CA LYS A 40 11.23 3.84 0.89
C LYS A 40 12.10 3.42 -0.29
N CYS A 41 11.95 2.17 -0.71
CA CYS A 41 12.72 1.64 -1.84
C CYS A 41 11.85 1.55 -3.09
N SER A 42 10.53 1.63 -2.91
CA SER A 42 9.61 1.55 -4.02
C SER A 42 9.68 0.18 -4.70
N LEU A 43 9.63 -0.88 -3.89
CA LEU A 43 9.69 -2.24 -4.41
C LEU A 43 8.29 -2.84 -4.52
N SER A 44 8.12 -3.75 -5.46
CA SER A 44 6.83 -4.41 -5.67
C SER A 44 6.37 -5.11 -4.40
N LEU A 45 5.27 -4.62 -3.83
CA LEU A 45 4.72 -5.19 -2.61
C LEU A 45 3.61 -6.19 -2.93
N VAL A 46 2.90 -5.94 -4.04
CA VAL A 46 1.81 -6.82 -4.45
C VAL A 46 2.18 -8.29 -4.25
N GLY A 47 1.53 -8.93 -3.30
CA GLY A 47 1.80 -10.34 -3.03
C GLY A 47 2.92 -10.52 -2.02
N ARG A 48 3.06 -9.57 -1.11
CA ARG A 48 4.10 -9.63 -0.09
C ARG A 48 3.54 -9.25 1.28
N GLY A 49 4.39 -9.29 2.31
CA GLY A 49 3.96 -8.96 3.64
C GLY A 49 4.24 -7.51 3.99
N PHE A 50 3.88 -6.60 3.08
CA PHE A 50 4.09 -5.18 3.30
C PHE A 50 3.61 -4.77 4.68
N LEU A 51 4.23 -3.71 5.22
CA LEU A 51 3.87 -3.21 6.53
C LEU A 51 3.03 -1.94 6.43
N THR A 52 2.71 -1.35 7.57
CA THR A 52 1.91 -0.13 7.61
C THR A 52 2.58 0.95 8.44
N GLU A 53 3.16 1.95 7.77
CA GLU A 53 3.83 3.04 8.46
C GLU A 53 2.82 4.09 8.93
N ARG A 54 3.28 4.97 9.82
CA ARG A 54 2.43 6.03 10.35
C ARG A 54 1.41 6.49 9.31
N ASP A 55 1.90 7.17 8.28
CA ASP A 55 1.04 7.67 7.22
C ASP A 55 1.52 7.20 5.86
N ASP A 56 2.22 6.06 5.85
CA ASP A 56 2.74 5.50 4.61
C ASP A 56 2.96 3.99 4.76
N ILE A 57 3.23 3.32 3.63
CA ILE A 57 3.46 1.89 3.63
C ILE A 57 4.92 1.57 3.36
N LEU A 58 5.33 0.34 3.67
CA LEU A 58 6.70 -0.10 3.46
C LEU A 58 6.77 -1.61 3.26
N CYS A 59 7.94 -2.09 2.85
CA CYS A 59 8.14 -3.51 2.63
C CYS A 59 8.90 -4.15 3.79
N PRO A 60 8.74 -5.47 3.95
CA PRO A 60 9.41 -6.22 5.02
C PRO A 60 10.90 -5.91 5.12
N ASP A 61 11.52 -5.71 3.97
CA ASP A 61 12.95 -5.39 3.93
C ASP A 61 13.22 -4.04 4.59
N CYS A 62 12.32 -3.10 4.39
CA CYS A 62 12.46 -1.76 4.97
C CYS A 62 11.93 -1.73 6.40
N GLY A 63 10.67 -2.11 6.56
CA GLY A 63 10.06 -2.12 7.89
C GLY A 63 10.92 -2.84 8.91
N LYS A 64 11.46 -3.99 8.53
CA LYS A 64 12.30 -4.78 9.43
C LYS A 64 13.47 -3.95 9.95
N ASP A 65 13.73 -2.83 9.28
CA ASP A 65 14.82 -1.95 9.68
C ASP A 65 14.32 -0.85 10.61
N ILE A 66 13.22 -1.13 11.29
CA ILE A 66 12.64 -0.16 12.22
C ILE A 66 12.87 -0.58 13.67
N SER A 67 13.25 0.39 14.50
CA SER A 67 13.50 0.13 15.91
C SER A 67 12.58 -0.97 16.44
N GLY A 68 11.30 -0.88 16.08
CA GLY A 68 10.34 -1.87 16.53
C GLY A 68 8.92 -1.50 16.17
N PRO A 69 8.23 -2.38 15.44
CA PRO A 69 6.85 -2.16 15.01
C PRO A 69 5.87 -2.22 16.18
N SER A 70 4.64 -1.76 15.95
CA SER A 70 3.61 -1.76 16.98
C SER A 70 2.25 -2.12 16.39
N SER A 71 1.24 -2.21 17.25
CA SER A 71 -0.10 -2.55 16.81
C SER A 71 -1.14 -1.98 17.78
N GLY A 72 -1.99 -1.09 17.27
CA GLY A 72 -3.01 -0.48 18.11
C GLY A 72 -2.51 -0.15 19.50
N GLY A 1 -7.34 17.56 -12.19
CA GLY A 1 -8.45 17.36 -11.30
C GLY A 1 -9.52 16.46 -11.89
N SER A 2 -10.17 15.67 -11.03
CA SER A 2 -11.22 14.76 -11.47
C SER A 2 -12.28 14.58 -10.40
N SER A 3 -13.46 14.16 -10.80
CA SER A 3 -14.57 13.95 -9.87
C SER A 3 -14.84 12.46 -9.67
N GLY A 4 -15.56 12.13 -8.60
CA GLY A 4 -15.88 10.75 -8.31
C GLY A 4 -15.53 10.36 -6.89
N SER A 5 -14.76 9.29 -6.74
CA SER A 5 -14.37 8.81 -5.43
C SER A 5 -12.94 8.25 -5.46
N SER A 6 -12.20 8.49 -4.38
CA SER A 6 -10.83 8.02 -4.28
C SER A 6 -10.77 6.50 -4.23
N GLY A 7 -9.58 5.94 -4.40
CA GLY A 7 -9.41 4.51 -4.37
C GLY A 7 -7.97 4.09 -4.15
N CYS A 8 -7.27 3.81 -5.24
CA CYS A 8 -5.87 3.40 -5.17
C CYS A 8 -4.99 4.54 -4.65
N ALA A 9 -4.64 4.47 -3.37
CA ALA A 9 -3.81 5.49 -2.75
C ALA A 9 -2.58 5.80 -3.60
N GLY A 10 -2.16 4.81 -4.40
CA GLY A 10 -1.00 4.99 -5.25
C GLY A 10 -1.20 6.10 -6.27
N CYS A 11 -1.83 5.75 -7.39
CA CYS A 11 -2.08 6.73 -8.45
C CYS A 11 -3.39 7.47 -8.21
N THR A 12 -3.84 7.49 -6.95
CA THR A 12 -5.08 8.16 -6.60
C THR A 12 -6.13 7.98 -7.68
N ASN A 13 -6.35 6.74 -8.08
CA ASN A 13 -7.34 6.44 -9.11
C ASN A 13 -8.41 5.49 -8.58
N PRO A 14 -9.61 5.53 -9.19
CA PRO A 14 -10.73 4.68 -8.80
C PRO A 14 -10.50 3.21 -9.15
N ILE A 15 -10.80 2.33 -8.21
CA ILE A 15 -10.64 0.90 -8.42
C ILE A 15 -11.98 0.22 -8.63
N SER A 16 -12.95 0.55 -7.79
CA SER A 16 -14.28 -0.03 -7.88
C SER A 16 -14.65 -0.30 -9.34
N GLY A 17 -14.74 -1.59 -9.68
CA GLY A 17 -15.09 -1.96 -11.05
C GLY A 17 -16.28 -2.89 -11.10
N LEU A 18 -16.26 -3.83 -12.06
CA LEU A 18 -17.35 -4.78 -12.21
C LEU A 18 -16.82 -6.21 -12.28
N GLY A 19 -17.39 -7.09 -11.48
CA GLY A 19 -16.97 -8.48 -11.47
C GLY A 19 -15.56 -8.64 -10.94
N GLY A 20 -15.34 -8.23 -9.69
CA GLY A 20 -14.04 -8.35 -9.09
C GLY A 20 -12.96 -7.67 -9.92
N THR A 21 -11.75 -7.60 -9.37
CA THR A 21 -10.62 -6.97 -10.06
C THR A 21 -9.30 -7.35 -9.41
N LYS A 22 -8.22 -7.22 -10.17
CA LYS A 22 -6.89 -7.55 -9.67
C LYS A 22 -6.23 -6.33 -9.05
N TYR A 23 -6.71 -5.93 -7.88
CA TYR A 23 -6.17 -4.77 -7.18
C TYR A 23 -5.90 -5.11 -5.71
N ILE A 24 -5.14 -4.25 -5.05
CA ILE A 24 -4.80 -4.45 -3.65
C ILE A 24 -5.79 -3.74 -2.73
N SER A 25 -6.40 -4.50 -1.83
CA SER A 25 -7.38 -3.96 -0.89
C SER A 25 -6.94 -4.19 0.55
N PHE A 26 -6.79 -3.11 1.31
CA PHE A 26 -6.38 -3.20 2.70
C PHE A 26 -7.52 -2.78 3.63
N GLU A 27 -7.28 -2.90 4.93
CA GLU A 27 -8.29 -2.54 5.93
C GLU A 27 -9.09 -1.33 5.47
N GLU A 28 -8.39 -0.26 5.12
CA GLU A 28 -9.05 0.97 4.66
C GLU A 28 -8.41 1.48 3.36
N ARG A 29 -7.09 1.47 3.32
CA ARG A 29 -6.36 1.92 2.14
C ARG A 29 -6.42 0.88 1.03
N GLN A 30 -6.11 1.30 -0.19
CA GLN A 30 -6.13 0.41 -1.34
C GLN A 30 -5.10 0.84 -2.38
N TRP A 31 -4.70 -0.11 -3.24
CA TRP A 31 -3.72 0.17 -4.27
C TRP A 31 -3.94 -0.74 -5.48
N HIS A 32 -3.08 -0.59 -6.49
CA HIS A 32 -3.18 -1.40 -7.70
C HIS A 32 -2.08 -2.44 -7.75
N ASN A 33 -2.44 -3.66 -8.16
CA ASN A 33 -1.47 -4.74 -8.25
C ASN A 33 -0.09 -4.23 -8.66
N ASP A 34 -0.08 -3.17 -9.48
CA ASP A 34 1.16 -2.58 -9.94
C ASP A 34 1.59 -1.43 -9.02
N CYS A 35 0.72 -0.44 -8.88
CA CYS A 35 1.01 0.71 -8.04
C CYS A 35 1.55 0.27 -6.67
N PHE A 36 0.85 -0.67 -6.05
CA PHE A 36 1.26 -1.17 -4.74
C PHE A 36 2.77 -1.41 -4.70
N ASN A 37 3.49 -0.47 -4.07
CA ASN A 37 4.93 -0.57 -3.96
C ASN A 37 5.43 0.12 -2.70
N CYS A 38 6.57 -0.33 -2.19
CA CYS A 38 7.15 0.23 -0.98
C CYS A 38 7.19 1.76 -1.06
N LYS A 39 7.42 2.41 0.07
CA LYS A 39 7.49 3.86 0.12
C LYS A 39 8.94 4.33 0.27
N LYS A 40 9.86 3.38 0.36
CA LYS A 40 11.28 3.69 0.50
C LYS A 40 12.07 3.18 -0.69
N CYS A 41 11.77 1.95 -1.11
CA CYS A 41 12.46 1.34 -2.25
C CYS A 41 11.49 1.12 -3.41
N SER A 42 10.22 1.41 -3.18
CA SER A 42 9.20 1.24 -4.21
C SER A 42 9.19 -0.19 -4.72
N LEU A 43 9.56 -1.13 -3.87
CA LEU A 43 9.60 -2.54 -4.23
C LEU A 43 8.20 -3.11 -4.35
N SER A 44 8.05 -4.16 -5.15
CA SER A 44 6.75 -4.80 -5.35
C SER A 44 6.26 -5.43 -4.06
N LEU A 45 5.17 -4.89 -3.52
CA LEU A 45 4.58 -5.38 -2.28
C LEU A 45 3.45 -6.37 -2.58
N VAL A 46 2.76 -6.15 -3.69
CA VAL A 46 1.66 -7.03 -4.08
C VAL A 46 2.04 -8.49 -3.91
N GLY A 47 1.44 -9.14 -2.91
CA GLY A 47 1.72 -10.54 -2.66
C GLY A 47 2.84 -10.74 -1.66
N ARG A 48 2.94 -9.83 -0.70
CA ARG A 48 3.98 -9.90 0.32
C ARG A 48 3.46 -9.41 1.67
N GLY A 49 4.26 -9.58 2.72
CA GLY A 49 3.86 -9.15 4.04
C GLY A 49 4.08 -7.67 4.26
N PHE A 50 3.67 -6.86 3.30
CA PHE A 50 3.84 -5.41 3.38
C PHE A 50 3.40 -4.91 4.76
N LEU A 51 4.04 -3.83 5.21
CA LEU A 51 3.71 -3.25 6.50
C LEU A 51 2.79 -2.05 6.34
N THR A 52 2.50 -1.38 7.45
CA THR A 52 1.63 -0.21 7.43
C THR A 52 2.22 0.93 8.25
N GLU A 53 2.85 1.88 7.57
CA GLU A 53 3.46 3.03 8.24
C GLU A 53 2.41 4.09 8.55
N ARG A 54 2.78 5.03 9.42
CA ARG A 54 1.87 6.10 9.81
C ARG A 54 0.91 6.44 8.69
N ASP A 55 1.42 7.10 7.65
CA ASP A 55 0.60 7.47 6.50
C ASP A 55 1.19 6.93 5.21
N ASP A 56 1.91 5.81 5.32
CA ASP A 56 2.53 5.19 4.16
C ASP A 56 2.81 3.72 4.41
N ILE A 57 3.17 2.99 3.35
CA ILE A 57 3.46 1.58 3.46
C ILE A 57 4.95 1.30 3.26
N LEU A 58 5.39 0.11 3.68
CA LEU A 58 6.79 -0.27 3.54
C LEU A 58 6.93 -1.79 3.41
N CYS A 59 8.05 -2.23 2.87
CA CYS A 59 8.31 -3.65 2.68
C CYS A 59 9.07 -4.23 3.86
N PRO A 60 8.92 -5.54 4.08
CA PRO A 60 9.59 -6.25 5.18
C PRO A 60 11.07 -5.91 5.27
N ASP A 61 11.66 -5.59 4.13
CA ASP A 61 13.08 -5.25 4.07
C ASP A 61 13.33 -3.87 4.67
N CYS A 62 12.40 -2.95 4.43
CA CYS A 62 12.52 -1.59 4.94
C CYS A 62 11.95 -1.48 6.36
N GLY A 63 10.88 -2.24 6.62
CA GLY A 63 10.26 -2.22 7.93
C GLY A 63 11.12 -2.90 8.99
N LYS A 64 11.81 -3.96 8.59
CA LYS A 64 12.66 -4.70 9.51
C LYS A 64 13.50 -3.75 10.35
N ASP A 65 13.81 -2.59 9.79
CA ASP A 65 14.62 -1.59 10.49
C ASP A 65 13.99 -1.25 11.85
N ILE A 66 12.68 -1.09 11.86
CA ILE A 66 11.97 -0.76 13.09
C ILE A 66 12.30 -1.76 14.19
N SER A 67 13.01 -1.28 15.21
CA SER A 67 13.39 -2.13 16.34
C SER A 67 12.25 -2.26 17.34
N GLY A 68 11.04 -2.45 16.83
CA GLY A 68 9.88 -2.58 17.69
C GLY A 68 9.56 -1.29 18.44
N PRO A 69 8.27 -1.09 18.73
CA PRO A 69 7.81 0.11 19.44
C PRO A 69 8.23 0.11 20.90
N SER A 70 8.07 -1.02 21.58
CA SER A 70 8.44 -1.15 22.97
C SER A 70 9.91 -0.75 23.19
N SER A 71 10.24 -0.36 24.41
CA SER A 71 11.60 0.05 24.75
C SER A 71 12.62 -0.90 24.12
N GLY A 72 12.48 -2.18 24.41
CA GLY A 72 13.40 -3.18 23.88
C GLY A 72 14.84 -2.80 24.09
#